data_4GKX
#
_entry.id   4GKX
#
_cell.length_a   39.283
_cell.length_b   111.498
_cell.length_c   111.388
_cell.angle_alpha   60.09
_cell.angle_beta   89.21
_cell.angle_gamma   86.25
#
_symmetry.space_group_name_H-M   'P 1'
#
loop_
_entity.id
_entity.type
_entity.pdbx_description
1 polymer 'Protein ERGIC-53'
2 branched alpha-D-mannopyranose-(1-2)-alpha-D-mannopyranose
3 non-polymer 'CALCIUM ION'
4 non-polymer GLYCEROL
5 water water
#
_entity_poly.entity_id   1
_entity_poly.type   'polypeptide(L)'
_entity_poly.pdbx_seq_one_letter_code
;MGSSHHHHHHSSGLVPRGSHMDGVGGDPAVALPHRRFEYKYSFKGPHLVQSDGTVPFWAHAGNAIPSSDQIRVAPSLKSQ
RGSVWTKTKAAFENWEVEVTFRVTGRGRIGADGLAIWYAENQGLEGPVFGSADLWNGVGIFFDSFDNDGKKNNPAIVIIG
NNGQIHYDHQNDGASQALASCQRDFRNKPYPVRAKITYYQNTLTVMINNGFTPDKNDYEFCAKVENMIIPAQGHFGISAA
TGGLADDHDVLSFLTFQLTEP
;
_entity_poly.pdbx_strand_id   A,B,C,D,E,F
#
loop_
_chem_comp.id
_chem_comp.type
_chem_comp.name
_chem_comp.formula
CA non-polymer 'CALCIUM ION' 'Ca 2'
GOL non-polymer GLYCEROL 'C3 H8 O3'
MAN D-saccharide, alpha linking alpha-D-mannopyranose 'C6 H12 O6'
#
# COMPACT_ATOMS: atom_id res chain seq x y z
N LEU A 32 33.32 -3.60 -6.31
CA LEU A 32 32.31 -2.57 -6.08
C LEU A 32 32.12 -1.75 -7.33
N PRO A 33 30.90 -1.60 -7.80
CA PRO A 33 30.68 -0.76 -8.97
C PRO A 33 30.83 0.69 -8.58
N HIS A 34 31.18 1.54 -9.52
CA HIS A 34 31.40 2.94 -9.23
C HIS A 34 30.09 3.71 -9.25
N ARG A 35 29.83 4.49 -8.22
CA ARG A 35 28.57 5.20 -8.10
C ARG A 35 28.70 6.64 -8.48
N ARG A 36 27.96 7.04 -9.50
CA ARG A 36 27.94 8.42 -9.89
C ARG A 36 26.62 9.10 -9.42
N PHE A 37 26.71 10.17 -8.68
CA PHE A 37 25.52 10.87 -8.21
C PHE A 37 24.74 11.51 -9.33
N GLU A 38 23.44 11.38 -9.27
CA GLU A 38 22.59 12.04 -10.22
C GLU A 38 21.67 12.97 -9.48
N TYR A 39 22.04 14.23 -9.42
CA TYR A 39 21.25 15.22 -8.73
C TYR A 39 19.87 15.45 -9.33
N LYS A 40 19.70 15.17 -10.61
CA LYS A 40 18.44 15.56 -11.26
C LYS A 40 17.39 14.58 -10.91
N TYR A 41 17.77 13.59 -10.12
CA TYR A 41 16.89 12.56 -9.69
C TYR A 41 16.89 12.43 -8.20
N SER A 42 17.25 13.51 -7.52
CA SER A 42 17.51 13.49 -6.10
C SER A 42 16.87 14.66 -5.38
N PHE A 43 16.63 14.50 -4.09
CA PHE A 43 16.27 15.58 -3.19
C PHE A 43 16.79 15.41 -1.78
N LYS A 44 17.14 16.51 -1.14
CA LYS A 44 17.57 16.47 0.25
C LYS A 44 17.50 17.85 0.88
N GLY A 45 17.46 17.94 2.20
CA GLY A 45 17.49 19.22 2.90
C GLY A 45 18.91 19.73 2.91
N PRO A 46 19.22 20.92 3.44
CA PRO A 46 18.38 21.67 4.35
C PRO A 46 17.36 22.62 3.72
N HIS A 47 17.35 22.74 2.41
CA HIS A 47 16.33 23.51 1.75
C HIS A 47 15.71 22.66 0.67
N LEU A 48 14.92 21.67 1.07
CA LEU A 48 14.20 20.87 0.11
C LEU A 48 13.08 21.54 -0.65
N VAL A 49 12.17 22.18 0.02
CA VAL A 49 11.11 22.90 -0.69
C VAL A 49 11.55 24.26 -1.12
N GLN A 50 11.29 24.60 -2.37
CA GLN A 50 11.48 25.93 -2.90
C GLN A 50 10.29 26.80 -2.58
N SER A 51 10.49 28.11 -2.70
CA SER A 51 9.49 29.10 -2.31
C SER A 51 8.21 28.89 -3.06
N ASP A 52 8.30 28.37 -4.29
CA ASP A 52 7.13 28.04 -5.10
C ASP A 52 6.38 26.89 -4.47
N GLY A 53 7.02 26.25 -3.52
CA GLY A 53 6.50 25.06 -2.89
C GLY A 53 6.94 23.80 -3.58
N THR A 54 7.64 23.92 -4.69
CA THR A 54 8.14 22.80 -5.43
C THR A 54 9.41 22.26 -4.87
N VAL A 55 9.70 21.02 -5.21
CA VAL A 55 10.99 20.45 -4.96
C VAL A 55 11.50 20.20 -6.32
N PRO A 56 12.68 20.69 -6.60
CA PRO A 56 13.26 20.68 -7.92
C PRO A 56 13.45 19.30 -8.46
N PHE A 57 13.03 19.08 -9.69
CA PHE A 57 13.19 17.82 -10.37
C PHE A 57 12.16 16.79 -9.99
N TRP A 58 11.28 17.11 -9.06
CA TRP A 58 10.30 16.15 -8.57
C TRP A 58 8.88 16.73 -8.55
N ALA A 59 7.85 15.89 -8.68
CA ALA A 59 6.47 16.32 -8.62
C ALA A 59 5.72 15.73 -7.43
N HIS A 60 5.06 16.56 -6.64
CA HIS A 60 4.28 16.08 -5.48
C HIS A 60 2.77 16.13 -5.67
N ALA A 61 2.09 15.12 -5.18
CA ALA A 61 0.69 14.90 -5.47
C ALA A 61 -0.08 14.45 -4.24
N GLY A 62 -1.39 14.58 -4.25
CA GLY A 62 -2.20 14.22 -3.11
C GLY A 62 -1.92 14.95 -1.82
N ASN A 63 -1.74 14.18 -0.77
CA ASN A 63 -1.61 14.72 0.53
C ASN A 63 -0.18 14.86 0.94
N ALA A 64 0.72 14.77 -0.03
CA ALA A 64 2.11 15.00 0.25
C ALA A 64 2.41 16.45 0.61
N ILE A 65 3.21 16.63 1.65
CA ILE A 65 3.59 17.96 2.10
C ILE A 65 5.11 18.14 2.08
N PRO A 66 5.61 19.10 1.33
CA PRO A 66 7.05 19.34 1.25
C PRO A 66 7.50 20.44 2.21
N SER A 67 8.53 20.16 3.01
CA SER A 67 9.03 21.15 3.93
C SER A 67 10.47 21.34 3.58
N SER A 68 11.20 22.14 4.33
CA SER A 68 12.62 22.30 4.12
C SER A 68 13.48 21.08 4.45
N ASP A 69 13.22 20.41 5.56
CA ASP A 69 14.02 19.27 5.96
C ASP A 69 13.55 17.90 5.35
N GLN A 70 12.26 17.80 4.95
CA GLN A 70 11.67 16.55 4.53
C GLN A 70 10.39 16.71 3.71
N ILE A 71 9.89 15.61 3.23
CA ILE A 71 8.60 15.63 2.69
C ILE A 71 7.81 14.78 3.61
N ARG A 72 6.63 15.25 4.03
CA ARG A 72 5.70 14.39 4.76
C ARG A 72 4.70 13.82 3.82
N VAL A 73 5.01 12.66 3.29
CA VAL A 73 4.30 12.05 2.21
C VAL A 73 2.89 11.66 2.55
N ALA A 74 2.70 11.19 3.77
CA ALA A 74 1.40 11.16 4.39
C ALA A 74 1.43 11.53 5.83
N PRO A 75 0.55 12.45 6.23
CA PRO A 75 0.38 12.78 7.65
C PRO A 75 -0.41 11.70 8.40
N SER A 76 -0.27 11.67 9.72
CA SER A 76 -0.96 10.69 10.56
C SER A 76 -2.43 11.03 10.74
N LEU A 77 -3.15 11.01 9.64
CA LEU A 77 -4.56 11.26 9.64
C LEU A 77 -5.21 10.11 8.95
N LYS A 78 -6.50 9.95 9.13
CA LYS A 78 -7.14 8.82 8.52
C LYS A 78 -7.22 9.06 7.03
N SER A 79 -7.13 7.97 6.27
CA SER A 79 -7.31 7.96 4.84
C SER A 79 -6.52 8.93 4.00
N GLN A 80 -5.21 8.82 4.03
CA GLN A 80 -4.34 9.73 3.31
C GLN A 80 -3.60 9.04 2.18
N ARG A 81 -3.36 9.72 1.08
CA ARG A 81 -2.49 9.20 0.05
C ARG A 81 -1.58 10.30 -0.44
N GLY A 82 -0.29 10.00 -0.58
CA GLY A 82 0.73 10.94 -1.03
C GLY A 82 1.71 10.38 -2.05
N SER A 83 2.39 11.20 -2.80
CA SER A 83 3.43 10.66 -3.65
C SER A 83 4.31 11.68 -4.31
N VAL A 84 5.59 11.39 -4.34
CA VAL A 84 6.60 12.18 -5.03
C VAL A 84 7.22 11.38 -6.21
N TRP A 85 7.27 11.96 -7.40
CA TRP A 85 7.92 11.29 -8.51
C TRP A 85 8.86 12.21 -9.21
N THR A 86 9.86 11.69 -9.89
CA THR A 86 10.76 12.51 -10.68
C THR A 86 10.01 13.01 -11.90
N LYS A 87 10.26 14.23 -12.33
CA LYS A 87 9.60 14.78 -13.51
C LYS A 87 9.94 14.07 -14.81
N THR A 88 11.18 13.67 -14.91
CA THR A 88 11.75 13.15 -16.14
C THR A 88 12.21 11.70 -15.99
N LYS A 89 12.14 10.91 -17.05
CA LYS A 89 12.58 9.51 -16.98
C LYS A 89 14.08 9.31 -16.91
N ALA A 90 14.52 8.20 -16.37
CA ALA A 90 15.92 7.89 -16.31
C ALA A 90 16.28 6.61 -17.03
N ALA A 91 17.38 6.63 -17.77
CA ALA A 91 17.81 5.44 -18.48
C ALA A 91 19.14 5.07 -17.93
N PHE A 92 19.12 4.34 -16.84
CA PHE A 92 20.31 3.79 -16.27
C PHE A 92 20.22 2.28 -16.35
N GLU A 93 21.23 1.65 -16.93
CA GLU A 93 21.34 0.20 -16.95
C GLU A 93 21.47 -0.38 -15.55
N ASN A 94 22.24 0.29 -14.72
CA ASN A 94 22.38 -0.04 -13.31
C ASN A 94 22.24 1.19 -12.42
N TRP A 95 21.57 1.09 -11.30
CA TRP A 95 21.48 2.23 -10.45
C TRP A 95 21.41 1.85 -9.00
N GLU A 96 21.66 2.81 -8.12
CA GLU A 96 21.41 2.63 -6.71
C GLU A 96 20.56 3.75 -6.22
N VAL A 97 19.63 3.50 -5.32
CA VAL A 97 18.91 4.60 -4.70
C VAL A 97 19.10 4.51 -3.22
N GLU A 98 19.42 5.63 -2.58
CA GLU A 98 19.49 5.69 -1.11
C GLU A 98 18.37 6.52 -0.52
N VAL A 99 17.50 5.86 0.24
CA VAL A 99 16.36 6.56 0.81
C VAL A 99 16.27 6.61 2.35
N THR A 100 16.25 7.82 2.90
CA THR A 100 16.24 8.04 4.34
C THR A 100 14.90 8.53 4.80
N PHE A 101 14.31 7.85 5.78
CA PHE A 101 12.92 8.04 6.17
C PHE A 101 12.56 7.79 7.64
N ARG A 102 11.34 8.13 8.00
CA ARG A 102 10.80 7.85 9.29
C ARG A 102 9.37 7.49 9.18
N VAL A 103 8.95 6.50 9.93
CA VAL A 103 7.55 6.25 10.06
C VAL A 103 7.24 6.37 11.54
N THR A 104 6.50 7.40 11.92
CA THR A 104 6.24 7.66 13.31
C THR A 104 4.80 7.55 13.71
N GLY A 105 4.55 6.79 14.76
CA GLY A 105 3.21 6.57 15.25
C GLY A 105 3.20 6.56 16.75
N ARG A 106 2.02 6.91 17.28
CA ARG A 106 1.73 6.99 18.69
C ARG A 106 1.92 5.62 19.35
N GLY A 107 1.53 4.60 18.60
CA GLY A 107 1.23 3.26 19.05
C GLY A 107 2.12 2.17 18.47
N ARG A 108 2.02 0.99 19.04
CA ARG A 108 2.82 -0.14 18.62
C ARG A 108 2.47 -0.49 17.21
N ILE A 109 1.26 -0.15 16.84
CA ILE A 109 0.73 -0.49 15.54
C ILE A 109 0.53 0.78 14.74
N GLY A 110 0.80 0.73 13.46
CA GLY A 110 0.72 1.92 12.62
C GLY A 110 0.30 1.49 11.25
N ALA A 111 -0.07 2.43 10.41
CA ALA A 111 -0.47 2.08 9.05
C ALA A 111 -0.35 3.23 8.09
N ASP A 112 -0.31 2.96 6.79
CA ASP A 112 -0.15 1.63 6.23
C ASP A 112 1.26 1.37 5.76
N GLY A 113 2.03 2.42 5.52
CA GLY A 113 3.39 2.14 5.12
C GLY A 113 3.89 3.05 4.04
N LEU A 114 4.98 2.62 3.41
CA LEU A 114 5.58 3.31 2.30
C LEU A 114 5.80 2.35 1.12
N ALA A 115 6.11 2.94 -0.02
CA ALA A 115 6.47 2.24 -1.24
C ALA A 115 7.49 3.08 -1.95
N ILE A 116 8.53 2.40 -2.42
CA ILE A 116 9.61 3.01 -3.17
C ILE A 116 9.54 2.43 -4.57
N TRP A 117 9.56 3.29 -5.58
CA TRP A 117 9.18 2.89 -6.92
C TRP A 117 10.22 3.12 -7.99
N TYR A 118 10.27 2.19 -8.94
CA TYR A 118 10.92 2.38 -10.23
C TYR A 118 10.00 1.78 -11.28
N ALA A 119 9.31 2.66 -11.99
CA ALA A 119 8.34 2.23 -12.98
C ALA A 119 8.47 3.01 -14.28
N GLU A 120 7.69 2.56 -15.25
CA GLU A 120 7.62 3.14 -16.60
C GLU A 120 6.93 4.49 -16.63
N ASN A 121 5.89 4.67 -15.82
CA ASN A 121 5.19 5.93 -15.77
C ASN A 121 4.98 6.36 -14.34
N GLN A 122 4.90 7.66 -14.12
CA GLN A 122 4.68 8.11 -12.77
C GLN A 122 3.31 7.60 -12.42
N GLY A 123 3.15 7.00 -11.26
CA GLY A 123 1.83 6.63 -10.83
C GLY A 123 1.36 7.51 -9.70
N LEU A 124 0.49 8.41 -10.04
CA LEU A 124 0.13 9.44 -9.10
C LEU A 124 -0.92 9.10 -8.03
N GLU A 125 -2.02 8.45 -8.42
CA GLU A 125 -3.00 7.94 -7.42
C GLU A 125 -3.36 6.44 -7.50
N GLY A 126 -3.30 5.73 -6.37
CA GLY A 126 -3.69 4.32 -6.29
C GLY A 126 -4.01 3.75 -4.90
N PRO A 127 -4.65 2.60 -4.85
CA PRO A 127 -4.85 1.86 -3.61
C PRO A 127 -3.52 1.41 -3.03
N VAL A 128 -2.51 1.29 -3.87
CA VAL A 128 -1.23 0.77 -3.45
C VAL A 128 -0.34 1.83 -2.75
N PHE A 129 -0.52 1.97 -1.46
CA PHE A 129 0.26 2.90 -0.68
C PHE A 129 0.15 4.25 -1.32
N GLY A 130 -1.02 4.57 -1.82
CA GLY A 130 -1.24 5.85 -2.45
C GLY A 130 -0.81 6.00 -3.88
N SER A 131 -0.26 4.95 -4.50
CA SER A 131 0.09 4.99 -5.91
C SER A 131 -0.70 3.97 -6.70
N ALA A 132 -0.84 4.20 -7.98
CA ALA A 132 -1.67 3.41 -8.84
C ALA A 132 -1.27 1.96 -8.96
N ASP A 133 -2.27 1.08 -8.99
CA ASP A 133 -2.12 -0.35 -9.21
C ASP A 133 -1.87 -0.71 -10.68
N LEU A 134 -1.38 -1.90 -10.91
CA LEU A 134 -0.98 -2.26 -12.24
C LEU A 134 0.16 -1.42 -12.85
N TRP A 135 1.28 -1.42 -12.17
CA TRP A 135 2.49 -0.71 -12.57
C TRP A 135 3.43 -1.52 -13.45
N ASN A 136 4.24 -0.86 -14.27
CA ASN A 136 5.31 -1.58 -14.92
C ASN A 136 6.63 -1.18 -14.33
N GLY A 137 7.12 -2.04 -13.45
CA GLY A 137 8.37 -1.85 -12.78
C GLY A 137 8.31 -2.60 -11.47
N VAL A 138 9.15 -2.19 -10.54
CA VAL A 138 9.21 -2.82 -9.25
C VAL A 138 8.89 -1.85 -8.09
N GLY A 139 8.09 -2.32 -7.15
CA GLY A 139 7.86 -1.57 -5.95
C GLY A 139 8.38 -2.24 -4.71
N ILE A 140 9.16 -1.52 -3.93
CA ILE A 140 9.59 -2.07 -2.69
C ILE A 140 8.75 -1.46 -1.61
N PHE A 141 7.91 -2.26 -0.98
CA PHE A 141 6.94 -1.77 -0.04
C PHE A 141 7.23 -2.03 1.39
N PHE A 142 7.40 -0.97 2.17
CA PHE A 142 7.52 -1.03 3.62
C PHE A 142 6.15 -0.98 4.29
N ASP A 143 5.58 -2.16 4.45
CA ASP A 143 4.23 -2.37 4.92
C ASP A 143 4.14 -2.46 6.45
N SER A 144 3.61 -1.43 7.07
CA SER A 144 3.38 -1.35 8.52
C SER A 144 2.30 -2.18 9.21
N PHE A 145 1.21 -2.44 8.49
CA PHE A 145 0.03 -3.02 9.06
C PHE A 145 -0.22 -4.42 8.60
N ASP A 146 -0.58 -5.24 9.54
CA ASP A 146 -0.78 -6.66 9.27
C ASP A 146 -2.20 -6.99 8.79
N ASN A 147 -2.50 -6.79 7.53
CA ASN A 147 -3.84 -7.08 7.08
C ASN A 147 -4.18 -8.54 7.19
N ASP A 148 -3.31 -9.41 6.69
CA ASP A 148 -3.67 -10.82 6.66
C ASP A 148 -3.56 -11.48 8.04
N GLY A 149 -3.16 -10.71 9.03
CA GLY A 149 -3.18 -11.17 10.40
C GLY A 149 -2.34 -12.40 10.61
N LYS A 150 -1.29 -12.50 9.85
CA LYS A 150 -0.27 -13.54 10.00
C LYS A 150 0.73 -13.24 11.08
N LYS A 151 0.62 -12.05 11.64
CA LYS A 151 1.60 -11.52 12.58
C LYS A 151 3.01 -11.42 12.05
N ASN A 152 3.13 -10.98 10.81
CA ASN A 152 4.39 -10.88 10.09
C ASN A 152 4.62 -9.43 9.62
N ASN A 153 4.40 -8.46 10.48
CA ASN A 153 4.55 -7.08 10.09
C ASN A 153 5.21 -6.38 11.28
N PRO A 154 5.99 -5.31 11.11
CA PRO A 154 6.27 -4.72 9.80
C PRO A 154 7.14 -5.53 8.85
N ALA A 155 6.92 -5.37 7.56
CA ALA A 155 7.66 -6.17 6.61
C ALA A 155 8.13 -5.35 5.44
N ILE A 156 9.20 -5.77 4.81
CA ILE A 156 9.66 -5.15 3.59
C ILE A 156 9.52 -6.12 2.43
N VAL A 157 8.78 -5.72 1.40
CA VAL A 157 8.38 -6.61 0.33
C VAL A 157 8.94 -6.15 -0.99
N ILE A 158 9.27 -7.07 -1.88
CA ILE A 158 9.66 -6.66 -3.22
C ILE A 158 8.72 -7.25 -4.18
N ILE A 159 8.08 -6.41 -4.96
CA ILE A 159 7.17 -6.92 -5.96
C ILE A 159 7.40 -6.34 -7.34
N GLY A 160 7.72 -7.24 -8.26
CA GLY A 160 7.76 -6.94 -9.67
C GLY A 160 6.43 -7.01 -10.39
N ASN A 161 6.26 -6.14 -11.39
CA ASN A 161 5.01 -6.10 -12.12
C ASN A 161 5.21 -5.65 -13.56
N ASN A 162 4.41 -6.21 -14.45
CA ASN A 162 4.50 -6.00 -15.88
C ASN A 162 3.36 -5.25 -16.47
N GLY A 163 2.51 -4.76 -15.57
CA GLY A 163 1.26 -4.08 -15.87
C GLY A 163 0.02 -4.92 -15.78
N GLN A 164 0.20 -6.16 -15.34
CA GLN A 164 -0.88 -7.14 -15.29
C GLN A 164 -1.38 -7.56 -13.92
N ILE A 165 -0.50 -7.47 -12.93
CA ILE A 165 -0.84 -7.82 -11.56
C ILE A 165 -1.74 -6.83 -10.90
N HIS A 166 -2.49 -7.30 -9.94
CA HIS A 166 -3.22 -6.39 -9.07
C HIS A 166 -2.71 -6.64 -7.64
N TYR A 167 -2.24 -5.63 -6.98
CA TYR A 167 -1.67 -5.88 -5.69
C TYR A 167 -2.80 -6.28 -4.78
N ASP A 168 -2.53 -7.22 -3.90
CA ASP A 168 -3.52 -7.59 -2.91
C ASP A 168 -3.21 -6.98 -1.58
N HIS A 169 -3.79 -5.85 -1.31
CA HIS A 169 -3.63 -5.23 -0.04
C HIS A 169 -4.00 -6.21 1.03
N GLN A 170 -5.24 -6.68 1.02
CA GLN A 170 -5.79 -7.38 2.17
C GLN A 170 -4.85 -8.44 2.64
N ASN A 171 -3.98 -8.87 1.75
CA ASN A 171 -3.03 -9.92 2.05
C ASN A 171 -1.60 -9.45 2.20
N ASP A 172 -1.39 -8.14 2.33
CA ASP A 172 -0.05 -7.55 2.31
C ASP A 172 0.72 -8.01 1.09
N GLY A 173 -0.01 -8.43 0.09
CA GLY A 173 0.60 -8.89 -1.12
C GLY A 173 1.50 -10.06 -0.87
N ALA A 174 1.18 -10.89 0.11
CA ALA A 174 2.09 -11.94 0.49
C ALA A 174 2.33 -12.92 -0.64
N SER A 175 1.32 -13.06 -1.47
CA SER A 175 1.38 -14.03 -2.52
C SER A 175 2.06 -13.56 -3.77
N GLN A 176 2.25 -12.25 -3.85
CA GLN A 176 2.85 -11.59 -4.97
C GLN A 176 4.28 -11.14 -4.77
N ALA A 177 4.84 -11.37 -3.61
CA ALA A 177 6.22 -11.02 -3.31
C ALA A 177 7.24 -11.86 -4.05
N LEU A 178 8.21 -11.21 -4.68
CA LEU A 178 9.41 -11.87 -5.16
C LEU A 178 10.28 -12.31 -4.00
N ALA A 179 10.31 -11.46 -2.99
CA ALA A 179 11.12 -11.65 -1.81
C ALA A 179 10.65 -10.70 -0.73
N SER A 180 11.11 -10.87 0.49
CA SER A 180 10.70 -9.99 1.56
C SER A 180 11.50 -10.28 2.78
N CYS A 181 11.39 -9.41 3.76
CA CYS A 181 12.06 -9.57 5.03
C CYS A 181 11.12 -9.02 6.08
N GLN A 182 11.36 -9.33 7.34
CA GLN A 182 10.66 -8.64 8.39
C GLN A 182 11.63 -7.68 9.03
N ARG A 183 11.15 -6.48 9.23
CA ARG A 183 11.92 -5.37 9.75
C ARG A 183 11.04 -4.32 10.39
N ASP A 184 11.36 -3.91 11.59
CA ASP A 184 10.57 -2.92 12.25
C ASP A 184 11.16 -1.55 12.00
N PHE A 185 10.55 -0.82 11.07
CA PHE A 185 11.02 0.49 10.67
C PHE A 185 10.32 1.64 11.34
N ARG A 186 9.36 1.32 12.18
CA ARG A 186 8.54 2.30 12.89
C ARG A 186 9.22 2.77 14.16
N ASN A 187 9.10 4.06 14.45
CA ASN A 187 9.51 4.61 15.73
C ASN A 187 10.94 4.34 16.13
N LYS A 188 11.88 4.54 15.23
CA LYS A 188 13.30 4.43 15.56
C LYS A 188 13.85 5.70 16.17
N PRO A 189 14.96 5.64 16.87
CA PRO A 189 15.56 6.86 17.41
C PRO A 189 16.29 7.65 16.35
N TYR A 190 16.69 7.00 15.27
CA TYR A 190 17.40 7.67 14.20
C TYR A 190 16.74 7.30 12.89
N PRO A 191 16.93 8.06 11.81
CA PRO A 191 16.22 7.76 10.57
C PRO A 191 16.59 6.43 9.94
N VAL A 192 15.63 5.76 9.37
CA VAL A 192 15.88 4.51 8.71
C VAL A 192 16.37 4.74 7.31
N ARG A 193 17.27 3.92 6.80
CA ARG A 193 17.67 4.15 5.43
C ARG A 193 17.58 2.88 4.69
N ALA A 194 17.19 2.98 3.44
CA ALA A 194 17.09 1.84 2.59
C ALA A 194 17.96 2.10 1.42
N LYS A 195 18.86 1.15 1.16
CA LYS A 195 19.70 1.19 0.00
C LYS A 195 19.19 0.13 -0.92
N ILE A 196 18.69 0.55 -2.07
CA ILE A 196 18.19 -0.38 -3.03
C ILE A 196 19.02 -0.31 -4.28
N THR A 197 19.55 -1.44 -4.71
CA THR A 197 20.47 -1.50 -5.81
C THR A 197 19.95 -2.42 -6.94
N TYR A 198 19.96 -1.91 -8.17
CA TYR A 198 19.81 -2.73 -9.35
C TYR A 198 21.13 -2.75 -10.04
N TYR A 199 21.82 -3.88 -9.95
CA TYR A 199 23.09 -4.10 -10.63
C TYR A 199 23.14 -5.46 -11.27
N GLN A 200 23.46 -5.55 -12.54
CA GLN A 200 23.57 -6.85 -13.18
C GLN A 200 22.31 -7.68 -13.00
N ASN A 201 21.15 -7.10 -13.20
CA ASN A 201 19.96 -7.88 -13.22
C ASN A 201 19.60 -8.35 -11.83
N THR A 202 20.32 -7.89 -10.83
CA THR A 202 19.96 -8.22 -9.47
C THR A 202 19.44 -7.04 -8.64
N LEU A 203 18.27 -7.19 -8.06
CA LEU A 203 17.78 -6.16 -7.19
C LEU A 203 17.94 -6.53 -5.71
N THR A 204 18.80 -5.77 -5.03
CA THR A 204 19.12 -5.95 -3.62
C THR A 204 18.56 -4.81 -2.73
N VAL A 205 18.20 -5.16 -1.50
CA VAL A 205 17.72 -4.18 -0.54
C VAL A 205 18.48 -4.30 0.78
N MET A 206 19.21 -3.26 1.13
CA MET A 206 19.92 -3.18 2.39
C MET A 206 19.23 -2.18 3.30
N ILE A 207 19.15 -2.47 4.58
CA ILE A 207 18.50 -1.57 5.52
C ILE A 207 19.36 -1.19 6.67
N ASN A 208 19.35 0.09 6.99
CA ASN A 208 19.91 0.57 8.22
C ASN A 208 18.72 0.77 9.09
N ASN A 209 18.74 0.20 10.28
CA ASN A 209 17.55 0.13 11.09
C ASN A 209 17.35 1.26 12.04
N GLY A 210 18.16 2.29 11.91
CA GLY A 210 17.97 3.44 12.75
C GLY A 210 18.29 3.27 14.23
N PHE A 211 18.91 2.17 14.63
CA PHE A 211 19.28 2.00 16.01
C PHE A 211 20.32 2.97 16.47
N THR A 212 21.21 3.32 15.56
CA THR A 212 22.38 4.09 15.93
C THR A 212 22.57 5.27 15.05
N PRO A 213 23.42 6.19 15.43
CA PRO A 213 23.72 7.35 14.60
C PRO A 213 24.60 7.02 13.41
N ASP A 214 25.18 5.83 13.39
CA ASP A 214 26.02 5.49 12.28
C ASP A 214 25.17 5.36 11.04
N LYS A 215 25.46 6.16 10.04
CA LYS A 215 24.71 6.11 8.79
C LYS A 215 24.86 4.83 8.00
N ASN A 216 26.05 4.28 8.04
CA ASN A 216 26.43 3.25 7.10
C ASN A 216 26.26 1.83 7.56
N ASP A 217 25.48 1.66 8.61
CA ASP A 217 25.21 0.40 9.24
C ASP A 217 24.04 -0.29 8.62
N TYR A 218 24.25 -0.90 7.47
CA TYR A 218 23.19 -1.60 6.76
C TYR A 218 23.25 -3.09 7.04
N GLU A 219 22.11 -3.75 6.97
CA GLU A 219 22.00 -5.19 7.12
C GLU A 219 21.23 -5.65 5.93
N PHE A 220 21.38 -6.90 5.53
CA PHE A 220 20.70 -7.39 4.32
C PHE A 220 19.22 -7.75 4.55
N CYS A 221 18.36 -7.22 3.71
CA CYS A 221 16.96 -7.52 3.82
C CYS A 221 16.48 -8.51 2.77
N ALA A 222 16.86 -8.32 1.52
CA ALA A 222 16.35 -9.17 0.45
C ALA A 222 16.91 -8.89 -0.95
N LYS A 223 16.81 -9.89 -1.84
CA LYS A 223 17.31 -9.78 -3.17
C LYS A 223 16.44 -10.53 -4.17
N VAL A 224 16.45 -10.07 -5.43
CA VAL A 224 15.89 -10.84 -6.52
C VAL A 224 16.92 -10.90 -7.61
N GLU A 225 17.05 -12.07 -8.22
CA GLU A 225 18.07 -12.34 -9.22
C GLU A 225 17.46 -12.45 -10.56
N ASN A 226 18.21 -12.08 -11.59
CA ASN A 226 17.76 -12.21 -12.96
C ASN A 226 16.47 -11.47 -13.26
N MET A 227 16.37 -10.26 -12.76
CA MET A 227 15.14 -9.51 -12.79
C MET A 227 15.15 -8.48 -13.92
N ILE A 228 14.08 -8.38 -14.70
CA ILE A 228 14.05 -7.43 -15.78
C ILE A 228 13.01 -6.38 -15.49
N ILE A 229 13.34 -5.12 -15.75
CA ILE A 229 12.47 -3.97 -15.50
C ILE A 229 12.61 -3.03 -16.67
N PRO A 230 11.89 -1.93 -16.74
CA PRO A 230 11.93 -1.11 -17.94
C PRO A 230 13.25 -0.41 -18.14
N ALA A 231 13.61 -0.17 -19.38
CA ALA A 231 14.86 0.48 -19.72
C ALA A 231 14.93 1.94 -19.30
N GLN A 232 13.80 2.64 -19.39
CA GLN A 232 13.63 4.00 -18.88
C GLN A 232 12.42 4.04 -17.95
N GLY A 233 12.52 4.81 -16.87
CA GLY A 233 11.48 4.86 -15.86
C GLY A 233 11.52 6.06 -14.94
N HIS A 234 10.50 6.20 -14.10
CA HIS A 234 10.47 7.23 -13.08
C HIS A 234 10.74 6.66 -11.71
N PHE A 235 11.58 7.30 -10.93
CA PHE A 235 11.81 6.91 -9.55
C PHE A 235 10.78 7.55 -8.65
N GLY A 236 9.95 6.75 -8.01
CA GLY A 236 8.88 7.25 -7.16
C GLY A 236 8.80 6.84 -5.70
N ILE A 237 8.23 7.69 -4.88
CA ILE A 237 7.96 7.39 -3.49
C ILE A 237 6.49 7.68 -3.16
N SER A 238 5.79 6.74 -2.50
CA SER A 238 4.40 6.94 -2.10
C SER A 238 4.12 6.54 -0.68
N ALA A 239 3.08 7.08 -0.06
CA ALA A 239 2.63 6.67 1.28
C ALA A 239 1.12 6.79 1.48
N ALA A 240 0.60 6.08 2.46
CA ALA A 240 -0.83 6.11 2.76
C ALA A 240 -1.25 5.77 4.19
N THR A 241 -2.47 6.12 4.54
CA THR A 241 -3.05 5.70 5.79
C THR A 241 -4.51 5.36 5.63
N GLY A 242 -4.99 4.45 6.46
CA GLY A 242 -6.36 4.03 6.42
C GLY A 242 -7.04 4.31 7.73
N GLY A 243 -7.37 3.28 8.48
CA GLY A 243 -8.06 3.47 9.74
C GLY A 243 -7.12 3.87 10.83
N LEU A 244 -5.87 3.48 10.67
CA LEU A 244 -4.85 3.90 11.59
C LEU A 244 -3.94 4.68 10.73
N ALA A 245 -3.06 5.44 11.33
CA ALA A 245 -2.19 6.28 10.56
C ALA A 245 -0.90 6.69 11.26
N ASP A 246 0.17 6.77 10.49
CA ASP A 246 1.43 7.26 10.98
C ASP A 246 1.87 8.40 10.12
N ASP A 247 2.87 9.16 10.51
CA ASP A 247 3.40 10.14 9.59
C ASP A 247 4.52 9.44 8.88
N HIS A 248 4.51 9.49 7.56
CA HIS A 248 5.58 8.91 6.79
C HIS A 248 6.37 10.00 6.14
N ASP A 249 7.60 10.19 6.57
CA ASP A 249 8.46 11.28 6.13
C ASP A 249 9.71 10.83 5.39
N VAL A 250 10.02 11.47 4.28
CA VAL A 250 11.23 11.15 3.61
C VAL A 250 12.20 12.29 3.69
N LEU A 251 13.31 12.08 4.40
CA LEU A 251 14.36 13.07 4.52
C LEU A 251 15.09 13.33 3.25
N SER A 252 15.53 12.28 2.59
CA SER A 252 16.29 12.38 1.35
C SER A 252 16.00 11.23 0.40
N PHE A 253 16.11 11.51 -0.90
CA PHE A 253 16.14 10.50 -1.92
C PHE A 253 17.35 10.78 -2.80
N LEU A 254 18.35 9.92 -2.79
CA LEU A 254 19.51 10.12 -3.61
C LEU A 254 19.68 9.01 -4.63
N THR A 255 19.90 9.37 -5.88
CA THR A 255 20.05 8.40 -6.93
C THR A 255 21.47 8.39 -7.52
N PHE A 256 21.97 7.20 -7.80
CA PHE A 256 23.28 7.02 -8.40
C PHE A 256 23.22 6.10 -9.63
N GLN A 257 23.88 6.44 -10.70
CA GLN A 257 24.06 5.47 -11.75
C GLN A 257 25.26 4.62 -11.39
N LEU A 258 25.18 3.33 -11.67
CA LEU A 258 26.27 2.44 -11.38
C LEU A 258 26.92 1.90 -12.63
N THR A 259 28.24 1.83 -12.64
CA THR A 259 28.97 1.30 -13.77
C THR A 259 29.84 0.16 -13.39
N GLU A 260 29.83 -0.94 -14.14
CA GLU A 260 30.80 -1.98 -13.83
C GLU A 260 32.16 -1.53 -14.27
N PRO A 261 33.11 -1.57 -13.35
CA PRO A 261 34.49 -1.16 -13.65
C PRO A 261 35.41 -2.36 -13.86
N LEU B 32 43.92 7.44 -6.11
CA LEU B 32 44.17 8.88 -5.98
C LEU B 32 44.14 9.60 -7.33
N PRO B 33 43.42 10.71 -7.40
CA PRO B 33 43.26 11.42 -8.67
C PRO B 33 44.51 12.21 -9.01
N HIS B 34 44.74 12.44 -10.30
CA HIS B 34 45.88 13.24 -10.73
C HIS B 34 45.65 14.75 -10.48
N ARG B 35 46.61 15.41 -9.84
CA ARG B 35 46.56 16.86 -9.65
C ARG B 35 47.33 17.55 -10.75
N ARG B 36 46.73 18.58 -11.32
CA ARG B 36 47.43 19.46 -12.19
C ARG B 36 47.38 20.87 -11.63
N PHE B 37 48.55 21.48 -11.49
CA PHE B 37 48.69 22.84 -10.95
C PHE B 37 48.19 23.93 -11.90
N GLU B 38 47.39 24.84 -11.36
CA GLU B 38 46.76 25.89 -12.16
C GLU B 38 47.25 27.24 -11.68
N TYR B 39 48.34 27.70 -12.27
CA TYR B 39 49.01 28.91 -11.79
C TYR B 39 48.17 30.17 -11.93
N LYS B 40 47.28 30.20 -12.93
CA LYS B 40 46.39 31.35 -13.15
C LYS B 40 45.29 31.48 -12.09
N TYR B 41 45.31 30.59 -11.11
CA TYR B 41 44.40 30.64 -9.98
C TYR B 41 45.15 30.52 -8.69
N SER B 42 46.39 30.94 -8.70
CA SER B 42 47.23 30.73 -7.53
C SER B 42 48.03 32.00 -7.19
N PHE B 43 48.56 32.03 -5.98
CA PHE B 43 49.56 33.03 -5.60
C PHE B 43 50.43 32.49 -4.49
N LYS B 44 51.68 32.93 -4.46
CA LYS B 44 52.61 32.57 -3.41
C LYS B 44 53.80 33.51 -3.45
N GLY B 45 54.61 33.54 -2.42
CA GLY B 45 55.86 34.26 -2.41
C GLY B 45 56.97 33.42 -3.00
N PRO B 46 58.20 33.93 -3.04
CA PRO B 46 58.72 35.11 -2.34
C PRO B 46 58.44 36.51 -2.93
N HIS B 47 57.86 36.62 -4.09
CA HIS B 47 57.48 37.93 -4.58
C HIS B 47 56.04 37.91 -4.97
N LEU B 48 55.20 37.95 -3.95
CA LEU B 48 53.76 37.87 -4.12
C LEU B 48 53.24 39.14 -4.79
N VAL B 49 53.42 40.28 -4.12
CA VAL B 49 52.92 41.52 -4.66
C VAL B 49 53.87 41.99 -5.74
N GLN B 50 53.32 42.63 -6.76
CA GLN B 50 54.12 43.23 -7.82
C GLN B 50 54.40 44.70 -7.49
N SER B 51 55.29 45.32 -8.25
CA SER B 51 55.69 46.71 -8.04
C SER B 51 54.51 47.70 -8.11
N ASP B 52 53.50 47.38 -8.91
CA ASP B 52 52.26 48.16 -8.94
C ASP B 52 51.28 47.83 -7.79
N GLY B 53 51.74 46.97 -6.87
CA GLY B 53 50.97 46.62 -5.70
C GLY B 53 49.87 45.61 -5.96
N THR B 54 49.94 44.94 -7.11
CA THR B 54 48.92 43.96 -7.48
C THR B 54 49.42 42.53 -7.44
N VAL B 55 48.51 41.61 -7.20
CA VAL B 55 48.84 40.20 -7.19
C VAL B 55 48.36 39.68 -8.50
N PRO B 56 49.26 39.09 -9.29
CA PRO B 56 48.90 38.47 -10.59
C PRO B 56 47.69 37.53 -10.51
N PHE B 57 46.71 37.77 -11.38
CA PHE B 57 45.52 36.92 -11.54
C PHE B 57 44.46 37.08 -10.46
N TRP B 58 44.78 37.89 -9.46
CA TRP B 58 43.93 38.05 -8.28
C TRP B 58 43.55 39.53 -8.02
N ALA B 59 42.37 39.76 -7.44
CA ALA B 59 41.95 41.11 -7.13
C ALA B 59 41.84 41.29 -5.62
N HIS B 60 42.48 42.33 -5.07
CA HIS B 60 42.32 42.63 -3.64
C HIS B 60 41.37 43.81 -3.34
N ALA B 61 40.66 43.73 -2.23
CA ALA B 61 39.61 44.70 -1.89
C ALA B 61 39.61 45.00 -0.39
N GLY B 62 38.94 46.05 -0.01
CA GLY B 62 38.88 46.41 1.38
C GLY B 62 40.21 46.65 2.01
N ASN B 63 40.36 46.15 3.22
CA ASN B 63 41.57 46.36 4.02
C ASN B 63 42.66 45.33 3.77
N ALA B 64 42.47 44.46 2.78
CA ALA B 64 43.50 43.50 2.42
C ALA B 64 44.80 44.19 1.97
N ILE B 65 45.91 43.75 2.53
CA ILE B 65 47.22 44.26 2.14
C ILE B 65 48.12 43.14 1.60
N PRO B 66 48.51 43.22 0.32
CA PRO B 66 49.53 42.32 -0.22
C PRO B 66 50.95 42.79 0.08
N SER B 67 51.81 41.91 0.59
CA SER B 67 53.25 42.17 0.57
C SER B 67 53.90 41.08 -0.24
N SER B 68 55.20 40.85 -0.04
CA SER B 68 55.89 39.90 -0.90
C SER B 68 55.83 38.48 -0.35
N ASP B 69 55.62 38.36 0.95
CA ASP B 69 55.61 37.06 1.62
C ASP B 69 54.19 36.51 1.78
N GLN B 70 53.21 37.41 1.73
CA GLN B 70 51.85 37.08 2.11
C GLN B 70 50.87 38.22 1.81
N ILE B 71 49.59 37.92 1.92
CA ILE B 71 48.59 38.97 1.94
C ILE B 71 48.03 39.03 3.36
N ARG B 72 48.17 40.17 4.02
CA ARG B 72 47.47 40.38 5.28
C ARG B 72 46.04 40.80 4.97
N VAL B 73 45.11 39.85 5.04
CA VAL B 73 43.79 40.05 4.50
C VAL B 73 42.98 40.95 5.43
N ALA B 74 43.17 40.78 6.71
CA ALA B 74 42.59 41.69 7.69
C ALA B 74 43.58 41.78 8.82
N PRO B 75 44.04 43.01 9.08
CA PRO B 75 44.98 43.33 10.16
C PRO B 75 44.28 43.34 11.52
N SER B 76 45.07 43.28 12.59
CA SER B 76 44.53 43.18 13.94
C SER B 76 44.04 44.53 14.45
N LEU B 77 43.19 45.16 13.67
CA LEU B 77 42.56 46.43 14.07
C LEU B 77 41.07 46.17 14.20
N LYS B 78 40.38 47.06 14.91
CA LYS B 78 38.94 46.94 15.08
C LYS B 78 38.23 47.15 13.75
N SER B 79 37.16 46.38 13.53
CA SER B 79 36.31 46.49 12.35
C SER B 79 37.04 46.53 11.00
N GLN B 80 37.67 45.41 10.62
CA GLN B 80 38.32 45.30 9.31
C GLN B 80 37.57 44.30 8.41
N ARG B 81 37.55 44.59 7.11
CA ARG B 81 37.11 43.62 6.10
C ARG B 81 38.15 43.56 4.96
N GLY B 82 38.49 42.35 4.54
CA GLY B 82 39.44 42.13 3.47
C GLY B 82 39.00 41.05 2.49
N SER B 83 39.41 41.18 1.24
CA SER B 83 39.04 40.20 0.23
C SER B 83 40.12 39.97 -0.82
N VAL B 84 40.25 38.72 -1.24
CA VAL B 84 41.06 38.37 -2.40
C VAL B 84 40.20 37.49 -3.30
N TRP B 85 40.16 37.79 -4.60
CA TRP B 85 39.40 36.93 -5.50
C TRP B 85 40.14 36.76 -6.82
N THR B 86 40.01 35.59 -7.43
CA THR B 86 40.59 35.37 -8.74
C THR B 86 39.89 36.31 -9.73
N LYS B 87 40.63 36.83 -10.71
CA LYS B 87 40.06 37.76 -11.67
C LYS B 87 39.07 37.07 -12.59
N THR B 88 39.42 35.86 -13.02
CA THR B 88 38.59 35.12 -13.98
C THR B 88 37.94 33.92 -13.32
N LYS B 89 36.92 33.37 -13.95
CA LYS B 89 36.26 32.17 -13.45
C LYS B 89 37.02 30.90 -13.84
N ALA B 90 36.78 29.83 -13.09
CA ALA B 90 37.36 28.54 -13.39
C ALA B 90 36.26 27.49 -13.65
N ALA B 91 36.43 26.68 -14.69
CA ALA B 91 35.50 25.59 -14.96
C ALA B 91 36.20 24.24 -14.74
N PHE B 92 36.33 23.86 -13.48
CA PHE B 92 36.93 22.58 -13.11
C PHE B 92 35.87 21.65 -12.54
N GLU B 93 35.66 20.47 -13.13
CA GLU B 93 34.72 19.47 -12.61
C GLU B 93 35.14 19.01 -11.25
N ASN B 94 36.43 18.89 -11.10
CA ASN B 94 37.03 18.52 -9.83
C ASN B 94 38.26 19.39 -9.55
N TRP B 95 38.47 19.76 -8.29
CA TRP B 95 39.60 20.61 -8.00
C TRP B 95 40.07 20.41 -6.59
N GLU B 96 41.27 20.88 -6.33
CA GLU B 96 41.81 20.85 -4.99
C GLU B 96 42.44 22.21 -4.72
N VAL B 97 42.20 22.78 -3.56
CA VAL B 97 42.85 24.01 -3.20
C VAL B 97 43.68 23.78 -1.97
N GLU B 98 44.87 24.36 -1.99
CA GLU B 98 45.81 24.25 -0.88
C GLU B 98 46.15 25.62 -0.28
N VAL B 99 45.63 25.93 0.90
CA VAL B 99 45.76 27.28 1.44
C VAL B 99 46.53 27.34 2.75
N THR B 100 47.63 28.09 2.73
CA THR B 100 48.53 28.20 3.88
C THR B 100 48.37 29.56 4.52
N PHE B 101 48.19 29.58 5.84
CA PHE B 101 47.82 30.80 6.55
C PHE B 101 48.21 30.89 8.05
N ARG B 102 48.06 32.08 8.62
CA ARG B 102 48.30 32.32 10.05
C ARG B 102 47.25 33.24 10.60
N VAL B 103 46.71 32.90 11.76
CA VAL B 103 45.78 33.78 12.44
C VAL B 103 46.43 34.09 13.77
N THR B 104 47.00 35.28 13.89
CA THR B 104 47.78 35.61 15.08
C THR B 104 47.10 36.68 15.94
N GLY B 105 46.99 36.39 17.22
CA GLY B 105 46.41 37.28 18.19
C GLY B 105 47.19 37.27 19.50
N ARG B 106 47.26 38.42 20.16
CA ARG B 106 47.95 38.55 21.43
C ARG B 106 47.33 37.73 22.55
N GLY B 107 46.04 37.44 22.46
CA GLY B 107 45.33 36.73 23.50
C GLY B 107 44.86 35.33 23.13
N ARG B 108 44.22 34.64 24.08
CA ARG B 108 43.67 33.31 23.84
C ARG B 108 42.26 33.38 23.27
N ILE B 109 41.85 34.59 22.92
CA ILE B 109 40.63 34.82 22.17
C ILE B 109 40.96 35.76 21.04
N GLY B 110 40.38 35.53 19.88
CA GLY B 110 40.61 36.39 18.74
C GLY B 110 39.38 36.43 17.87
N ALA B 111 39.33 37.40 16.99
CA ALA B 111 38.19 37.57 16.10
C ALA B 111 38.66 38.18 14.78
N ASP B 112 37.91 37.97 13.69
CA ASP B 112 36.73 37.10 13.67
C ASP B 112 36.94 35.79 12.91
N GLY B 113 38.01 35.73 12.11
CA GLY B 113 38.36 34.52 11.40
C GLY B 113 38.47 34.77 9.92
N LEU B 114 38.71 33.72 9.15
CA LEU B 114 38.82 33.80 7.71
C LEU B 114 37.93 32.82 6.99
N ALA B 115 37.60 33.13 5.75
CA ALA B 115 36.77 32.26 4.92
C ALA B 115 37.47 31.92 3.60
N ILE B 116 37.35 30.67 3.17
CA ILE B 116 37.85 30.30 1.87
C ILE B 116 36.63 29.99 0.98
N TRP B 117 36.60 30.50 -0.27
CA TRP B 117 35.41 30.56 -1.12
C TRP B 117 35.54 29.90 -2.48
N TYR B 118 34.45 29.29 -2.91
CA TYR B 118 34.24 28.91 -4.29
C TYR B 118 32.79 29.26 -4.64
N ALA B 119 32.71 30.24 -5.50
CA ALA B 119 31.38 30.86 -5.69
C ALA B 119 31.20 31.47 -7.08
N GLU B 120 29.93 31.56 -7.50
CA GLU B 120 29.58 31.98 -8.85
C GLU B 120 30.15 33.34 -9.22
N ASN B 121 30.11 34.28 -8.28
CA ASN B 121 30.65 35.63 -8.48
C ASN B 121 31.60 36.05 -7.38
N GLN B 122 32.54 36.93 -7.70
CA GLN B 122 33.32 37.62 -6.68
C GLN B 122 32.40 38.21 -5.61
N GLY B 123 32.53 37.70 -4.40
CA GLY B 123 31.96 38.31 -3.21
C GLY B 123 32.95 39.20 -2.49
N LEU B 124 33.38 40.22 -3.18
CA LEU B 124 34.40 41.13 -2.70
C LEU B 124 34.14 41.88 -1.37
N GLU B 125 32.88 42.15 -1.00
CA GLU B 125 32.65 42.79 0.29
C GLU B 125 31.33 42.45 0.90
N GLY B 126 31.25 42.53 2.21
CA GLY B 126 30.04 42.15 2.96
C GLY B 126 30.33 41.74 4.40
N PRO B 127 29.29 41.23 5.13
CA PRO B 127 29.38 40.87 6.57
C PRO B 127 29.71 39.39 6.90
N VAL B 128 29.95 38.56 5.89
CA VAL B 128 30.37 37.17 6.13
C VAL B 128 31.88 37.08 6.00
N PHE B 129 32.55 37.09 7.15
CA PHE B 129 34.00 37.22 7.24
C PHE B 129 34.61 38.22 6.24
N GLY B 130 33.89 39.31 6.01
CA GLY B 130 34.36 40.35 5.10
C GLY B 130 33.81 40.24 3.69
N SER B 131 33.00 39.22 3.43
CA SER B 131 32.49 39.04 2.09
C SER B 131 30.98 39.09 2.06
N ALA B 132 30.44 39.25 0.85
CA ALA B 132 29.00 39.33 0.64
C ALA B 132 28.21 38.10 1.10
N ASP B 133 27.06 38.36 1.71
CA ASP B 133 26.12 37.33 2.11
C ASP B 133 25.32 36.86 0.88
N LEU B 134 24.61 35.75 1.00
CA LEU B 134 23.76 35.25 -0.09
C LEU B 134 24.58 34.87 -1.35
N TRP B 135 25.55 33.98 -1.16
CA TRP B 135 26.45 33.58 -2.22
C TRP B 135 25.96 32.31 -2.93
N ASN B 136 26.45 32.08 -4.14
CA ASN B 136 26.14 30.85 -4.85
C ASN B 136 27.38 29.95 -4.96
N GLY B 137 27.52 29.07 -3.99
CA GLY B 137 28.66 28.15 -3.91
C GLY B 137 28.86 27.69 -2.47
N VAL B 138 30.10 27.41 -2.11
CA VAL B 138 30.38 26.98 -0.76
C VAL B 138 31.47 27.84 -0.11
N GLY B 139 31.26 28.14 1.17
CA GLY B 139 32.27 28.79 1.99
C GLY B 139 32.77 27.87 3.10
N ILE B 140 34.09 27.78 3.23
CA ILE B 140 34.66 27.07 4.35
C ILE B 140 35.17 28.13 5.31
N PHE B 141 34.55 28.18 6.49
CA PHE B 141 34.77 29.27 7.42
C PHE B 141 35.56 28.87 8.64
N PHE B 142 36.71 29.53 8.80
CA PHE B 142 37.57 29.34 9.93
C PHE B 142 37.23 30.40 10.97
N ASP B 143 36.26 30.08 11.81
CA ASP B 143 35.62 30.99 12.76
C ASP B 143 36.31 30.99 14.14
N SER B 144 36.96 32.08 14.47
CA SER B 144 37.74 32.20 15.70
C SER B 144 36.93 32.52 16.97
N PHE B 145 35.90 33.35 16.83
CA PHE B 145 35.20 33.92 17.96
C PHE B 145 33.85 33.29 18.23
N ASP B 146 33.63 32.92 19.48
CA ASP B 146 32.44 32.19 19.91
C ASP B 146 31.21 33.08 20.13
N ASN B 147 30.52 33.44 19.05
CA ASN B 147 29.38 34.34 19.12
C ASN B 147 28.16 33.75 19.85
N ASP B 148 27.94 32.45 19.72
CA ASP B 148 26.78 31.84 20.36
C ASP B 148 27.12 31.34 21.76
N GLY B 149 28.37 31.52 22.17
CA GLY B 149 28.77 31.24 23.53
C GLY B 149 28.71 29.78 23.94
N LYS B 150 28.54 28.89 22.97
CA LYS B 150 28.47 27.46 23.24
C LYS B 150 29.84 26.83 23.47
N LYS B 151 30.86 27.67 23.65
CA LYS B 151 32.24 27.23 23.89
C LYS B 151 32.74 26.17 22.93
N ASN B 152 32.46 26.40 21.64
CA ASN B 152 32.80 25.49 20.56
C ASN B 152 33.63 26.21 19.49
N ASN B 153 34.56 27.06 19.94
CA ASN B 153 35.41 27.80 19.03
C ASN B 153 36.86 27.71 19.47
N PRO B 154 37.81 27.89 18.55
CA PRO B 154 37.65 28.07 17.10
C PRO B 154 37.19 26.80 16.36
N ALA B 155 36.38 26.97 15.31
CA ALA B 155 35.86 25.84 14.55
C ALA B 155 36.00 26.04 13.08
N ILE B 156 35.91 24.99 12.30
CA ILE B 156 35.92 25.10 10.87
C ILE B 156 34.65 24.56 10.33
N VAL B 157 33.93 25.38 9.60
CA VAL B 157 32.53 25.11 9.24
C VAL B 157 32.38 25.06 7.72
N ILE B 158 31.57 24.13 7.21
CA ILE B 158 31.30 24.07 5.78
C ILE B 158 29.87 24.44 5.46
N ILE B 159 29.71 25.48 4.66
CA ILE B 159 28.39 26.05 4.39
C ILE B 159 28.10 26.25 2.89
N GLY B 160 27.24 25.38 2.36
CA GLY B 160 26.76 25.52 1.01
C GLY B 160 25.64 26.52 0.94
N ASN B 161 25.51 27.18 -0.21
CA ASN B 161 24.48 28.19 -0.43
C ASN B 161 24.15 28.35 -1.91
N ASN B 162 22.87 28.60 -2.19
CA ASN B 162 22.39 28.68 -3.56
C ASN B 162 21.89 30.08 -3.92
N GLY B 163 22.19 31.05 -3.07
CA GLY B 163 21.77 32.43 -3.27
C GLY B 163 20.64 32.86 -2.34
N GLN B 164 20.21 31.96 -1.46
CA GLN B 164 18.98 32.14 -0.71
C GLN B 164 19.16 32.25 0.81
N ILE B 165 20.18 31.59 1.34
CA ILE B 165 20.44 31.58 2.78
C ILE B 165 21.11 32.88 3.24
N HIS B 166 20.80 33.34 4.44
CA HIS B 166 21.57 34.40 5.09
C HIS B 166 22.49 33.73 6.12
N TYR B 167 23.74 34.17 6.22
CA TYR B 167 24.64 33.60 7.20
C TYR B 167 24.35 34.20 8.57
N ASP B 168 24.12 33.33 9.56
CA ASP B 168 23.87 33.76 10.93
C ASP B 168 25.18 33.96 11.69
N HIS B 169 25.69 35.19 11.63
CA HIS B 169 26.93 35.53 12.31
C HIS B 169 26.87 35.42 13.85
N GLN B 170 25.72 35.74 14.41
CA GLN B 170 25.52 35.72 15.83
C GLN B 170 25.58 34.30 16.36
N ASN B 171 25.37 33.36 15.45
CA ASN B 171 25.25 31.95 15.73
C ASN B 171 26.37 31.13 15.18
N ASP B 172 27.45 31.77 14.84
CA ASP B 172 28.55 31.10 14.12
C ASP B 172 28.00 30.24 13.03
N GLY B 173 26.84 30.62 12.50
CA GLY B 173 26.10 29.82 11.54
C GLY B 173 25.95 28.36 11.91
N ALA B 174 25.84 28.07 13.21
CA ALA B 174 25.81 26.68 13.69
C ALA B 174 24.62 25.87 13.17
N SER B 175 23.58 26.56 12.71
CA SER B 175 22.38 25.89 12.21
C SER B 175 22.42 25.70 10.69
N GLN B 176 23.38 26.34 10.02
CA GLN B 176 23.46 26.27 8.57
C GLN B 176 24.62 25.41 8.07
N ALA B 177 25.40 24.89 9.01
CA ALA B 177 26.54 24.07 8.68
C ALA B 177 26.10 22.77 8.03
N LEU B 178 26.82 22.34 7.00
CA LEU B 178 26.59 21.03 6.43
C LEU B 178 27.51 20.07 7.16
N ALA B 179 28.59 20.61 7.69
CA ALA B 179 29.55 19.86 8.50
C ALA B 179 30.53 20.83 9.17
N SER B 180 31.25 20.38 10.19
CA SER B 180 32.07 21.27 10.96
C SER B 180 33.00 20.49 11.85
N CYS B 181 34.06 21.11 12.30
CA CYS B 181 34.97 20.48 13.19
C CYS B 181 35.50 21.48 14.16
N GLN B 182 36.11 21.05 15.24
CA GLN B 182 36.75 21.91 16.16
C GLN B 182 38.19 21.84 15.87
N ARG B 183 38.81 23.01 15.70
CA ARG B 183 40.25 23.10 15.54
C ARG B 183 40.69 24.41 16.14
N ASP B 184 41.93 24.45 16.62
CA ASP B 184 42.48 25.70 17.08
C ASP B 184 43.60 26.09 16.10
N PHE B 185 43.28 27.01 15.18
CA PHE B 185 44.20 27.42 14.12
C PHE B 185 44.94 28.72 14.47
N ARG B 186 44.62 29.27 15.65
CA ARG B 186 45.21 30.51 16.13
C ARG B 186 46.57 30.28 16.80
N ASN B 187 47.52 31.19 16.54
CA ASN B 187 48.78 31.23 17.25
C ASN B 187 49.52 29.91 17.26
N LYS B 188 49.79 29.37 16.07
CA LYS B 188 50.54 28.14 15.97
C LYS B 188 51.98 28.45 15.57
N PRO B 189 52.93 27.59 16.00
CA PRO B 189 54.35 27.88 15.73
C PRO B 189 54.70 27.81 14.25
N TYR B 190 53.92 27.02 13.49
CA TYR B 190 54.12 26.88 12.04
C TYR B 190 52.82 27.23 11.30
N PRO B 191 52.92 27.61 10.00
CA PRO B 191 51.70 27.97 9.27
C PRO B 191 50.64 26.84 9.18
N VAL B 192 49.38 27.21 9.41
CA VAL B 192 48.27 26.28 9.24
C VAL B 192 47.94 26.04 7.74
N ARG B 193 47.58 24.84 7.38
CA ARG B 193 47.27 24.60 6.01
C ARG B 193 45.98 23.90 5.89
N ALA B 194 45.17 24.35 4.93
CA ALA B 194 43.87 23.73 4.65
C ALA B 194 43.92 23.14 3.27
N LYS B 195 43.67 21.86 3.17
CA LYS B 195 43.56 21.20 1.87
C LYS B 195 42.06 20.91 1.63
N ILE B 196 41.49 21.57 0.64
CA ILE B 196 40.06 21.50 0.40
C ILE B 196 39.79 20.88 -0.97
N THR B 197 39.13 19.73 -0.98
CA THR B 197 39.03 18.98 -2.20
C THR B 197 37.58 18.80 -2.64
N TYR B 198 37.32 19.11 -3.89
CA TYR B 198 36.04 18.82 -4.49
C TYR B 198 36.26 17.76 -5.56
N TYR B 199 35.89 16.53 -5.24
CA TYR B 199 36.11 15.44 -6.15
C TYR B 199 34.92 14.47 -6.13
N GLN B 200 34.34 14.27 -7.29
CA GLN B 200 33.23 13.38 -7.42
C GLN B 200 32.13 13.75 -6.44
N ASN B 201 31.72 15.01 -6.50
CA ASN B 201 30.63 15.56 -5.71
C ASN B 201 30.81 15.47 -4.21
N THR B 202 32.02 15.12 -3.77
CA THR B 202 32.36 15.16 -2.35
C THR B 202 33.30 16.33 -2.00
N LEU B 203 32.91 17.11 -0.99
CA LEU B 203 33.75 18.20 -0.51
C LEU B 203 34.41 17.80 0.82
N THR B 204 35.73 17.65 0.78
CA THR B 204 36.56 17.25 1.93
C THR B 204 37.47 18.39 2.40
N VAL B 205 37.67 18.47 3.70
CA VAL B 205 38.59 19.44 4.29
C VAL B 205 39.62 18.74 5.19
N MET B 206 40.89 18.76 4.80
CA MET B 206 41.96 18.26 5.68
C MET B 206 42.72 19.44 6.23
N ILE B 207 43.22 19.31 7.46
CA ILE B 207 43.96 20.40 8.09
C ILE B 207 45.29 19.95 8.67
N ASN B 208 46.34 20.68 8.34
CA ASN B 208 47.63 20.58 9.01
C ASN B 208 47.65 21.66 10.08
N ASN B 209 47.65 21.27 11.34
CA ASN B 209 47.44 22.25 12.42
C ASN B 209 48.65 23.12 12.80
N GLY B 210 49.71 23.06 12.02
CA GLY B 210 50.91 23.83 12.29
C GLY B 210 51.62 23.54 13.60
N PHE B 211 51.53 22.30 14.10
CA PHE B 211 52.28 21.90 15.30
C PHE B 211 53.73 21.63 14.95
N THR B 212 53.96 21.21 13.72
CA THR B 212 55.26 20.70 13.29
C THR B 212 55.69 21.36 11.98
N PRO B 213 57.00 21.37 11.68
CA PRO B 213 57.48 21.89 10.39
C PRO B 213 57.17 20.97 9.19
N ASP B 214 56.64 19.77 9.46
CA ASP B 214 56.24 18.85 8.39
C ASP B 214 55.00 19.40 7.66
N LYS B 215 55.18 19.75 6.40
CA LYS B 215 54.11 20.38 5.63
C LYS B 215 52.95 19.44 5.24
N ASN B 216 53.19 18.14 5.20
CA ASN B 216 52.17 17.21 4.73
C ASN B 216 51.47 16.41 5.83
N ASP B 217 51.50 16.94 7.05
CA ASP B 217 50.85 16.32 8.19
C ASP B 217 49.40 16.81 8.37
N TYR B 218 48.51 16.39 7.48
CA TYR B 218 47.09 16.73 7.54
C TYR B 218 46.30 15.72 8.36
N GLU B 219 45.30 16.20 9.12
CA GLU B 219 44.32 15.34 9.78
C GLU B 219 42.97 15.69 9.18
N PHE B 220 42.00 14.80 9.32
CA PHE B 220 40.67 15.00 8.75
C PHE B 220 39.90 16.01 9.57
N CYS B 221 39.19 16.92 8.89
CA CYS B 221 38.26 17.82 9.55
C CYS B 221 36.78 17.56 9.19
N ALA B 222 36.45 17.58 7.94
CA ALA B 222 35.04 17.49 7.54
C ALA B 222 34.81 17.14 6.06
N LYS B 223 33.69 16.54 5.77
CA LYS B 223 33.37 16.25 4.42
C LYS B 223 31.88 16.41 4.19
N VAL B 224 31.50 16.69 2.95
CA VAL B 224 30.10 16.77 2.55
C VAL B 224 29.91 15.97 1.26
N GLU B 225 29.07 14.95 1.32
CA GLU B 225 28.87 14.08 0.16
C GLU B 225 27.73 14.56 -0.69
N ASN B 226 27.79 14.20 -1.98
CA ASN B 226 26.71 14.48 -2.92
C ASN B 226 26.36 15.96 -2.97
N MET B 227 27.40 16.78 -3.04
CA MET B 227 27.21 18.21 -3.02
C MET B 227 27.30 18.79 -4.44
N ILE B 228 26.39 19.72 -4.75
CA ILE B 228 26.39 20.39 -6.06
C ILE B 228 26.70 21.88 -5.91
N ILE B 229 27.64 22.36 -6.73
CA ILE B 229 28.12 23.73 -6.69
C ILE B 229 28.20 24.22 -8.15
N PRO B 230 28.34 25.53 -8.38
CA PRO B 230 28.29 25.99 -9.78
C PRO B 230 29.42 25.41 -10.63
N ALA B 231 29.21 25.37 -11.95
CA ALA B 231 30.14 24.68 -12.86
C ALA B 231 31.30 25.58 -13.23
N GLN B 232 31.07 26.89 -13.07
CA GLN B 232 32.13 27.89 -13.16
C GLN B 232 32.03 28.75 -11.93
N GLY B 233 33.14 29.31 -11.48
CA GLY B 233 33.11 30.17 -10.31
C GLY B 233 34.45 30.76 -9.98
N HIS B 234 34.44 31.71 -9.04
CA HIS B 234 35.66 32.36 -8.55
C HIS B 234 36.17 31.68 -7.27
N PHE B 235 37.47 31.44 -7.20
CA PHE B 235 38.08 31.03 -5.94
C PHE B 235 38.31 32.28 -5.13
N GLY B 236 38.01 32.23 -3.83
CA GLY B 236 38.15 33.41 -2.99
C GLY B 236 38.64 33.21 -1.56
N ILE B 237 39.11 34.30 -0.96
CA ILE B 237 39.64 34.29 0.41
C ILE B 237 39.29 35.63 1.09
N SER B 238 38.56 35.60 2.21
CA SER B 238 38.19 36.83 2.92
C SER B 238 38.39 36.72 4.44
N ALA B 239 38.54 37.88 5.09
CA ALA B 239 38.80 37.94 6.53
C ALA B 239 38.19 39.22 7.14
N ALA B 240 37.91 39.16 8.44
CA ALA B 240 37.28 40.29 9.15
C ALA B 240 37.53 40.35 10.67
N THR B 241 37.47 41.56 11.22
CA THR B 241 37.58 41.74 12.66
C THR B 241 36.41 42.62 13.13
N GLY B 242 36.04 42.47 14.40
CA GLY B 242 34.99 43.28 14.98
C GLY B 242 35.48 44.05 16.18
N GLY B 243 35.00 43.68 17.36
CA GLY B 243 35.44 44.26 18.62
C GLY B 243 36.79 43.71 19.06
N LEU B 244 37.07 42.46 18.67
CA LEU B 244 38.39 41.86 18.86
C LEU B 244 39.04 41.66 17.49
N ALA B 245 40.35 41.45 17.44
CA ALA B 245 41.02 41.45 16.16
C ALA B 245 42.32 40.67 16.12
N ASP B 246 42.40 39.74 15.19
CA ASP B 246 43.67 39.08 14.88
C ASP B 246 44.25 39.54 13.53
N ASP B 247 45.51 39.27 13.29
CA ASP B 247 46.01 39.40 11.93
C ASP B 247 45.65 38.12 11.20
N HIS B 248 45.04 38.24 10.03
CA HIS B 248 44.75 37.07 9.21
C HIS B 248 45.59 37.12 7.95
N ASP B 249 46.55 36.20 7.86
CA ASP B 249 47.55 36.21 6.79
C ASP B 249 47.43 34.98 5.91
N VAL B 250 47.41 35.18 4.60
CA VAL B 250 47.48 34.06 3.66
C VAL B 250 48.86 34.03 3.01
N LEU B 251 49.60 32.95 3.27
CA LEU B 251 50.95 32.74 2.75
C LEU B 251 50.91 32.37 1.26
N SER B 252 50.02 31.46 0.93
CA SER B 252 49.81 31.02 -0.45
C SER B 252 48.45 30.37 -0.67
N PHE B 253 47.99 30.48 -1.90
CA PHE B 253 46.76 29.86 -2.32
C PHE B 253 47.10 29.09 -3.61
N LEU B 254 47.09 27.76 -3.58
CA LEU B 254 47.45 26.99 -4.75
C LEU B 254 46.26 26.14 -5.24
N THR B 255 45.87 26.34 -6.49
CA THR B 255 44.76 25.62 -7.08
C THR B 255 45.19 24.45 -8.03
N PHE B 256 44.49 23.33 -7.97
CA PHE B 256 44.76 22.20 -8.83
C PHE B 256 43.47 21.70 -9.48
N GLN B 257 43.55 21.37 -10.76
CA GLN B 257 42.46 20.61 -11.38
C GLN B 257 42.71 19.13 -11.12
N LEU B 258 41.66 18.42 -10.70
CA LEU B 258 41.78 16.98 -10.50
C LEU B 258 41.12 16.23 -11.64
N THR B 259 41.72 15.11 -12.03
CA THR B 259 41.11 14.24 -13.04
C THR B 259 41.07 12.81 -12.54
N GLU B 260 40.01 12.10 -12.84
CA GLU B 260 39.90 10.72 -12.41
C GLU B 260 40.95 9.88 -13.10
N PRO B 261 41.42 8.84 -12.42
CA PRO B 261 42.44 7.95 -12.97
C PRO B 261 41.90 7.15 -14.16
N LEU C 32 36.83 -17.70 -12.56
CA LEU C 32 35.41 -17.86 -12.89
C LEU C 32 34.96 -16.84 -13.93
N PRO C 33 34.28 -17.31 -14.99
CA PRO C 33 33.86 -16.42 -16.06
C PRO C 33 32.67 -15.57 -15.65
N HIS C 34 32.54 -14.38 -16.24
CA HIS C 34 31.40 -13.51 -15.98
C HIS C 34 30.11 -14.01 -16.66
N ARG C 35 29.04 -14.19 -15.88
CA ARG C 35 27.72 -14.51 -16.41
C ARG C 35 26.92 -13.24 -16.74
N ARG C 36 26.35 -13.18 -17.92
CA ARG C 36 25.39 -12.14 -18.25
C ARG C 36 24.03 -12.78 -18.57
N PHE C 37 22.98 -12.36 -17.86
CA PHE C 37 21.63 -12.93 -18.04
C PHE C 37 20.99 -12.53 -19.38
N GLU C 38 20.41 -13.51 -20.07
CA GLU C 38 19.85 -13.31 -21.39
C GLU C 38 18.38 -13.63 -21.33
N TYR C 39 17.58 -12.62 -21.02
CA TYR C 39 16.15 -12.82 -20.79
C TYR C 39 15.40 -13.34 -22.02
N LYS C 40 15.82 -12.92 -23.21
CA LYS C 40 15.17 -13.36 -24.46
C LYS C 40 15.37 -14.84 -24.75
N TYR C 41 16.07 -15.54 -23.87
CA TYR C 41 16.26 -16.97 -23.97
C TYR C 41 15.92 -17.66 -22.67
N SER C 42 15.04 -17.03 -21.91
CA SER C 42 14.68 -17.56 -20.61
C SER C 42 13.17 -17.55 -20.37
N PHE C 43 12.75 -18.30 -19.37
CA PHE C 43 11.39 -18.20 -18.86
C PHE C 43 11.37 -18.62 -17.39
N LYS C 44 10.48 -18.01 -16.62
CA LYS C 44 10.26 -18.38 -15.22
C LYS C 44 8.93 -17.82 -14.79
N GLY C 45 8.48 -18.25 -13.61
CA GLY C 45 7.29 -17.77 -12.93
C GLY C 45 7.62 -16.53 -12.14
N PRO C 46 6.67 -15.88 -11.49
CA PRO C 46 5.30 -16.35 -11.21
C PRO C 46 4.23 -16.15 -12.31
N HIS C 47 4.58 -15.51 -13.41
CA HIS C 47 3.63 -15.43 -14.47
C HIS C 47 4.32 -15.87 -15.71
N LEU C 48 4.40 -17.19 -15.86
CA LEU C 48 5.08 -17.82 -16.98
C LEU C 48 4.24 -17.71 -18.26
N VAL C 49 3.05 -18.28 -18.23
CA VAL C 49 2.22 -18.25 -19.40
C VAL C 49 1.56 -16.87 -19.47
N GLN C 50 1.34 -16.38 -20.68
CA GLN C 50 0.61 -15.15 -20.89
C GLN C 50 -0.87 -15.45 -21.11
N SER C 51 -1.69 -14.41 -21.10
CA SER C 51 -3.14 -14.54 -21.27
C SER C 51 -3.55 -15.22 -22.60
N ASP C 52 -2.74 -15.05 -23.64
CA ASP C 52 -2.94 -15.76 -24.92
C ASP C 52 -2.40 -17.19 -24.88
N GLY C 53 -1.90 -17.61 -23.71
CA GLY C 53 -1.44 -18.98 -23.54
C GLY C 53 -0.03 -19.23 -24.03
N THR C 54 0.70 -18.17 -24.34
CA THR C 54 2.06 -18.29 -24.86
C THR C 54 3.13 -17.90 -23.84
N VAL C 55 4.29 -18.49 -24.01
CA VAL C 55 5.43 -18.11 -23.19
C VAL C 55 6.30 -17.19 -24.04
N PRO C 56 6.54 -15.97 -23.56
CA PRO C 56 7.43 -15.01 -24.24
C PRO C 56 8.79 -15.60 -24.68
N PHE C 57 9.10 -15.44 -25.96
CA PHE C 57 10.35 -15.84 -26.58
C PHE C 57 10.49 -17.33 -26.85
N TRP C 58 9.50 -18.10 -26.42
CA TRP C 58 9.53 -19.55 -26.50
C TRP C 58 8.33 -20.13 -27.27
N ALA C 59 8.53 -21.28 -27.93
CA ALA C 59 7.46 -21.95 -28.66
C ALA C 59 7.13 -23.29 -28.04
N HIS C 60 5.85 -23.53 -27.71
CA HIS C 60 5.47 -24.85 -27.18
C HIS C 60 4.75 -25.75 -28.20
N ALA C 61 5.01 -27.05 -28.12
CA ALA C 61 4.51 -28.00 -29.11
C ALA C 61 4.02 -29.29 -28.46
N GLY C 62 3.25 -30.08 -29.21
CA GLY C 62 2.75 -31.34 -28.71
C GLY C 62 1.91 -31.19 -27.46
N ASN C 63 2.20 -32.04 -26.46
CA ASN C 63 1.42 -32.12 -25.24
C ASN C 63 1.94 -31.22 -24.13
N ALA C 64 2.91 -30.38 -24.44
CA ALA C 64 3.39 -29.41 -23.46
C ALA C 64 2.29 -28.42 -23.04
N ILE C 65 2.13 -28.22 -21.73
CA ILE C 65 1.17 -27.28 -21.20
C ILE C 65 1.89 -26.23 -20.33
N PRO C 66 1.85 -24.96 -20.76
CA PRO C 66 2.33 -23.86 -19.90
C PRO C 66 1.28 -23.39 -18.90
N SER C 67 1.65 -23.29 -17.63
CA SER C 67 0.82 -22.53 -16.68
C SER C 67 1.65 -21.37 -16.15
N SER C 68 1.30 -20.82 -15.00
CA SER C 68 1.97 -19.61 -14.54
C SER C 68 3.19 -19.94 -13.69
N ASP C 69 3.21 -21.15 -13.14
CA ASP C 69 4.27 -21.56 -12.23
C ASP C 69 5.36 -22.38 -12.95
N GLN C 70 4.99 -22.92 -14.11
CA GLN C 70 5.78 -23.94 -14.76
C GLN C 70 5.20 -24.34 -16.12
N ILE C 71 5.98 -25.08 -16.90
CA ILE C 71 5.46 -25.77 -18.06
C ILE C 71 5.44 -27.27 -17.75
N ARG C 72 4.26 -27.89 -17.81
CA ARG C 72 4.20 -29.36 -17.73
C ARG C 72 4.43 -29.89 -19.13
N VAL C 73 5.67 -30.30 -19.38
CA VAL C 73 6.11 -30.60 -20.74
C VAL C 73 5.56 -31.93 -21.23
N ALA C 74 5.47 -32.90 -20.32
CA ALA C 74 4.70 -34.10 -20.60
C ALA C 74 4.03 -34.52 -19.30
N PRO C 75 2.70 -34.61 -19.34
CA PRO C 75 1.90 -35.07 -18.20
C PRO C 75 2.01 -36.61 -18.01
N SER C 76 1.57 -37.07 -16.84
CA SER C 76 1.68 -38.49 -16.48
C SER C 76 0.61 -39.35 -17.16
N LEU C 77 0.50 -39.22 -18.48
CA LEU C 77 -0.43 -40.02 -19.25
C LEU C 77 0.39 -40.93 -20.16
N LYS C 78 -0.24 -41.98 -20.69
CA LYS C 78 0.44 -42.86 -21.63
C LYS C 78 0.73 -42.15 -22.97
N SER C 79 1.90 -42.43 -23.53
CA SER C 79 2.32 -41.91 -24.84
C SER C 79 2.17 -40.39 -25.03
N GLN C 80 2.95 -39.61 -24.28
CA GLN C 80 2.96 -38.17 -24.44
C GLN C 80 4.28 -37.69 -25.04
N ARG C 81 4.21 -36.63 -25.86
CA ARG C 81 5.41 -35.91 -26.32
C ARG C 81 5.22 -34.41 -26.14
N GLY C 82 6.23 -33.74 -25.62
CA GLY C 82 6.17 -32.30 -25.40
C GLY C 82 7.44 -31.56 -25.76
N SER C 83 7.30 -30.27 -26.06
CA SER C 83 8.46 -29.45 -26.48
C SER C 83 8.32 -27.99 -26.06
N VAL C 84 9.43 -27.37 -25.66
CA VAL C 84 9.55 -25.91 -25.62
C VAL C 84 10.90 -25.51 -26.25
N TRP C 85 10.85 -24.67 -27.28
CA TRP C 85 12.05 -24.17 -27.95
C TRP C 85 12.08 -22.64 -28.00
N THR C 86 13.28 -22.04 -27.87
CA THR C 86 13.41 -20.60 -28.08
C THR C 86 13.01 -20.25 -29.54
N LYS C 87 12.32 -19.12 -29.72
CA LYS C 87 11.85 -18.72 -31.06
C LYS C 87 13.00 -18.38 -32.00
N THR C 88 13.98 -17.63 -31.48
CA THR C 88 15.15 -17.23 -32.25
C THR C 88 16.43 -18.02 -31.88
N LYS C 89 17.44 -17.94 -32.72
CA LYS C 89 18.72 -18.57 -32.44
C LYS C 89 19.60 -17.71 -31.55
N ALA C 90 20.54 -18.35 -30.87
CA ALA C 90 21.53 -17.65 -30.07
C ALA C 90 22.96 -17.90 -30.58
N ALA C 91 23.76 -16.85 -30.63
CA ALA C 91 25.15 -16.95 -31.04
C ALA C 91 26.03 -16.58 -29.85
N PHE C 92 26.18 -17.54 -28.95
CA PHE C 92 27.02 -17.37 -27.77
C PHE C 92 28.23 -18.31 -27.84
N GLU C 93 29.44 -17.76 -27.86
CA GLU C 93 30.62 -18.61 -27.92
C GLU C 93 30.75 -19.43 -26.66
N ASN C 94 30.33 -18.86 -25.53
CA ASN C 94 30.19 -19.57 -24.27
C ASN C 94 28.86 -19.26 -23.58
N TRP C 95 28.24 -20.26 -22.99
CA TRP C 95 26.99 -20.03 -22.30
C TRP C 95 26.81 -20.94 -21.11
N GLU C 96 25.93 -20.54 -20.22
CA GLU C 96 25.50 -21.37 -19.13
C GLU C 96 23.96 -21.42 -19.11
N VAL C 97 23.42 -22.61 -18.91
CA VAL C 97 21.99 -22.80 -18.81
C VAL C 97 21.63 -23.30 -17.40
N GLU C 98 20.63 -22.68 -16.77
CA GLU C 98 20.21 -23.13 -15.45
C GLU C 98 18.75 -23.63 -15.44
N VAL C 99 18.55 -24.95 -15.38
CA VAL C 99 17.19 -25.49 -15.53
C VAL C 99 16.65 -26.17 -14.27
N THR C 100 15.54 -25.64 -13.78
CA THR C 100 14.90 -26.14 -12.57
C THR C 100 13.65 -26.95 -12.93
N PHE C 101 13.53 -28.15 -12.36
CA PHE C 101 12.47 -29.07 -12.78
C PHE C 101 12.05 -30.13 -11.75
N ARG C 102 10.96 -30.84 -12.05
CA ARG C 102 10.45 -31.92 -11.20
C ARG C 102 9.98 -33.07 -12.07
N VAL C 103 10.39 -34.28 -11.73
CA VAL C 103 9.86 -35.45 -12.42
C VAL C 103 9.15 -36.27 -11.39
N THR C 104 7.82 -36.16 -11.38
CA THR C 104 7.02 -36.79 -10.33
C THR C 104 6.22 -38.02 -10.82
N GLY C 105 6.38 -39.13 -10.10
CA GLY C 105 5.65 -40.34 -10.40
C GLY C 105 5.15 -41.01 -9.13
N ARG C 106 4.03 -41.70 -9.22
CA ARG C 106 3.48 -42.38 -8.07
C ARG C 106 4.42 -43.49 -7.57
N GLY C 107 5.09 -44.17 -8.51
CA GLY C 107 5.89 -45.34 -8.18
C GLY C 107 7.38 -45.09 -8.12
N ARG C 108 8.14 -46.14 -7.82
CA ARG C 108 9.60 -46.06 -7.78
C ARG C 108 10.20 -46.36 -9.17
N ILE C 109 9.32 -46.44 -10.16
CA ILE C 109 9.73 -46.49 -11.55
C ILE C 109 8.89 -45.47 -12.29
N GLY C 110 9.51 -44.80 -13.26
CA GLY C 110 8.79 -43.80 -14.04
C GLY C 110 9.37 -43.72 -15.43
N ALA C 111 8.62 -43.10 -16.33
CA ALA C 111 9.07 -42.99 -17.71
C ALA C 111 8.50 -41.70 -18.32
N ASP C 112 9.18 -41.13 -19.31
CA ASP C 112 10.42 -41.65 -19.87
C ASP C 112 11.62 -40.78 -19.52
N GLY C 113 11.37 -39.54 -19.16
CA GLY C 113 12.43 -38.60 -18.80
C GLY C 113 12.33 -37.31 -19.60
N LEU C 114 13.26 -36.40 -19.34
CA LEU C 114 13.32 -35.12 -20.02
C LEU C 114 14.69 -34.86 -20.66
N ALA C 115 14.70 -34.12 -21.76
CA ALA C 115 15.92 -33.75 -22.47
C ALA C 115 16.14 -32.23 -22.50
N ILE C 116 17.36 -31.79 -22.25
CA ILE C 116 17.69 -30.38 -22.41
C ILE C 116 18.57 -30.24 -23.65
N TRP C 117 18.30 -29.26 -24.57
CA TRP C 117 18.85 -29.19 -25.91
C TRP C 117 19.58 -27.89 -26.26
N TYR C 118 20.63 -28.05 -27.04
CA TYR C 118 21.25 -26.94 -27.77
C TYR C 118 21.57 -27.47 -29.16
N ALA C 119 20.80 -26.91 -30.07
CA ALA C 119 20.86 -27.51 -31.42
C ALA C 119 20.63 -26.50 -32.53
N GLU C 120 21.11 -26.84 -33.72
CA GLU C 120 21.02 -25.98 -34.90
C GLU C 120 19.59 -25.55 -35.25
N ASN C 121 18.66 -26.49 -35.21
CA ASN C 121 17.25 -26.19 -35.46
C ASN C 121 16.32 -26.64 -34.34
N GLN C 122 15.17 -25.97 -34.21
CA GLN C 122 14.10 -26.47 -33.35
C GLN C 122 13.80 -27.92 -33.73
N GLY C 123 14.00 -28.85 -32.81
CA GLY C 123 13.51 -30.22 -32.97
C GLY C 123 12.28 -30.42 -32.11
N LEU C 124 11.22 -29.69 -32.45
CA LEU C 124 10.00 -29.73 -31.63
C LEU C 124 9.25 -31.08 -31.53
N GLU C 125 9.47 -32.00 -32.47
CA GLU C 125 8.71 -33.27 -32.46
C GLU C 125 9.58 -34.46 -32.88
N GLY C 126 9.34 -35.62 -32.27
CA GLY C 126 10.07 -36.85 -32.60
C GLY C 126 10.15 -37.87 -31.44
N PRO C 127 10.95 -38.94 -31.60
CA PRO C 127 11.05 -40.07 -30.63
C PRO C 127 12.20 -40.02 -29.60
N VAL C 128 12.96 -38.93 -29.58
CA VAL C 128 14.01 -38.75 -28.58
C VAL C 128 13.49 -37.82 -27.49
N PHE C 129 13.04 -38.43 -26.39
CA PHE C 129 12.30 -37.75 -25.32
C PHE C 129 11.32 -36.69 -25.83
N GLY C 130 10.66 -36.99 -26.95
CA GLY C 130 9.65 -36.10 -27.48
C GLY C 130 10.13 -35.21 -28.61
N SER C 131 11.41 -35.29 -28.92
CA SER C 131 11.97 -34.44 -29.94
C SER C 131 12.57 -35.23 -31.08
N ALA C 132 12.80 -34.54 -32.20
CA ALA C 132 13.34 -35.13 -33.40
C ALA C 132 14.74 -35.77 -33.23
N ASP C 133 14.90 -36.94 -33.85
CA ASP C 133 16.17 -37.65 -33.92
C ASP C 133 17.06 -36.98 -34.98
N LEU C 134 18.34 -37.35 -35.01
CA LEU C 134 19.31 -36.82 -35.97
C LEU C 134 19.49 -35.28 -35.86
N TRP C 135 19.87 -34.81 -34.69
CA TRP C 135 20.01 -33.38 -34.49
C TRP C 135 21.42 -32.91 -34.64
N ASN C 136 21.59 -31.62 -34.79
CA ASN C 136 22.92 -31.01 -34.86
C ASN C 136 23.22 -30.16 -33.61
N GLY C 137 23.85 -30.80 -32.64
CA GLY C 137 24.18 -30.16 -31.38
C GLY C 137 24.36 -31.21 -30.28
N VAL C 138 24.05 -30.83 -29.04
CA VAL C 138 24.13 -31.78 -27.94
C VAL C 138 22.82 -31.87 -27.15
N GLY C 139 22.47 -33.08 -26.77
CA GLY C 139 21.33 -33.29 -25.89
C GLY C 139 21.80 -33.83 -24.55
N ILE C 140 21.35 -33.22 -23.46
CA ILE C 140 21.58 -33.77 -22.13
C ILE C 140 20.29 -34.44 -21.70
N PHE C 141 20.32 -35.75 -21.57
CA PHE C 141 19.12 -36.56 -21.36
C PHE C 141 18.99 -37.11 -19.96
N PHE C 142 17.93 -36.70 -19.27
CA PHE C 142 17.60 -37.18 -17.95
C PHE C 142 16.63 -38.36 -18.11
N ASP C 143 17.22 -39.54 -18.29
CA ASP C 143 16.51 -40.79 -18.62
C ASP C 143 16.06 -41.57 -17.38
N SER C 144 14.75 -41.67 -17.20
CA SER C 144 14.16 -42.28 -15.99
C SER C 144 13.99 -43.80 -16.03
N PHE C 145 13.71 -44.32 -17.22
CA PHE C 145 13.33 -45.71 -17.40
C PHE C 145 14.44 -46.56 -18.02
N ASP C 146 14.72 -47.70 -17.38
CA ASP C 146 15.82 -48.59 -17.72
C ASP C 146 15.47 -49.51 -18.89
N ASN C 147 15.60 -48.99 -20.11
CA ASN C 147 15.26 -49.78 -21.30
C ASN C 147 16.19 -50.99 -21.57
N ASP C 148 17.47 -50.85 -21.27
CA ASP C 148 18.41 -51.93 -21.52
C ASP C 148 18.53 -52.87 -20.31
N GLY C 149 17.79 -52.57 -19.24
CA GLY C 149 17.68 -53.46 -18.10
C GLY C 149 18.98 -53.67 -17.33
N LYS C 150 19.97 -52.84 -17.61
CA LYS C 150 21.25 -52.92 -16.92
C LYS C 150 21.23 -52.34 -15.52
N LYS C 151 20.03 -52.04 -15.03
CA LYS C 151 19.80 -51.45 -13.70
C LYS C 151 20.67 -50.25 -13.40
N ASN C 152 20.79 -49.37 -14.38
CA ASN C 152 21.60 -48.16 -14.29
C ASN C 152 20.74 -46.92 -14.55
N ASN C 153 19.55 -46.91 -13.97
CA ASN C 153 18.63 -45.79 -14.14
C ASN C 153 18.01 -45.38 -12.80
N PRO C 154 17.58 -44.11 -12.67
CA PRO C 154 17.72 -42.99 -13.62
C PRO C 154 19.16 -42.49 -13.82
N ALA C 155 19.43 -42.04 -15.03
CA ALA C 155 20.73 -41.54 -15.40
C ALA C 155 20.66 -40.26 -16.18
N ILE C 156 21.80 -39.59 -16.27
CA ILE C 156 21.93 -38.32 -16.94
C ILE C 156 23.05 -38.43 -17.94
N VAL C 157 22.70 -38.36 -19.20
CA VAL C 157 23.57 -38.77 -20.31
C VAL C 157 23.87 -37.57 -21.21
N ILE C 158 25.11 -37.45 -21.67
CA ILE C 158 25.46 -36.38 -22.61
C ILE C 158 25.75 -36.94 -23.98
N ILE C 159 25.02 -36.46 -24.97
CA ILE C 159 25.10 -37.01 -26.31
C ILE C 159 25.23 -35.95 -27.41
N GLY C 160 26.44 -35.83 -27.95
CA GLY C 160 26.68 -34.99 -29.09
C GLY C 160 26.24 -35.64 -30.38
N ASN C 161 25.84 -34.81 -31.34
CA ASN C 161 25.39 -35.29 -32.63
C ASN C 161 25.59 -34.24 -33.73
N ASN C 162 25.93 -34.72 -34.93
CA ASN C 162 26.26 -33.84 -36.04
C ASN C 162 25.27 -33.97 -37.19
N GLY C 163 24.18 -34.69 -36.94
CA GLY C 163 23.11 -34.86 -37.91
C GLY C 163 23.06 -36.27 -38.45
N GLN C 164 23.92 -37.13 -37.93
CA GLN C 164 24.17 -38.45 -38.52
C GLN C 164 23.78 -39.62 -37.63
N ILE C 165 23.89 -39.45 -36.31
CA ILE C 165 23.60 -40.52 -35.37
C ILE C 165 22.10 -40.71 -35.16
N HIS C 166 21.65 -41.90 -34.87
CA HIS C 166 20.28 -42.05 -34.46
C HIS C 166 20.28 -42.56 -33.03
N TYR C 167 19.46 -41.96 -32.18
CA TYR C 167 19.45 -42.24 -30.76
C TYR C 167 18.85 -43.62 -30.49
N ASP C 168 19.59 -44.46 -29.77
CA ASP C 168 19.14 -45.79 -29.41
C ASP C 168 18.31 -45.76 -28.12
N HIS C 169 16.99 -45.60 -28.29
CA HIS C 169 16.09 -45.56 -27.17
C HIS C 169 16.01 -46.88 -26.39
N GLN C 170 16.11 -48.00 -27.07
CA GLN C 170 16.01 -49.30 -26.40
C GLN C 170 17.23 -49.60 -25.54
N ASN C 171 18.31 -48.87 -25.81
CA ASN C 171 19.54 -49.02 -25.05
C ASN C 171 19.89 -47.85 -24.14
N ASP C 172 18.92 -46.95 -23.91
CA ASP C 172 19.17 -45.70 -23.20
C ASP C 172 20.35 -45.00 -23.82
N GLY C 173 20.53 -45.21 -25.12
CA GLY C 173 21.68 -44.69 -25.85
C GLY C 173 23.01 -44.91 -25.15
N ALA C 174 23.14 -46.02 -24.43
CA ALA C 174 24.37 -46.27 -23.67
C ALA C 174 25.63 -46.54 -24.48
N SER C 175 25.47 -46.93 -25.74
CA SER C 175 26.63 -46.99 -26.62
C SER C 175 26.97 -45.59 -27.11
N GLN C 176 26.05 -44.68 -26.85
CA GLN C 176 26.09 -43.37 -27.46
C GLN C 176 26.46 -42.21 -26.58
N ALA C 177 26.75 -42.44 -25.33
CA ALA C 177 27.10 -41.38 -24.43
C ALA C 177 28.52 -40.87 -24.59
N LEU C 178 28.70 -39.57 -24.53
CA LEU C 178 30.06 -39.06 -24.47
C LEU C 178 30.46 -39.09 -23.00
N ALA C 179 29.44 -39.07 -22.15
CA ALA C 179 29.62 -39.11 -20.71
C ALA C 179 28.27 -39.31 -20.05
N SER C 180 28.28 -39.70 -18.81
CA SER C 180 27.06 -39.97 -18.11
C SER C 180 27.29 -40.06 -16.63
N CYS C 181 26.20 -40.04 -15.88
CA CYS C 181 26.30 -40.19 -14.46
C CYS C 181 24.99 -40.74 -14.03
N GLN C 182 24.96 -41.32 -12.85
CA GLN C 182 23.75 -41.84 -12.26
C GLN C 182 23.28 -40.88 -11.26
N ARG C 183 22.02 -40.56 -11.35
CA ARG C 183 21.39 -39.68 -10.40
C ARG C 183 19.89 -39.90 -10.38
N ASP C 184 19.30 -39.89 -9.20
CA ASP C 184 17.87 -40.12 -9.05
C ASP C 184 17.18 -38.76 -8.92
N PHE C 185 16.61 -38.28 -10.04
CA PHE C 185 15.98 -36.96 -10.09
C PHE C 185 14.47 -37.03 -9.86
N ARG C 186 13.94 -38.24 -9.71
CA ARG C 186 12.52 -38.46 -9.55
C ARG C 186 12.08 -38.27 -8.09
N ASN C 187 10.92 -37.65 -7.92
CA ASN C 187 10.26 -37.57 -6.62
C ASN C 187 11.11 -37.01 -5.50
N LYS C 188 11.69 -35.84 -5.72
CA LYS C 188 12.50 -35.22 -4.69
C LYS C 188 11.68 -34.15 -3.99
N PRO C 189 11.98 -33.91 -2.70
CA PRO C 189 11.17 -32.97 -1.91
C PRO C 189 11.29 -31.52 -2.42
N TYR C 190 12.42 -31.22 -3.05
CA TYR C 190 12.68 -29.89 -3.61
C TYR C 190 13.01 -29.99 -5.11
N PRO C 191 12.81 -28.89 -5.87
CA PRO C 191 13.07 -28.97 -7.30
C PRO C 191 14.54 -29.29 -7.67
N VAL C 192 14.72 -30.21 -8.61
CA VAL C 192 16.04 -30.54 -9.11
C VAL C 192 16.55 -29.43 -10.04
N ARG C 193 17.83 -29.09 -9.92
CA ARG C 193 18.41 -28.07 -10.79
C ARG C 193 19.60 -28.61 -11.59
N ALA C 194 19.58 -28.38 -12.91
CA ALA C 194 20.71 -28.73 -13.74
C ALA C 194 21.41 -27.46 -14.16
N LYS C 195 22.69 -27.34 -13.86
CA LYS C 195 23.49 -26.27 -14.40
C LYS C 195 24.40 -26.86 -15.49
N ILE C 196 24.16 -26.42 -16.72
CA ILE C 196 24.88 -26.95 -17.88
C ILE C 196 25.73 -25.86 -18.49
N THR C 197 27.03 -26.03 -18.51
CA THR C 197 27.92 -24.98 -18.95
C THR C 197 28.72 -25.39 -20.20
N TYR C 198 28.72 -24.51 -21.19
CA TYR C 198 29.61 -24.66 -22.33
C TYR C 198 30.63 -23.51 -22.27
N TYR C 199 31.86 -23.83 -21.88
CA TYR C 199 32.86 -22.81 -21.72
C TYR C 199 34.22 -23.35 -22.17
N GLN C 200 34.81 -22.65 -23.15
CA GLN C 200 36.11 -23.01 -23.72
C GLN C 200 36.13 -24.46 -24.22
N ASN C 201 35.11 -24.78 -24.99
CA ASN C 201 34.94 -26.08 -25.61
C ASN C 201 34.76 -27.23 -24.64
N THR C 202 34.46 -26.92 -23.38
CA THR C 202 34.12 -27.93 -22.39
C THR C 202 32.65 -27.86 -21.99
N LEU C 203 31.96 -29.00 -22.11
CA LEU C 203 30.57 -29.09 -21.67
C LEU C 203 30.47 -29.78 -20.29
N THR C 204 30.09 -29.03 -19.27
CA THR C 204 29.95 -29.56 -17.90
C THR C 204 28.50 -29.61 -17.45
N VAL C 205 28.16 -30.59 -16.62
CA VAL C 205 26.82 -30.74 -16.06
C VAL C 205 26.87 -30.87 -14.54
N MET C 206 26.39 -29.86 -13.81
CA MET C 206 26.32 -29.93 -12.35
C MET C 206 24.88 -30.16 -11.97
N ILE C 207 24.65 -30.91 -10.89
CA ILE C 207 23.27 -31.20 -10.46
C ILE C 207 23.03 -30.91 -8.99
N ASN C 208 21.96 -30.19 -8.70
CA ASN C 208 21.44 -30.02 -7.36
C ASN C 208 20.30 -31.02 -7.24
N ASN C 209 20.49 -32.03 -6.40
CA ASN C 209 19.55 -33.17 -6.38
C ASN C 209 18.25 -32.97 -5.61
N GLY C 210 17.95 -31.73 -5.24
CA GLY C 210 16.70 -31.43 -4.56
C GLY C 210 16.46 -32.12 -3.23
N PHE C 211 17.55 -32.44 -2.51
CA PHE C 211 17.45 -32.99 -1.17
C PHE C 211 17.15 -31.89 -0.16
N THR C 212 17.64 -30.69 -0.46
CA THR C 212 17.62 -29.57 0.49
C THR C 212 17.01 -28.32 -0.15
N PRO C 213 16.53 -27.36 0.66
CA PRO C 213 16.02 -26.08 0.12
C PRO C 213 17.12 -25.13 -0.35
N ASP C 214 18.38 -25.49 -0.11
CA ASP C 214 19.52 -24.70 -0.58
C ASP C 214 19.62 -24.82 -2.11
N LYS C 215 19.42 -23.71 -2.80
CA LYS C 215 19.39 -23.70 -4.26
C LYS C 215 20.75 -23.88 -4.94
N ASN C 216 21.83 -23.58 -4.23
CA ASN C 216 23.17 -23.62 -4.85
C ASN C 216 24.04 -24.83 -4.46
N ASP C 217 23.39 -25.90 -4.03
CA ASP C 217 24.08 -27.12 -3.62
C ASP C 217 24.22 -28.09 -4.82
N TYR C 218 25.09 -27.76 -5.75
CA TYR C 218 25.33 -28.60 -6.92
C TYR C 218 26.45 -29.60 -6.65
N GLU C 219 26.33 -30.77 -7.28
CA GLU C 219 27.36 -31.75 -7.28
C GLU C 219 27.77 -31.99 -8.72
N PHE C 220 28.93 -32.59 -8.94
CA PHE C 220 29.37 -32.85 -10.31
C PHE C 220 28.68 -34.09 -10.91
N CYS C 221 28.32 -34.03 -12.18
CA CYS C 221 27.74 -35.17 -12.86
C CYS C 221 28.55 -35.64 -14.06
N ALA C 222 28.85 -34.75 -14.99
CA ALA C 222 29.58 -35.13 -16.19
C ALA C 222 30.24 -33.97 -16.94
N LYS C 223 31.33 -34.23 -17.61
CA LYS C 223 31.81 -33.28 -18.57
C LYS C 223 32.29 -33.90 -19.86
N VAL C 224 32.46 -33.06 -20.85
CA VAL C 224 32.99 -33.47 -22.13
C VAL C 224 33.94 -32.39 -22.63
N GLU C 225 35.20 -32.75 -22.80
CA GLU C 225 36.23 -31.80 -23.21
C GLU C 225 36.41 -31.71 -24.72
N ASN C 226 36.91 -30.57 -25.19
CA ASN C 226 37.21 -30.38 -26.60
C ASN C 226 36.01 -30.71 -27.49
N MET C 227 34.86 -30.17 -27.13
CA MET C 227 33.63 -30.47 -27.83
C MET C 227 33.24 -29.32 -28.73
N ILE C 228 32.79 -29.65 -29.95
CA ILE C 228 32.36 -28.64 -30.90
C ILE C 228 30.87 -28.78 -31.18
N ILE C 229 30.17 -27.65 -31.14
CA ILE C 229 28.73 -27.58 -31.37
C ILE C 229 28.49 -26.39 -32.30
N PRO C 230 27.28 -26.28 -32.90
CA PRO C 230 27.05 -25.16 -33.84
C PRO C 230 27.21 -23.77 -33.23
N ALA C 231 27.55 -22.79 -34.06
CA ALA C 231 27.90 -21.44 -33.58
C ALA C 231 26.65 -20.62 -33.28
N GLN C 232 25.56 -20.98 -33.94
CA GLN C 232 24.24 -20.49 -33.60
C GLN C 232 23.31 -21.69 -33.37
N GLY C 233 22.31 -21.52 -32.52
CA GLY C 233 21.41 -22.62 -32.26
C GLY C 233 20.25 -22.28 -31.34
N HIS C 234 19.28 -23.19 -31.27
CA HIS C 234 18.13 -23.02 -30.39
C HIS C 234 18.36 -23.75 -29.08
N PHE C 235 17.99 -23.10 -27.97
CA PHE C 235 17.95 -23.77 -26.67
C PHE C 235 16.59 -24.48 -26.58
N GLY C 236 16.59 -25.73 -26.15
CA GLY C 236 15.37 -26.51 -26.10
C GLY C 236 15.20 -27.39 -24.87
N ILE C 237 13.95 -27.80 -24.64
CA ILE C 237 13.58 -28.66 -23.52
C ILE C 237 12.42 -29.58 -23.96
N SER C 238 12.61 -30.90 -23.91
CA SER C 238 11.55 -31.84 -24.34
C SER C 238 11.33 -33.00 -23.35
N ALA C 239 10.15 -33.61 -23.40
CA ALA C 239 9.80 -34.69 -22.49
C ALA C 239 8.82 -35.69 -23.13
N ALA C 240 8.80 -36.92 -22.63
CA ALA C 240 7.93 -37.96 -23.19
C ALA C 240 7.56 -39.08 -22.22
N THR C 241 6.43 -39.71 -22.48
CA THR C 241 6.02 -40.90 -21.73
C THR C 241 5.66 -42.03 -22.70
N GLY C 242 5.77 -43.28 -22.26
CA GLY C 242 5.43 -44.43 -23.08
C GLY C 242 4.36 -45.28 -22.41
N GLY C 243 4.76 -46.47 -21.97
CA GLY C 243 3.86 -47.34 -21.22
C GLY C 243 3.76 -46.92 -19.76
N LEU C 244 4.82 -46.34 -19.23
CA LEU C 244 4.78 -45.75 -17.90
C LEU C 244 4.87 -44.22 -18.07
N ALA C 245 4.50 -43.46 -17.03
CA ALA C 245 4.39 -42.01 -17.21
C ALA C 245 4.57 -41.21 -15.93
N ASP C 246 5.50 -40.26 -15.98
CA ASP C 246 5.61 -39.25 -14.93
C ASP C 246 5.14 -37.89 -15.42
N ASP C 247 4.91 -36.97 -14.49
CA ASP C 247 4.78 -35.57 -14.88
C ASP C 247 6.18 -34.98 -15.00
N HIS C 248 6.47 -34.35 -16.12
CA HIS C 248 7.76 -33.67 -16.29
C HIS C 248 7.51 -32.17 -16.35
N ASP C 249 7.96 -31.46 -15.31
CA ASP C 249 7.67 -30.03 -15.15
C ASP C 249 8.93 -29.19 -15.17
N VAL C 250 8.92 -28.13 -15.95
CA VAL C 250 10.04 -27.20 -15.92
C VAL C 250 9.60 -25.90 -15.25
N LEU C 251 10.25 -25.60 -14.12
CA LEU C 251 9.93 -24.44 -13.30
C LEU C 251 10.50 -23.22 -13.96
N SER C 252 11.74 -23.34 -14.44
CA SER C 252 12.41 -22.24 -15.11
C SER C 252 13.60 -22.66 -15.94
N PHE C 253 13.86 -21.88 -16.96
CA PHE C 253 14.99 -22.10 -17.84
C PHE C 253 15.71 -20.73 -17.95
N LEU C 254 16.88 -20.60 -17.34
CA LEU C 254 17.59 -19.33 -17.41
C LEU C 254 18.92 -19.46 -18.19
N THR C 255 19.05 -18.65 -19.24
CA THR C 255 20.24 -18.65 -20.06
C THR C 255 21.22 -17.47 -19.78
N PHE C 256 22.52 -17.77 -19.77
CA PHE C 256 23.55 -16.75 -19.55
C PHE C 256 24.61 -16.83 -20.66
N GLN C 257 25.05 -15.70 -21.15
CA GLN C 257 26.27 -15.66 -21.96
C GLN C 257 27.47 -15.57 -21.03
N LEU C 258 28.48 -16.38 -21.29
CA LEU C 258 29.68 -16.31 -20.48
C LEU C 258 30.78 -15.61 -21.26
N THR C 259 31.61 -14.84 -20.55
CA THR C 259 32.77 -14.21 -21.17
C THR C 259 34.01 -14.48 -20.33
N GLU C 260 35.13 -14.73 -21.00
CA GLU C 260 36.40 -15.00 -20.31
C GLU C 260 36.97 -13.73 -19.69
N PRO C 261 37.33 -13.80 -18.41
CA PRO C 261 37.90 -12.65 -17.70
C PRO C 261 39.08 -12.05 -18.45
N LEU D 32 -28.66 32.25 33.34
CA LEU D 32 -27.93 31.70 32.20
C LEU D 32 -28.68 31.91 30.89
N PRO D 33 -27.97 32.39 29.86
CA PRO D 33 -28.63 32.71 28.58
C PRO D 33 -28.93 31.46 27.79
N HIS D 34 -29.98 31.51 26.98
CA HIS D 34 -30.32 30.40 26.12
C HIS D 34 -29.35 30.24 24.92
N ARG D 35 -28.76 29.05 24.77
CA ARG D 35 -27.94 28.73 23.61
C ARG D 35 -28.78 28.15 22.48
N ARG D 36 -28.58 28.66 21.27
CA ARG D 36 -29.15 28.04 20.08
C ARG D 36 -28.01 27.64 19.15
N PHE D 37 -27.94 26.35 18.79
CA PHE D 37 -26.90 25.83 17.91
C PHE D 37 -27.01 26.31 16.46
N GLU D 38 -25.89 26.79 15.93
CA GLU D 38 -25.85 27.35 14.59
C GLU D 38 -24.97 26.48 13.68
N TYR D 39 -25.58 25.49 13.04
CA TYR D 39 -24.82 24.51 12.28
C TYR D 39 -24.06 25.10 11.08
N LYS D 40 -24.60 26.16 10.49
CA LYS D 40 -23.94 26.81 9.34
C LYS D 40 -22.66 27.53 9.73
N TYR D 41 -22.33 27.51 10.99
CA TYR D 41 -21.05 28.06 11.39
C TYR D 41 -20.26 27.05 12.17
N SER D 42 -20.60 25.79 12.01
CA SER D 42 -19.98 24.77 12.82
C SER D 42 -19.66 23.48 12.07
N PHE D 43 -18.58 22.83 12.48
CA PHE D 43 -18.14 21.57 11.92
C PHE D 43 -17.66 20.60 12.99
N LYS D 44 -17.78 19.31 12.72
CA LYS D 44 -17.35 18.24 13.60
C LYS D 44 -17.32 16.94 12.82
N GLY D 45 -16.66 15.92 13.39
CA GLY D 45 -16.75 14.56 12.87
C GLY D 45 -18.05 13.85 13.25
N PRO D 46 -18.20 12.59 12.87
CA PRO D 46 -17.21 11.68 12.28
C PRO D 46 -16.95 11.80 10.76
N HIS D 47 -17.66 12.67 10.05
CA HIS D 47 -17.37 12.80 8.65
C HIS D 47 -17.17 14.25 8.29
N LEU D 48 -16.10 14.81 8.81
CA LEU D 48 -15.81 16.24 8.75
C LEU D 48 -15.58 16.65 7.30
N VAL D 49 -14.55 16.09 6.67
CA VAL D 49 -14.26 16.44 5.30
C VAL D 49 -15.23 15.70 4.37
N GLN D 50 -15.60 16.37 3.29
CA GLN D 50 -16.43 15.76 2.27
C GLN D 50 -15.57 15.10 1.18
N SER D 51 -16.20 14.29 0.34
CA SER D 51 -15.50 13.58 -0.73
C SER D 51 -14.71 14.51 -1.68
N ASP D 52 -15.20 15.73 -1.87
CA ASP D 52 -14.48 16.73 -2.64
C ASP D 52 -13.36 17.42 -1.82
N GLY D 53 -13.16 16.95 -0.59
CA GLY D 53 -12.11 17.46 0.28
C GLY D 53 -12.44 18.77 0.96
N THR D 54 -13.73 19.14 0.95
CA THR D 54 -14.14 20.40 1.57
C THR D 54 -14.94 20.18 2.86
N VAL D 55 -14.84 21.16 3.74
CA VAL D 55 -15.64 21.18 4.95
C VAL D 55 -16.81 22.09 4.69
N PRO D 56 -18.05 21.57 4.86
CA PRO D 56 -19.28 22.35 4.68
C PRO D 56 -19.29 23.65 5.51
N PHE D 57 -19.60 24.77 4.82
CA PHE D 57 -19.73 26.11 5.39
C PHE D 57 -18.41 26.77 5.75
N TRP D 58 -17.31 26.05 5.56
CA TRP D 58 -16.00 26.54 5.99
C TRP D 58 -15.00 26.53 4.82
N ALA D 59 -14.04 27.46 4.86
CA ALA D 59 -12.97 27.52 3.85
C ALA D 59 -11.61 27.21 4.46
N HIS D 60 -10.90 26.23 3.91
CA HIS D 60 -9.52 25.96 4.35
C HIS D 60 -8.42 26.56 3.43
N ALA D 61 -7.32 27.00 4.05
CA ALA D 61 -6.26 27.67 3.33
C ALA D 61 -4.86 27.22 3.81
N GLY D 62 -3.83 27.52 3.03
CA GLY D 62 -2.47 27.19 3.41
C GLY D 62 -2.23 25.70 3.62
N ASN D 63 -1.62 25.37 4.76
CA ASN D 63 -1.22 24.01 5.02
C ASN D 63 -2.23 23.25 5.82
N ALA D 64 -3.39 23.86 6.07
CA ALA D 64 -4.49 23.15 6.75
C ALA D 64 -4.94 21.89 5.98
N ILE D 65 -5.04 20.76 6.68
CA ILE D 65 -5.56 19.53 6.10
C ILE D 65 -6.81 19.02 6.83
N PRO D 66 -7.95 18.98 6.13
CA PRO D 66 -9.15 18.35 6.72
C PRO D 66 -9.16 16.84 6.52
N SER D 67 -9.35 16.07 7.58
CA SER D 67 -9.74 14.68 7.44
C SER D 67 -11.16 14.46 8.00
N SER D 68 -11.52 13.20 8.20
CA SER D 68 -12.83 12.85 8.74
C SER D 68 -13.05 13.29 10.19
N ASP D 69 -12.10 13.06 11.08
CA ASP D 69 -12.34 13.39 12.47
C ASP D 69 -11.71 14.70 12.96
N GLN D 70 -11.07 15.45 12.09
CA GLN D 70 -10.42 16.65 12.51
C GLN D 70 -9.76 17.41 11.38
N ILE D 71 -9.51 18.67 11.59
CA ILE D 71 -8.67 19.41 10.66
C ILE D 71 -7.29 19.57 11.29
N ARG D 72 -6.26 19.03 10.66
CA ARG D 72 -4.88 19.34 11.07
C ARG D 72 -4.53 20.68 10.45
N VAL D 73 -4.59 21.73 11.25
CA VAL D 73 -4.51 23.08 10.76
C VAL D 73 -3.07 23.44 10.44
N ALA D 74 -2.14 23.01 11.28
CA ALA D 74 -0.73 23.08 10.96
C ALA D 74 -0.08 21.82 11.48
N PRO D 75 0.54 21.05 10.57
CA PRO D 75 1.29 19.84 10.90
C PRO D 75 2.63 20.16 11.56
N SER D 76 3.22 19.16 12.24
CA SER D 76 4.49 19.32 12.93
C SER D 76 5.70 19.40 11.99
N LEU D 77 5.63 20.28 11.00
CA LEU D 77 6.73 20.52 10.08
C LEU D 77 7.23 21.95 10.28
N LYS D 78 8.45 22.24 9.83
CA LYS D 78 9.00 23.59 9.96
C LYS D 78 8.26 24.57 9.06
N SER D 79 8.03 25.78 9.57
CA SER D 79 7.36 26.88 8.84
C SER D 79 6.01 26.54 8.16
N GLN D 80 5.00 26.21 8.96
CA GLN D 80 3.67 25.96 8.41
C GLN D 80 2.71 27.12 8.75
N ARG D 81 1.75 27.37 7.86
CA ARG D 81 0.63 28.25 8.16
C ARG D 81 -0.66 27.58 7.72
N GLY D 82 -1.68 27.61 8.57
CA GLY D 82 -2.98 27.03 8.25
C GLY D 82 -4.17 27.90 8.65
N SER D 83 -5.29 27.73 7.98
CA SER D 83 -6.50 28.44 8.38
C SER D 83 -7.79 27.76 7.97
N VAL D 84 -8.80 27.90 8.83
CA VAL D 84 -10.18 27.57 8.49
C VAL D 84 -11.09 28.77 8.87
N TRP D 85 -11.86 29.25 7.90
CA TRP D 85 -12.78 30.36 8.13
C TRP D 85 -14.20 30.04 7.66
N THR D 86 -15.20 30.59 8.33
CA THR D 86 -16.58 30.40 7.87
C THR D 86 -16.75 31.10 6.52
N LYS D 87 -17.47 30.47 5.61
N LYS D 87 -17.43 30.52 5.55
CA LYS D 87 -17.66 31.07 4.30
CA LYS D 87 -17.64 31.15 4.26
C LYS D 87 -18.47 32.38 4.34
C LYS D 87 -18.45 32.43 4.35
N THR D 88 -19.51 32.43 5.16
CA THR D 88 -20.36 33.60 5.29
C THR D 88 -20.13 34.35 6.63
N LYS D 89 -20.63 35.56 6.74
CA LYS D 89 -20.56 36.30 7.99
C LYS D 89 -21.71 35.94 8.93
N ALA D 90 -21.53 36.21 10.22
CA ALA D 90 -22.58 35.99 11.20
C ALA D 90 -22.91 37.32 11.92
N ALA D 91 -24.22 37.57 12.10
CA ALA D 91 -24.67 38.75 12.83
C ALA D 91 -25.34 38.34 14.13
N PHE D 92 -24.52 37.98 15.12
CA PHE D 92 -25.00 37.56 16.42
C PHE D 92 -24.63 38.61 17.46
N GLU D 93 -25.62 39.23 18.10
CA GLU D 93 -25.32 40.19 19.16
C GLU D 93 -24.58 39.51 20.33
N ASN D 94 -24.94 38.25 20.59
CA ASN D 94 -24.27 37.44 21.58
C ASN D 94 -24.03 36.03 21.04
N TRP D 95 -22.86 35.47 21.34
CA TRP D 95 -22.59 34.13 20.85
C TRP D 95 -21.70 33.37 21.81
N GLU D 96 -21.70 32.06 21.66
CA GLU D 96 -20.73 31.22 22.34
C GLU D 96 -20.07 30.29 21.35
N VAL D 97 -18.76 30.09 21.51
CA VAL D 97 -18.00 29.23 20.62
C VAL D 97 -17.38 28.09 21.42
N GLU D 98 -17.61 26.85 20.98
CA GLU D 98 -17.02 25.70 21.67
C GLU D 98 -15.97 24.94 20.85
N VAL D 99 -14.69 25.11 21.15
CA VAL D 99 -13.65 24.56 20.29
C VAL D 99 -12.80 23.46 20.99
N THR D 100 -12.81 22.29 20.39
CA THR D 100 -12.09 21.13 20.91
C THR D 100 -10.85 20.84 20.05
N PHE D 101 -9.71 20.70 20.70
CA PHE D 101 -8.46 20.62 19.96
C PHE D 101 -7.32 19.86 20.67
N ARG D 102 -6.28 19.55 19.90
CA ARG D 102 -5.04 18.98 20.44
C ARG D 102 -3.80 19.68 19.89
N VAL D 103 -2.86 20.02 20.75
CA VAL D 103 -1.56 20.50 20.28
C VAL D 103 -0.52 19.48 20.74
N THR D 104 -0.09 18.62 19.83
CA THR D 104 0.80 17.53 20.18
C THR D 104 2.23 17.69 19.67
N GLY D 105 3.18 17.53 20.57
CA GLY D 105 4.59 17.69 20.26
C GLY D 105 5.43 16.65 20.99
N ARG D 106 6.51 16.20 20.36
CA ARG D 106 7.35 15.19 20.95
C ARG D 106 8.11 15.67 22.17
N GLY D 107 8.33 16.97 22.28
CA GLY D 107 9.10 17.53 23.38
C GLY D 107 8.28 18.33 24.38
N ARG D 108 8.93 18.80 25.42
CA ARG D 108 8.34 19.66 26.43
C ARG D 108 8.00 21.02 25.81
N ILE D 109 8.71 21.39 24.74
CA ILE D 109 8.59 22.68 24.10
C ILE D 109 7.98 22.45 22.74
N GLY D 110 7.10 23.35 22.33
CA GLY D 110 6.48 23.26 21.02
C GLY D 110 6.23 24.63 20.45
N ALA D 111 5.96 24.69 19.15
CA ALA D 111 5.67 25.95 18.51
C ALA D 111 4.71 25.70 17.35
N ASP D 112 3.92 26.72 16.95
CA ASP D 112 3.89 28.04 17.59
C ASP D 112 2.57 28.33 18.32
N GLY D 113 1.56 27.53 18.05
CA GLY D 113 0.30 27.63 18.76
C GLY D 113 -0.85 27.83 17.78
N LEU D 114 -2.06 27.92 18.31
CA LEU D 114 -3.23 28.18 17.47
C LEU D 114 -4.04 29.38 17.98
N ALA D 115 -4.81 29.99 17.06
CA ALA D 115 -5.59 31.19 17.33
C ALA D 115 -7.05 30.94 16.99
N ILE D 116 -7.94 31.46 17.81
CA ILE D 116 -9.35 31.42 17.51
C ILE D 116 -9.85 32.83 17.21
N TRP D 117 -10.62 33.02 16.15
CA TRP D 117 -10.90 34.34 15.61
C TRP D 117 -12.38 34.69 15.49
N TYR D 118 -12.68 35.96 15.75
CA TYR D 118 -13.93 36.58 15.35
C TYR D 118 -13.58 37.96 14.80
N ALA D 119 -13.78 38.07 13.52
CA ALA D 119 -13.26 39.24 12.82
C ALA D 119 -14.07 39.64 11.59
N GLU D 120 -13.94 40.90 11.22
CA GLU D 120 -14.73 41.48 10.13
C GLU D 120 -14.57 40.74 8.81
N ASN D 121 -13.34 40.39 8.46
CA ASN D 121 -13.07 39.69 7.21
C ASN D 121 -12.23 38.44 7.43
N GLN D 122 -12.27 37.52 6.48
CA GLN D 122 -11.42 36.35 6.55
C GLN D 122 -9.96 36.68 6.34
N GLY D 123 -9.11 36.20 7.24
CA GLY D 123 -7.68 36.37 7.11
C GLY D 123 -6.90 35.10 6.83
N LEU D 124 -7.11 34.55 5.64
CA LEU D 124 -6.57 33.26 5.24
C LEU D 124 -5.07 33.07 5.42
N GLU D 125 -4.29 34.10 5.14
CA GLU D 125 -2.84 34.03 5.25
C GLU D 125 -2.23 35.23 5.99
N GLY D 126 -1.23 34.96 6.81
CA GLY D 126 -0.40 36.00 7.45
C GLY D 126 0.50 35.47 8.57
N PRO D 127 1.19 36.38 9.30
CA PRO D 127 2.17 36.02 10.35
C PRO D 127 1.65 35.94 11.80
N VAL D 128 0.34 36.10 12.01
CA VAL D 128 -0.25 35.94 13.34
C VAL D 128 -0.88 34.54 13.42
N PHE D 129 -0.14 33.63 14.05
CA PHE D 129 -0.41 32.20 14.08
C PHE D 129 -0.99 31.67 12.76
N GLY D 130 -0.49 32.18 11.65
CA GLY D 130 -0.92 31.72 10.35
C GLY D 130 -1.92 32.63 9.65
N SER D 131 -2.34 33.68 10.32
CA SER D 131 -3.33 34.55 9.73
C SER D 131 -2.77 35.92 9.45
N ALA D 132 -3.61 36.78 8.90
CA ALA D 132 -3.28 38.17 8.62
C ALA D 132 -3.25 39.06 9.86
N ASP D 133 -2.25 39.95 9.89
CA ASP D 133 -2.11 40.96 10.94
C ASP D 133 -3.09 42.11 10.69
N LEU D 134 -3.27 43.00 11.67
CA LEU D 134 -4.13 44.18 11.51
C LEU D 134 -5.60 43.79 11.24
N TRP D 135 -6.18 43.04 12.16
CA TRP D 135 -7.53 42.52 12.00
C TRP D 135 -8.54 43.40 12.71
N ASN D 136 -9.80 43.32 12.29
CA ASN D 136 -10.89 43.99 12.96
C ASN D 136 -11.79 43.01 13.75
N GLY D 137 -11.45 42.82 15.02
CA GLY D 137 -12.20 41.93 15.89
C GLY D 137 -11.34 41.50 17.07
N VAL D 138 -11.53 40.26 17.52
CA VAL D 138 -10.70 39.73 18.61
C VAL D 138 -10.10 38.36 18.27
N GLY D 139 -8.86 38.17 18.68
CA GLY D 139 -8.22 36.88 18.55
C GLY D 139 -7.84 36.34 19.90
N ILE D 140 -8.21 35.09 20.15
CA ILE D 140 -7.81 34.40 21.36
C ILE D 140 -6.67 33.46 20.98
N PHE D 141 -5.48 33.76 21.48
CA PHE D 141 -4.28 33.08 21.03
C PHE D 141 -3.72 32.10 22.03
N PHE D 142 -3.71 30.84 21.64
CA PHE D 142 -3.10 29.77 22.42
C PHE D 142 -1.62 29.63 22.03
N ASP D 143 -0.78 30.46 22.64
CA ASP D 143 0.65 30.59 22.31
C ASP D 143 1.52 29.57 23.05
N SER D 144 2.15 28.66 22.30
CA SER D 144 2.96 27.59 22.87
C SER D 144 4.40 27.96 23.22
N PHE D 145 5.03 28.81 22.41
CA PHE D 145 6.44 29.03 22.55
C PHE D 145 6.85 30.40 23.00
N ASP D 146 7.71 30.39 24.00
CA ASP D 146 8.09 31.56 24.79
C ASP D 146 9.08 32.49 24.07
N ASN D 147 8.57 33.35 23.19
CA ASN D 147 9.42 34.22 22.39
C ASN D 147 10.14 35.30 23.19
N ASP D 148 9.50 35.82 24.23
CA ASP D 148 10.11 36.87 25.02
C ASP D 148 10.94 36.29 26.18
N GLY D 149 10.94 34.97 26.29
CA GLY D 149 11.79 34.29 27.26
C GLY D 149 11.47 34.54 28.71
N LYS D 150 10.30 35.13 28.97
CA LYS D 150 9.88 35.44 30.34
C LYS D 150 9.33 34.21 31.07
N LYS D 151 9.56 33.03 30.49
CA LYS D 151 9.11 31.75 31.05
C LYS D 151 7.66 31.74 31.50
N ASN D 152 6.81 32.30 30.63
CA ASN D 152 5.38 32.43 30.88
C ASN D 152 4.59 31.76 29.74
N ASN D 153 5.05 30.59 29.33
CA ASN D 153 4.39 29.86 28.26
C ASN D 153 4.27 28.38 28.60
N PRO D 154 3.27 27.68 28.04
CA PRO D 154 2.21 28.16 27.14
C PRO D 154 1.17 29.04 27.82
N ALA D 155 0.65 29.97 27.02
CA ALA D 155 -0.30 30.97 27.48
C ALA D 155 -1.52 31.06 26.59
N ILE D 156 -2.56 31.71 27.09
CA ILE D 156 -3.78 31.93 26.39
C ILE D 156 -4.09 33.40 26.54
N VAL D 157 -4.03 34.14 25.45
CA VAL D 157 -4.03 35.60 25.44
C VAL D 157 -5.23 36.14 24.67
N ILE D 158 -5.86 37.20 25.19
CA ILE D 158 -6.98 37.82 24.49
C ILE D 158 -6.57 39.17 23.94
N ILE D 159 -6.70 39.32 22.62
CA ILE D 159 -6.24 40.52 21.93
C ILE D 159 -7.28 41.13 20.98
N GLY D 160 -7.83 42.26 21.40
CA GLY D 160 -8.72 43.02 20.56
C GLY D 160 -7.94 43.87 19.59
N ASN D 161 -8.56 44.15 18.45
CA ASN D 161 -7.93 44.97 17.44
C ASN D 161 -8.97 45.65 16.53
N ASN D 162 -8.66 46.86 16.09
CA ASN D 162 -9.61 47.65 15.30
C ASN D 162 -9.12 47.93 13.90
N GLY D 163 -8.05 47.23 13.51
CA GLY D 163 -7.45 47.40 12.21
C GLY D 163 -6.13 48.18 12.25
N GLN D 164 -5.70 48.53 13.46
CA GLN D 164 -4.58 49.47 13.62
C GLN D 164 -3.34 48.89 14.31
N ILE D 165 -3.54 47.93 15.21
CA ILE D 165 -2.42 47.35 15.96
C ILE D 165 -1.66 46.32 15.11
N HIS D 166 -0.36 46.21 15.32
CA HIS D 166 0.41 45.10 14.78
C HIS D 166 0.66 44.12 15.92
N TYR D 167 0.54 42.82 15.66
CA TYR D 167 0.82 41.83 16.70
C TYR D 167 2.32 41.65 16.87
N ASP D 168 2.79 41.76 18.12
CA ASP D 168 4.19 41.58 18.42
C ASP D 168 4.49 40.11 18.71
N HIS D 169 4.87 39.38 17.66
CA HIS D 169 5.19 37.97 17.77
C HIS D 169 6.42 37.68 18.64
N GLN D 170 7.42 38.56 18.59
CA GLN D 170 8.65 38.34 19.36
C GLN D 170 8.43 38.52 20.84
N ASN D 171 7.33 39.18 21.19
CA ASN D 171 6.98 39.41 22.58
C ASN D 171 5.78 38.63 23.07
N ASP D 172 5.34 37.65 22.28
CA ASP D 172 4.10 36.93 22.57
C ASP D 172 2.94 37.92 22.72
N GLY D 173 3.07 39.07 22.05
CA GLY D 173 2.14 40.18 22.20
C GLY D 173 1.81 40.54 23.64
N ALA D 174 2.77 40.37 24.55
CA ALA D 174 2.50 40.53 25.97
C ALA D 174 2.09 41.93 26.36
N SER D 175 2.36 42.89 25.47
CA SER D 175 2.02 44.28 25.72
C SER D 175 0.67 44.68 25.12
N GLN D 176 0.11 43.81 24.28
CA GLN D 176 -1.14 44.11 23.61
C GLN D 176 -2.31 43.30 24.14
N ALA D 177 -2.04 42.43 25.11
CA ALA D 177 -3.09 41.62 25.73
C ALA D 177 -4.09 42.47 26.50
N LEU D 178 -5.36 42.14 26.36
CA LEU D 178 -6.38 42.77 27.19
C LEU D 178 -6.54 41.90 28.43
N ALA D 179 -6.17 40.62 28.30
CA ALA D 179 -6.14 39.68 29.42
C ALA D 179 -5.44 38.40 28.97
N SER D 180 -5.11 37.54 29.92
CA SER D 180 -4.51 36.27 29.58
C SER D 180 -4.48 35.36 30.77
N CYS D 181 -3.86 34.23 30.62
CA CYS D 181 -3.84 33.27 31.65
C CYS D 181 -2.82 32.22 31.26
N GLN D 182 -2.33 31.45 32.20
CA GLN D 182 -1.39 30.43 31.85
C GLN D 182 -2.09 29.15 31.97
N ARG D 183 -2.12 28.41 30.88
CA ARG D 183 -2.58 27.04 30.87
C ARG D 183 -1.63 26.28 29.96
N ASP D 184 -1.36 25.02 30.29
CA ASP D 184 -0.56 24.21 29.39
C ASP D 184 -1.55 23.38 28.63
N PHE D 185 -1.61 23.58 27.31
CA PHE D 185 -2.59 22.87 26.52
C PHE D 185 -1.96 21.84 25.63
N ARG D 186 -0.65 21.71 25.75
CA ARG D 186 0.13 20.76 24.95
C ARG D 186 0.15 19.34 25.55
N ASN D 187 0.04 18.34 24.69
CA ASN D 187 0.23 16.94 25.09
C ASN D 187 -0.59 16.49 26.27
N LYS D 188 -1.90 16.64 26.16
CA LYS D 188 -2.81 16.22 27.22
C LYS D 188 -3.46 14.91 26.81
N PRO D 189 -3.83 14.09 27.79
CA PRO D 189 -4.38 12.75 27.48
C PRO D 189 -5.74 12.82 26.83
N TYR D 190 -6.46 13.92 27.07
CA TYR D 190 -7.79 14.14 26.49
C TYR D 190 -7.81 15.47 25.70
N PRO D 191 -8.77 15.62 24.76
CA PRO D 191 -8.82 16.87 23.99
C PRO D 191 -9.05 18.10 24.85
N VAL D 192 -8.32 19.18 24.59
CA VAL D 192 -8.52 20.44 25.27
C VAL D 192 -9.75 21.16 24.69
N ARG D 193 -10.56 21.76 25.55
CA ARG D 193 -11.76 22.49 25.15
C ARG D 193 -11.71 23.96 25.49
N ALA D 194 -11.98 24.83 24.53
CA ALA D 194 -12.09 26.25 24.85
C ALA D 194 -13.53 26.66 24.66
N LYS D 195 -14.13 27.20 25.71
CA LYS D 195 -15.46 27.80 25.58
C LYS D 195 -15.31 29.32 25.66
N ILE D 196 -15.58 29.99 24.54
CA ILE D 196 -15.38 31.41 24.41
C ILE D 196 -16.71 32.11 24.22
N THR D 197 -17.07 32.98 25.15
CA THR D 197 -18.40 33.55 25.18
C THR D 197 -18.37 35.07 25.05
N TYR D 198 -19.14 35.57 24.09
CA TYR D 198 -19.40 37.01 23.98
C TYR D 198 -20.88 37.29 24.38
N TYR D 199 -21.05 37.83 25.57
CA TYR D 199 -22.39 38.05 26.07
C TYR D 199 -22.44 39.35 26.87
N GLN D 200 -23.34 40.24 26.43
CA GLN D 200 -23.50 41.57 27.04
C GLN D 200 -22.17 42.33 27.14
N ASN D 201 -21.48 42.38 26.00
CA ASN D 201 -20.21 43.07 25.85
C ASN D 201 -19.08 42.53 26.73
N THR D 202 -19.27 41.34 27.30
CA THR D 202 -18.21 40.67 28.03
C THR D 202 -17.64 39.44 27.28
N LEU D 203 -16.33 39.42 27.10
CA LEU D 203 -15.69 38.29 26.46
C LEU D 203 -15.01 37.41 27.50
N THR D 204 -15.53 36.19 27.66
CA THR D 204 -15.02 35.23 28.63
C THR D 204 -14.40 34.01 27.97
N VAL D 205 -13.40 33.45 28.64
CA VAL D 205 -12.65 32.30 28.16
C VAL D 205 -12.56 31.17 29.19
N MET D 206 -13.36 30.12 29.05
CA MET D 206 -13.26 28.98 29.93
C MET D 206 -12.46 27.86 29.27
N ILE D 207 -11.64 27.13 30.04
CA ILE D 207 -10.83 26.05 29.49
C ILE D 207 -11.01 24.73 30.24
N ASN D 208 -11.25 23.66 29.49
CA ASN D 208 -11.18 22.31 30.01
C ASN D 208 -9.82 21.80 29.60
N ASN D 209 -8.95 21.54 30.56
CA ASN D 209 -7.54 21.30 30.24
C ASN D 209 -7.18 19.86 29.79
N GLY D 210 -8.18 19.05 29.48
CA GLY D 210 -7.96 17.69 29.00
C GLY D 210 -7.23 16.76 29.96
N PHE D 211 -7.30 17.07 31.23
CA PHE D 211 -6.88 16.18 32.27
C PHE D 211 -7.75 14.92 32.41
N THR D 212 -9.04 15.05 32.22
CA THR D 212 -10.04 14.02 32.48
C THR D 212 -10.95 13.77 31.28
N PRO D 213 -11.63 12.61 31.23
CA PRO D 213 -12.57 12.36 30.14
C PRO D 213 -13.91 13.11 30.27
N ASP D 214 -14.09 13.78 31.40
CA ASP D 214 -15.26 14.63 31.62
C ASP D 214 -15.21 15.87 30.70
N LYS D 215 -16.14 15.96 29.76
CA LYS D 215 -16.14 17.03 28.76
C LYS D 215 -16.51 18.42 29.31
N ASN D 216 -17.23 18.47 30.42
CA ASN D 216 -17.72 19.75 30.93
C ASN D 216 -16.96 20.32 32.12
N ASP D 217 -15.73 19.89 32.30
CA ASP D 217 -14.89 20.34 33.41
C ASP D 217 -14.07 21.57 33.02
N TYR D 218 -14.74 22.72 32.91
CA TYR D 218 -14.07 23.96 32.53
C TYR D 218 -13.58 24.73 33.76
N GLU D 219 -12.41 25.35 33.67
CA GLU D 219 -11.93 26.29 34.69
C GLU D 219 -11.86 27.67 34.04
N PHE D 220 -11.72 28.75 34.80
CA PHE D 220 -11.66 30.10 34.24
C PHE D 220 -10.28 30.53 33.78
N CYS D 221 -10.15 31.03 32.56
CA CYS D 221 -8.88 31.55 32.11
C CYS D 221 -8.81 33.08 32.07
N ALA D 222 -9.75 33.75 31.41
CA ALA D 222 -9.71 35.22 31.27
C ALA D 222 -11.02 35.85 30.80
N LYS D 223 -11.26 37.12 31.14
CA LYS D 223 -12.45 37.86 30.74
C LYS D 223 -12.06 39.28 30.30
N VAL D 224 -12.88 39.87 29.44
CA VAL D 224 -12.71 41.26 29.06
C VAL D 224 -14.08 41.92 29.07
N GLU D 225 -14.26 42.90 29.93
CA GLU D 225 -15.55 43.58 30.06
C GLU D 225 -15.66 44.79 29.16
N ASN D 226 -16.89 45.15 28.82
CA ASN D 226 -17.17 46.36 28.04
C ASN D 226 -16.39 46.39 26.74
N MET D 227 -16.41 45.27 26.03
CA MET D 227 -15.66 45.12 24.81
C MET D 227 -16.55 45.25 23.58
N ILE D 228 -16.09 46.02 22.60
CA ILE D 228 -16.84 46.22 21.35
C ILE D 228 -16.12 45.56 20.18
N ILE D 229 -16.86 44.76 19.41
CA ILE D 229 -16.34 44.04 18.26
C ILE D 229 -17.33 44.26 17.11
N PRO D 230 -16.97 43.96 15.86
CA PRO D 230 -17.90 44.20 14.75
C PRO D 230 -19.24 43.45 14.87
N ALA D 231 -20.28 44.00 14.25
CA ALA D 231 -21.63 43.48 14.40
C ALA D 231 -21.88 42.28 13.51
N GLN D 232 -21.09 42.21 12.43
CA GLN D 232 -21.00 41.05 11.58
C GLN D 232 -19.52 40.63 11.49
N GLY D 233 -19.28 39.34 11.31
CA GLY D 233 -17.92 38.87 11.17
C GLY D 233 -17.82 37.38 10.87
N HIS D 234 -16.59 36.98 10.55
CA HIS D 234 -16.26 35.58 10.30
C HIS D 234 -15.72 34.94 11.57
N PHE D 235 -16.15 33.73 11.87
CA PHE D 235 -15.51 32.91 12.92
C PHE D 235 -14.36 32.20 12.26
N GLY D 236 -13.21 32.15 12.93
CA GLY D 236 -12.01 31.57 12.33
C GLY D 236 -11.11 30.80 13.26
N ILE D 237 -10.26 29.96 12.67
CA ILE D 237 -9.29 29.17 13.42
C ILE D 237 -7.98 29.06 12.60
N SER D 238 -6.85 29.50 13.15
CA SER D 238 -5.56 29.43 12.44
C SER D 238 -4.42 28.85 13.29
N ALA D 239 -3.38 28.35 12.63
CA ALA D 239 -2.23 27.71 13.33
C ALA D 239 -0.93 27.89 12.53
N ALA D 240 0.19 27.87 13.23
CA ALA D 240 1.52 28.04 12.59
C ALA D 240 2.71 27.40 13.32
N THR D 241 3.72 27.05 12.56
CA THR D 241 4.97 26.56 13.15
C THR D 241 6.14 27.37 12.60
N GLY D 242 7.23 27.43 13.34
CA GLY D 242 8.44 28.11 12.88
C GLY D 242 9.65 27.19 12.86
N GLY D 243 10.60 27.43 13.76
CA GLY D 243 11.75 26.56 13.93
C GLY D 243 11.40 25.29 14.68
N LEU D 244 10.43 25.38 15.60
CA LEU D 244 9.89 24.20 16.28
C LEU D 244 8.47 23.99 15.78
N ALA D 245 7.90 22.82 16.00
CA ALA D 245 6.63 22.47 15.37
C ALA D 245 5.82 21.40 16.07
N ASP D 246 4.57 21.73 16.38
CA ASP D 246 3.61 20.76 16.88
C ASP D 246 2.52 20.47 15.85
N ASP D 247 1.79 19.38 16.02
CA ASP D 247 0.60 19.21 15.24
C ASP D 247 -0.51 20.00 15.91
N HIS D 248 -1.22 20.84 15.16
CA HIS D 248 -2.35 21.57 15.76
C HIS D 248 -3.63 21.08 15.15
N ASP D 249 -4.43 20.37 15.95
CA ASP D 249 -5.63 19.71 15.42
C ASP D 249 -6.89 20.29 16.00
N VAL D 250 -7.85 20.63 15.15
CA VAL D 250 -9.17 21.00 15.64
C VAL D 250 -10.21 19.88 15.42
N LEU D 251 -10.72 19.34 16.53
CA LEU D 251 -11.67 18.22 16.52
C LEU D 251 -13.03 18.72 16.09
N SER D 252 -13.41 19.87 16.63
CA SER D 252 -14.69 20.46 16.31
C SER D 252 -14.76 21.94 16.68
N PHE D 253 -15.61 22.63 15.95
CA PHE D 253 -15.88 24.03 16.17
C PHE D 253 -17.40 24.20 16.17
N LEU D 254 -17.99 24.43 17.33
CA LEU D 254 -19.45 24.58 17.44
C LEU D 254 -19.86 26.00 17.85
N THR D 255 -20.69 26.63 17.03
CA THR D 255 -21.13 27.98 17.29
C THR D 255 -22.60 28.06 17.80
N PHE D 256 -22.83 28.92 18.79
CA PHE D 256 -24.18 29.12 19.31
C PHE D 256 -24.52 30.60 19.31
N GLN D 257 -25.76 30.92 18.97
CA GLN D 257 -26.26 32.26 19.27
C GLN D 257 -26.81 32.27 20.71
N LEU D 258 -26.49 33.33 21.45
CA LEU D 258 -27.04 33.44 22.79
C LEU D 258 -28.13 34.53 22.84
N THR D 259 -29.18 34.28 23.62
CA THR D 259 -30.20 35.28 23.83
C THR D 259 -30.45 35.50 25.31
N GLU D 260 -30.68 36.76 25.69
CA GLU D 260 -30.94 37.10 27.08
C GLU D 260 -32.37 36.79 27.48
N PRO D 261 -32.54 35.97 28.50
CA PRO D 261 -33.88 35.59 28.98
C PRO D 261 -34.75 36.81 29.25
N LEU E 32 -37.33 -53.05 -11.92
CA LEU E 32 -36.16 -52.43 -12.52
C LEU E 32 -36.37 -52.17 -14.01
N PRO E 33 -36.03 -50.96 -14.46
CA PRO E 33 -36.24 -50.60 -15.86
C PRO E 33 -35.18 -51.23 -16.75
N HIS E 34 -35.54 -51.48 -18.01
CA HIS E 34 -34.58 -51.97 -18.98
C HIS E 34 -33.55 -50.91 -19.44
N ARG E 35 -32.25 -51.24 -19.36
CA ARG E 35 -31.19 -50.37 -19.86
C ARG E 35 -30.85 -50.74 -21.30
N ARG E 36 -30.75 -49.74 -22.16
CA ARG E 36 -30.23 -49.93 -23.50
C ARG E 36 -29.00 -49.03 -23.68
N PHE E 37 -27.86 -49.63 -24.02
CA PHE E 37 -26.59 -48.89 -24.20
C PHE E 37 -26.58 -48.00 -25.43
N GLU E 38 -26.16 -46.76 -25.24
CA GLU E 38 -26.17 -45.76 -26.31
C GLU E 38 -24.74 -45.35 -26.63
N TYR E 39 -24.13 -46.04 -27.58
CA TYR E 39 -22.72 -45.84 -27.84
C TYR E 39 -22.40 -44.44 -28.38
N LYS E 40 -23.34 -43.84 -29.10
CA LYS E 40 -23.14 -42.49 -29.66
C LYS E 40 -23.12 -41.38 -28.60
N TYR E 41 -23.24 -41.77 -27.34
CA TYR E 41 -23.17 -40.84 -26.22
C TYR E 41 -22.22 -41.38 -25.17
N SER E 42 -21.29 -42.21 -25.60
CA SER E 42 -20.37 -42.84 -24.68
C SER E 42 -18.89 -42.73 -25.13
N PHE E 43 -17.99 -42.96 -24.19
CA PHE E 43 -16.59 -43.14 -24.51
C PHE E 43 -15.94 -44.02 -23.45
N LYS E 44 -14.95 -44.81 -23.87
CA LYS E 44 -14.16 -45.63 -22.95
C LYS E 44 -12.91 -46.06 -23.65
N GLY E 45 -11.96 -46.59 -22.88
CA GLY E 45 -10.77 -47.22 -23.46
C GLY E 45 -11.04 -48.67 -23.85
N PRO E 46 -10.01 -49.36 -24.34
CA PRO E 46 -8.57 -49.03 -24.35
C PRO E 46 -8.07 -48.10 -25.48
N HIS E 47 -8.94 -47.72 -26.39
CA HIS E 47 -8.56 -46.82 -27.47
C HIS E 47 -9.51 -45.62 -27.47
N LEU E 48 -9.35 -44.78 -26.46
CA LEU E 48 -10.27 -43.68 -26.29
C LEU E 48 -10.01 -42.61 -27.34
N VAL E 49 -8.82 -42.03 -27.33
CA VAL E 49 -8.50 -41.00 -28.28
C VAL E 49 -8.19 -41.66 -29.62
N GLN E 50 -8.57 -40.97 -30.70
CA GLN E 50 -8.22 -41.43 -32.04
C GLN E 50 -6.92 -40.79 -32.50
N SER E 51 -6.38 -41.30 -33.61
CA SER E 51 -5.11 -40.81 -34.15
C SER E 51 -5.11 -39.30 -34.46
N ASP E 52 -6.27 -38.77 -34.82
CA ASP E 52 -6.42 -37.32 -35.00
C ASP E 52 -6.59 -36.57 -33.69
N GLY E 53 -6.51 -37.30 -32.57
CA GLY E 53 -6.60 -36.72 -31.23
C GLY E 53 -8.01 -36.42 -30.76
N THR E 54 -8.99 -36.99 -31.45
CA THR E 54 -10.39 -36.75 -31.12
C THR E 54 -11.05 -37.95 -30.47
N VAL E 55 -12.03 -37.69 -29.63
CA VAL E 55 -12.86 -38.75 -29.07
C VAL E 55 -14.13 -38.81 -29.90
N PRO E 56 -14.44 -40.00 -30.46
CA PRO E 56 -15.66 -40.19 -31.24
C PRO E 56 -16.94 -39.74 -30.51
N PHE E 57 -17.74 -38.93 -31.19
CA PHE E 57 -19.04 -38.45 -30.72
C PHE E 57 -18.96 -37.36 -29.65
N TRP E 58 -17.74 -37.04 -29.21
CA TRP E 58 -17.56 -36.10 -28.13
C TRP E 58 -16.61 -34.95 -28.53
N ALA E 59 -16.82 -33.78 -27.92
CA ALA E 59 -15.98 -32.60 -28.19
C ALA E 59 -15.19 -32.19 -26.95
N HIS E 60 -13.90 -31.97 -27.06
CA HIS E 60 -13.18 -31.56 -25.89
C HIS E 60 -12.72 -30.14 -26.05
N ALA E 61 -12.56 -29.45 -24.94
CA ALA E 61 -12.28 -28.02 -24.91
C ALA E 61 -11.34 -27.63 -23.77
N GLY E 62 -10.72 -26.46 -23.87
CA GLY E 62 -9.86 -25.94 -22.83
C GLY E 62 -8.65 -26.82 -22.57
N ASN E 63 -8.42 -27.14 -21.31
CA ASN E 63 -7.22 -27.87 -20.92
C ASN E 63 -7.42 -29.38 -20.88
N ALA E 64 -8.60 -29.85 -21.26
CA ALA E 64 -8.84 -31.29 -21.34
C ALA E 64 -7.88 -31.99 -22.31
N ILE E 65 -7.26 -33.06 -21.83
CA ILE E 65 -6.41 -33.91 -22.67
C ILE E 65 -6.95 -35.36 -22.76
N PRO E 66 -7.34 -35.78 -23.97
CA PRO E 66 -7.66 -37.20 -24.18
C PRO E 66 -6.41 -38.07 -24.43
N SER E 67 -6.28 -39.16 -23.71
CA SER E 67 -5.34 -40.22 -24.11
C SER E 67 -6.13 -41.49 -24.43
N SER E 68 -5.48 -42.65 -24.39
CA SER E 68 -6.15 -43.87 -24.83
C SER E 68 -6.90 -44.55 -23.69
N ASP E 69 -6.47 -44.27 -22.46
CA ASP E 69 -7.04 -44.91 -21.28
C ASP E 69 -8.10 -44.05 -20.61
N GLN E 70 -8.09 -42.75 -20.93
CA GLN E 70 -8.84 -41.76 -20.16
C GLN E 70 -8.74 -40.35 -20.75
N ILE E 71 -9.59 -39.45 -20.28
CA ILE E 71 -9.42 -38.06 -20.56
C ILE E 71 -8.97 -37.41 -19.25
N ARG E 72 -7.79 -36.77 -19.25
CA ARG E 72 -7.41 -35.90 -18.14
C ARG E 72 -8.08 -34.55 -18.37
N VAL E 73 -9.19 -34.31 -17.69
CA VAL E 73 -10.05 -33.18 -18.01
C VAL E 73 -9.45 -31.87 -17.46
N ALA E 74 -8.88 -31.95 -16.27
CA ALA E 74 -8.05 -30.87 -15.76
C ALA E 74 -6.87 -31.50 -15.06
N PRO E 75 -5.65 -31.17 -15.52
CA PRO E 75 -4.39 -31.61 -14.89
C PRO E 75 -4.12 -30.87 -13.58
N SER E 76 -3.22 -31.41 -12.77
CA SER E 76 -2.89 -30.81 -11.47
C SER E 76 -1.99 -29.59 -11.58
N LEU E 77 -2.40 -28.62 -12.41
CA LEU E 77 -1.71 -27.35 -12.53
C LEU E 77 -2.61 -26.25 -12.02
N LYS E 78 -2.04 -25.10 -11.69
CA LYS E 78 -2.82 -23.96 -11.24
C LYS E 78 -3.72 -23.39 -12.34
N SER E 79 -4.93 -23.00 -11.97
CA SER E 79 -5.91 -22.41 -12.90
C SER E 79 -6.16 -23.16 -14.21
N GLN E 80 -6.74 -24.36 -14.13
CA GLN E 80 -7.09 -25.10 -15.33
C GLN E 80 -8.61 -25.17 -15.50
N ARG E 81 -9.06 -25.19 -16.76
CA ARG E 81 -10.45 -25.49 -17.07
C ARG E 81 -10.51 -26.52 -18.19
N GLY E 82 -11.37 -27.53 -18.05
CA GLY E 82 -11.54 -28.55 -19.08
C GLY E 82 -12.96 -28.98 -19.33
N SER E 83 -13.30 -29.40 -20.54
CA SER E 83 -14.62 -29.98 -20.77
C SER E 83 -14.65 -31.05 -21.85
N VAL E 84 -15.59 -31.96 -21.73
CA VAL E 84 -15.98 -32.89 -22.79
C VAL E 84 -17.52 -32.92 -22.89
N TRP E 85 -18.02 -32.61 -24.08
CA TRP E 85 -19.47 -32.62 -24.35
C TRP E 85 -19.82 -33.50 -25.56
N THR E 86 -20.98 -34.17 -25.51
CA THR E 86 -21.43 -34.94 -26.66
C THR E 86 -21.68 -33.97 -27.80
N LYS E 87 -21.36 -34.39 -29.04
CA LYS E 87 -21.51 -33.53 -30.20
C LYS E 87 -22.97 -33.23 -30.50
N THR E 88 -23.81 -34.27 -30.41
CA THR E 88 -25.23 -34.15 -30.71
C THR E 88 -26.09 -34.19 -29.43
N LYS E 89 -27.34 -33.76 -29.54
CA LYS E 89 -28.27 -33.81 -28.42
C LYS E 89 -28.91 -35.19 -28.29
N ALA E 90 -29.40 -35.49 -27.08
CA ALA E 90 -30.11 -36.74 -26.84
C ALA E 90 -31.54 -36.47 -26.37
N ALA E 91 -32.49 -37.24 -26.90
CA ALA E 91 -33.88 -37.11 -26.49
C ALA E 91 -34.33 -38.38 -25.81
N PHE E 92 -33.90 -38.54 -24.56
CA PHE E 92 -34.27 -39.71 -23.76
C PHE E 92 -35.21 -39.30 -22.63
N GLU E 93 -36.42 -39.85 -22.62
CA GLU E 93 -37.33 -39.54 -21.52
C GLU E 93 -36.76 -40.03 -20.18
N ASN E 94 -36.04 -41.14 -20.22
CA ASN E 94 -35.35 -41.67 -19.05
C ASN E 94 -33.97 -42.16 -19.45
N TRP E 95 -33.00 -41.96 -18.58
CA TRP E 95 -31.65 -42.36 -18.92
C TRP E 95 -30.84 -42.68 -17.69
N GLU E 96 -29.77 -43.43 -17.89
CA GLU E 96 -28.81 -43.65 -16.84
C GLU E 96 -27.38 -43.35 -17.35
N VAL E 97 -26.58 -42.71 -16.52
CA VAL E 97 -25.24 -42.37 -16.89
C VAL E 97 -24.27 -43.06 -15.92
N GLU E 98 -23.29 -43.77 -16.47
CA GLU E 98 -22.30 -44.43 -15.64
C GLU E 98 -20.89 -43.83 -15.81
N VAL E 99 -20.40 -43.08 -14.82
CA VAL E 99 -19.14 -42.38 -14.98
C VAL E 99 -18.04 -42.85 -14.03
N THR E 100 -16.94 -43.31 -14.60
CA THR E 100 -15.82 -43.82 -13.83
C THR E 100 -14.64 -42.82 -13.89
N PHE E 101 -14.08 -42.50 -12.73
CA PHE E 101 -13.12 -41.40 -12.66
C PHE E 101 -12.14 -41.48 -11.48
N ARG E 102 -11.12 -40.63 -11.53
CA ARG E 102 -10.14 -40.51 -10.45
C ARG E 102 -9.82 -39.04 -10.18
N VAL E 103 -9.84 -38.63 -8.92
CA VAL E 103 -9.36 -37.30 -8.59
C VAL E 103 -8.14 -37.47 -7.69
N THR E 104 -6.96 -37.32 -8.27
CA THR E 104 -5.73 -37.59 -7.56
C THR E 104 -4.94 -36.33 -7.17
N GLY E 105 -4.60 -36.23 -5.90
CA GLY E 105 -3.82 -35.11 -5.38
C GLY E 105 -2.77 -35.58 -4.39
N ARG E 106 -1.65 -34.90 -4.35
CA ARG E 106 -0.62 -35.31 -3.44
C ARG E 106 -1.09 -35.18 -1.99
N GLY E 107 -1.84 -34.13 -1.69
CA GLY E 107 -2.20 -33.80 -0.33
C GLY E 107 -3.58 -34.28 0.09
N ARG E 108 -3.94 -34.03 1.35
CA ARG E 108 -5.26 -34.37 1.87
C ARG E 108 -6.25 -33.24 1.62
N ILE E 109 -5.82 -32.26 0.83
CA ILE E 109 -6.70 -31.24 0.30
C ILE E 109 -6.45 -31.15 -1.19
N GLY E 110 -7.50 -30.96 -1.97
CA GLY E 110 -7.38 -30.83 -3.40
C GLY E 110 -8.42 -29.87 -3.95
N ALA E 111 -8.21 -29.40 -5.17
CA ALA E 111 -9.15 -28.48 -5.81
C ALA E 111 -9.12 -28.71 -7.31
N ASP E 112 -10.20 -28.38 -8.02
CA ASP E 112 -11.44 -27.90 -7.43
C ASP E 112 -12.60 -28.90 -7.51
N GLY E 113 -12.45 -29.91 -8.36
CA GLY E 113 -13.43 -30.96 -8.46
C GLY E 113 -13.91 -31.11 -9.89
N LEU E 114 -14.80 -32.07 -10.14
CA LEU E 114 -15.39 -32.24 -11.45
C LEU E 114 -16.93 -32.23 -11.40
N ALA E 115 -17.53 -31.89 -12.55
CA ALA E 115 -18.98 -31.79 -12.69
C ALA E 115 -19.49 -32.73 -13.78
N ILE E 116 -20.60 -33.40 -13.53
CA ILE E 116 -21.22 -34.20 -14.58
C ILE E 116 -22.49 -33.49 -14.99
N TRP E 117 -22.80 -33.31 -16.31
CA TRP E 117 -23.82 -32.42 -16.85
C TRP E 117 -24.86 -33.07 -17.75
N TYR E 118 -26.09 -32.59 -17.63
CA TYR E 118 -27.14 -32.81 -18.62
C TYR E 118 -27.86 -31.48 -18.80
N ALA E 119 -27.59 -30.92 -20.00
CA ALA E 119 -27.95 -29.53 -20.27
C ALA E 119 -28.53 -29.33 -21.67
N GLU E 120 -29.24 -28.21 -21.85
CA GLU E 120 -29.79 -27.87 -23.16
C GLU E 120 -28.72 -27.61 -24.20
N ASN E 121 -27.66 -26.91 -23.80
CA ASN E 121 -26.55 -26.61 -24.68
C ASN E 121 -25.19 -26.99 -24.11
N GLN E 122 -24.24 -27.30 -25.00
CA GLN E 122 -22.85 -27.44 -24.60
C GLN E 122 -22.43 -26.21 -23.80
N GLY E 123 -22.15 -26.40 -22.53
CA GLY E 123 -21.45 -25.43 -21.70
C GLY E 123 -19.95 -25.67 -21.62
N LEU E 124 -19.30 -25.49 -22.73
CA LEU E 124 -17.90 -25.89 -22.94
C LEU E 124 -16.92 -25.16 -22.03
N GLU E 125 -17.15 -23.85 -21.77
CA GLU E 125 -16.22 -23.04 -20.96
C GLU E 125 -16.93 -22.07 -20.02
N GLY E 126 -16.33 -21.83 -18.85
CA GLY E 126 -16.87 -20.97 -17.80
C GLY E 126 -16.31 -21.25 -16.39
N PRO E 127 -16.88 -20.62 -15.34
CA PRO E 127 -16.37 -20.69 -13.95
C PRO E 127 -17.04 -21.71 -13.01
N VAL E 128 -17.93 -22.56 -13.54
CA VAL E 128 -18.54 -23.64 -12.75
C VAL E 128 -17.84 -24.95 -13.12
N PHE E 129 -16.89 -25.34 -12.26
CA PHE E 129 -15.96 -26.43 -12.51
C PHE E 129 -15.48 -26.49 -13.97
N GLY E 130 -15.26 -25.33 -14.56
CA GLY E 130 -14.70 -25.29 -15.90
C GLY E 130 -15.73 -25.03 -16.97
N SER E 131 -17.00 -25.00 -16.57
CA SER E 131 -18.08 -24.84 -17.52
C SER E 131 -18.91 -23.58 -17.27
N ALA E 132 -19.66 -23.18 -18.29
CA ALA E 132 -20.47 -21.97 -18.25
C ALA E 132 -21.54 -21.99 -17.15
N ASP E 133 -21.69 -20.84 -16.50
CA ASP E 133 -22.73 -20.60 -15.52
C ASP E 133 -24.07 -20.37 -16.23
N LEU E 134 -25.17 -20.39 -15.48
CA LEU E 134 -26.51 -20.13 -16.02
C LEU E 134 -26.94 -21.17 -17.06
N TRP E 135 -26.94 -22.43 -16.64
CA TRP E 135 -27.23 -23.53 -17.56
C TRP E 135 -28.69 -23.97 -17.48
N ASN E 136 -29.15 -24.65 -18.51
CA ASN E 136 -30.50 -25.20 -18.51
C ASN E 136 -30.48 -26.72 -18.43
N GLY E 137 -30.54 -27.22 -17.21
CA GLY E 137 -30.51 -28.64 -16.92
C GLY E 137 -30.06 -28.88 -15.50
N VAL E 138 -29.36 -29.99 -15.26
CA VAL E 138 -28.84 -30.29 -13.93
C VAL E 138 -27.34 -30.60 -13.98
N GLY E 139 -26.62 -30.11 -12.97
CA GLY E 139 -25.24 -30.46 -12.78
C GLY E 139 -25.04 -31.20 -11.48
N ILE E 140 -24.33 -32.32 -11.55
CA ILE E 140 -23.95 -33.06 -10.35
C ILE E 140 -22.48 -32.76 -10.11
N PHE E 141 -22.21 -32.05 -9.02
CA PHE E 141 -20.89 -31.51 -8.78
C PHE E 141 -20.15 -32.24 -7.69
N PHE E 142 -19.02 -32.84 -8.08
CA PHE E 142 -18.07 -33.46 -7.15
C PHE E 142 -17.03 -32.42 -6.66
N ASP E 143 -17.39 -31.69 -5.60
CA ASP E 143 -16.64 -30.54 -5.11
C ASP E 143 -15.60 -30.94 -4.06
N SER E 144 -14.33 -30.76 -4.40
CA SER E 144 -13.22 -31.19 -3.53
C SER E 144 -12.81 -30.19 -2.45
N PHE E 145 -12.89 -28.91 -2.77
CA PHE E 145 -12.33 -27.87 -1.92
C PHE E 145 -13.37 -27.06 -1.16
N ASP E 146 -13.16 -26.93 0.14
CA ASP E 146 -14.10 -26.33 1.08
C ASP E 146 -14.06 -24.80 1.06
N ASN E 147 -14.75 -24.20 0.09
CA ASN E 147 -14.72 -22.74 -0.06
C ASN E 147 -15.42 -21.98 1.07
N ASP E 148 -16.49 -22.54 1.61
CA ASP E 148 -17.22 -21.86 2.67
C ASP E 148 -16.68 -22.23 4.06
N GLY E 149 -15.68 -23.10 4.09
CA GLY E 149 -14.98 -23.43 5.32
C GLY E 149 -15.81 -24.14 6.38
N LYS E 150 -16.98 -24.63 5.98
CA LYS E 150 -17.87 -25.33 6.90
C LYS E 150 -17.43 -26.77 7.14
N LYS E 151 -16.21 -27.09 6.70
CA LYS E 151 -15.61 -28.44 6.86
C LYS E 151 -16.54 -29.57 6.43
N ASN E 152 -17.18 -29.36 5.28
CA ASN E 152 -18.13 -30.30 4.72
C ASN E 152 -17.71 -30.71 3.30
N ASN E 153 -16.41 -30.94 3.13
CA ASN E 153 -15.88 -31.33 1.84
C ASN E 153 -14.89 -32.48 1.98
N PRO E 154 -14.71 -33.29 0.91
CA PRO E 154 -15.39 -33.26 -0.39
C PRO E 154 -16.87 -33.68 -0.35
N ALA E 155 -17.64 -33.08 -1.24
CA ALA E 155 -19.08 -33.32 -1.32
C ALA E 155 -19.59 -33.57 -2.75
N ILE E 156 -20.73 -34.24 -2.82
CA ILE E 156 -21.46 -34.43 -4.04
C ILE E 156 -22.75 -33.63 -3.94
N VAL E 157 -22.95 -32.71 -4.87
CA VAL E 157 -24.08 -31.78 -4.80
C VAL E 157 -24.92 -31.88 -6.09
N ILE E 158 -26.25 -31.81 -5.95
CA ILE E 158 -27.12 -31.82 -7.12
C ILE E 158 -27.82 -30.48 -7.30
N ILE E 159 -27.59 -29.87 -8.45
CA ILE E 159 -28.05 -28.51 -8.69
C ILE E 159 -28.80 -28.34 -10.02
N GLY E 160 -30.12 -28.21 -9.90
CA GLY E 160 -30.96 -27.89 -11.03
C GLY E 160 -30.89 -26.42 -11.40
N ASN E 161 -31.09 -26.12 -12.68
CA ASN E 161 -31.04 -24.76 -13.14
C ASN E 161 -31.86 -24.57 -14.41
N ASN E 162 -32.53 -23.42 -14.52
CA ASN E 162 -33.40 -23.16 -15.66
C ASN E 162 -32.90 -22.03 -16.56
N GLY E 163 -31.67 -21.60 -16.32
CA GLY E 163 -31.06 -20.52 -17.07
C GLY E 163 -30.95 -19.23 -16.27
N GLN E 164 -31.37 -19.28 -15.01
CA GLN E 164 -31.55 -18.07 -14.21
C GLN E 164 -30.62 -17.95 -13.00
N ILE E 165 -30.27 -19.08 -12.40
CA ILE E 165 -29.43 -19.09 -11.20
C ILE E 165 -27.94 -18.88 -11.55
N HIS E 166 -27.21 -18.21 -10.65
CA HIS E 166 -25.75 -18.16 -10.74
C HIS E 166 -25.21 -19.13 -9.70
N TYR E 167 -24.18 -19.90 -10.05
CA TYR E 167 -23.60 -20.83 -9.08
C TYR E 167 -22.68 -20.08 -8.13
N ASP E 168 -22.91 -20.28 -6.83
CA ASP E 168 -22.08 -19.64 -5.81
C ASP E 168 -20.87 -20.50 -5.50
N HIS E 169 -19.77 -20.22 -6.21
CA HIS E 169 -18.52 -20.94 -6.02
C HIS E 169 -17.90 -20.75 -4.63
N GLN E 170 -18.03 -19.54 -4.07
CA GLN E 170 -17.43 -19.25 -2.77
C GLN E 170 -18.15 -19.97 -1.64
N ASN E 171 -19.37 -20.42 -1.92
CA ASN E 171 -20.15 -21.13 -0.93
C ASN E 171 -20.34 -22.61 -1.22
N ASP E 172 -19.57 -23.15 -2.16
CA ASP E 172 -19.79 -24.50 -2.67
C ASP E 172 -21.22 -24.68 -3.11
N GLY E 173 -21.84 -23.59 -3.55
CA GLY E 173 -23.25 -23.55 -3.87
C GLY E 173 -24.16 -24.21 -2.84
N ALA E 174 -23.79 -24.12 -1.57
CA ALA E 174 -24.50 -24.84 -0.51
C ALA E 174 -25.96 -24.39 -0.33
N SER E 175 -26.28 -23.21 -0.86
CA SER E 175 -27.63 -22.67 -0.75
C SER E 175 -28.49 -23.01 -1.97
N GLN E 176 -27.86 -23.51 -3.03
CA GLN E 176 -28.57 -23.80 -4.28
C GLN E 176 -28.75 -25.31 -4.53
N ALA E 177 -28.22 -26.12 -3.62
CA ALA E 177 -28.33 -27.58 -3.72
C ALA E 177 -29.77 -28.02 -3.59
N LEU E 178 -30.18 -28.96 -4.43
CA LEU E 178 -31.48 -29.60 -4.25
C LEU E 178 -31.27 -30.80 -3.34
N ALA E 179 -30.03 -31.30 -3.32
CA ALA E 179 -29.63 -32.38 -2.44
C ALA E 179 -28.10 -32.52 -2.48
N SER E 180 -27.52 -33.23 -1.52
CA SER E 180 -26.09 -33.46 -1.49
C SER E 180 -25.69 -34.49 -0.49
N CYS E 181 -24.59 -35.18 -0.72
CA CYS E 181 -24.06 -36.08 0.28
C CYS E 181 -22.57 -35.93 0.39
N GLN E 182 -22.04 -35.84 1.58
CA GLN E 182 -20.61 -35.76 1.76
C GLN E 182 -19.97 -37.10 1.45
N ARG E 183 -18.85 -37.04 0.76
CA ARG E 183 -18.13 -38.22 0.34
C ARG E 183 -16.70 -37.87 0.01
N ASP E 184 -15.79 -38.83 0.13
CA ASP E 184 -14.40 -38.56 -0.18
C ASP E 184 -13.99 -39.37 -1.41
N PHE E 185 -13.98 -38.69 -2.56
CA PHE E 185 -13.71 -39.35 -3.85
C PHE E 185 -12.26 -39.20 -4.28
N ARG E 186 -11.49 -38.47 -3.48
CA ARG E 186 -10.08 -38.19 -3.78
C ARG E 186 -9.18 -39.33 -3.33
N ASN E 187 -8.17 -39.64 -4.16
CA ASN E 187 -7.10 -40.56 -3.79
C ASN E 187 -7.57 -41.92 -3.30
N LYS E 188 -8.38 -42.60 -4.10
CA LYS E 188 -8.87 -43.92 -3.74
C LYS E 188 -8.08 -44.96 -4.52
N PRO E 189 -7.94 -46.17 -3.94
CA PRO E 189 -7.08 -47.19 -4.57
C PRO E 189 -7.67 -47.71 -5.88
N TYR E 190 -8.99 -47.61 -6.01
CA TYR E 190 -9.70 -48.03 -7.22
C TYR E 190 -10.53 -46.87 -7.80
N PRO E 191 -10.87 -46.93 -9.10
CA PRO E 191 -11.64 -45.84 -9.68
C PRO E 191 -13.00 -45.62 -9.01
N VAL E 192 -13.36 -44.35 -8.79
CA VAL E 192 -14.66 -43.98 -8.27
C VAL E 192 -15.70 -44.04 -9.40
N ARG E 193 -16.87 -44.63 -9.11
CA ARG E 193 -17.96 -44.69 -10.10
C ARG E 193 -19.20 -43.93 -9.63
N ALA E 194 -19.75 -43.11 -10.53
CA ALA E 194 -21.01 -42.44 -10.24
C ALA E 194 -22.05 -43.02 -11.16
N LYS E 195 -23.11 -43.56 -10.59
CA LYS E 195 -24.28 -43.97 -11.37
C LYS E 195 -25.43 -42.95 -11.17
N ILE E 196 -25.75 -42.23 -12.23
CA ILE E 196 -26.69 -41.11 -12.17
C ILE E 196 -27.93 -41.43 -12.99
N THR E 197 -29.07 -41.52 -12.35
CA THR E 197 -30.25 -42.03 -13.02
C THR E 197 -31.38 -41.00 -13.04
N TYR E 198 -31.90 -40.75 -14.24
CA TYR E 198 -33.11 -39.95 -14.40
C TYR E 198 -34.24 -40.87 -14.87
N TYR E 199 -35.12 -41.23 -13.94
CA TYR E 199 -36.19 -42.16 -14.25
C TYR E 199 -37.48 -41.72 -13.55
N GLN E 200 -38.53 -41.55 -14.36
CA GLN E 200 -39.84 -41.12 -13.86
C GLN E 200 -39.76 -39.84 -13.00
N ASN E 201 -39.06 -38.85 -13.55
CA ASN E 201 -38.87 -37.56 -12.93
C ASN E 201 -38.10 -37.59 -11.62
N THR E 202 -37.43 -38.70 -11.34
CA THR E 202 -36.54 -38.78 -10.18
C THR E 202 -35.07 -38.83 -10.61
N LEU E 203 -34.26 -37.94 -10.04
CA LEU E 203 -32.82 -37.95 -10.26
C LEU E 203 -32.10 -38.55 -9.05
N THR E 204 -31.51 -39.72 -9.25
CA THR E 204 -30.77 -40.46 -8.22
C THR E 204 -29.28 -40.50 -8.50
N VAL E 205 -28.49 -40.43 -7.43
CA VAL E 205 -27.03 -40.55 -7.54
C VAL E 205 -26.51 -41.67 -6.64
N MET E 206 -25.99 -42.75 -7.24
CA MET E 206 -25.31 -43.81 -6.47
C MET E 206 -23.82 -43.70 -6.65
N ILE E 207 -23.04 -43.99 -5.61
CA ILE E 207 -21.58 -43.91 -5.70
C ILE E 207 -20.87 -45.17 -5.25
N ASN E 208 -19.95 -45.65 -6.08
CA ASN E 208 -19.01 -46.69 -5.69
C ASN E 208 -17.75 -45.97 -5.26
N ASN E 209 -17.39 -46.04 -3.99
CA ASN E 209 -16.30 -45.18 -3.50
C ASN E 209 -14.86 -45.65 -3.76
N GLY E 210 -14.69 -46.64 -4.63
CA GLY E 210 -13.36 -47.10 -5.00
C GLY E 210 -12.54 -47.68 -3.86
N PHE E 211 -13.20 -48.22 -2.84
CA PHE E 211 -12.49 -48.92 -1.76
C PHE E 211 -12.05 -50.31 -2.20
N THR E 212 -12.84 -50.91 -3.09
CA THR E 212 -12.68 -52.31 -3.47
C THR E 212 -12.61 -52.46 -4.98
N PRO E 213 -12.07 -53.59 -5.47
CA PRO E 213 -12.06 -53.85 -6.93
C PRO E 213 -13.44 -54.27 -7.50
N ASP E 214 -14.41 -54.49 -6.61
CA ASP E 214 -15.77 -54.80 -7.02
C ASP E 214 -16.42 -53.57 -7.67
N LYS E 215 -16.71 -53.68 -8.97
CA LYS E 215 -17.24 -52.56 -9.73
C LYS E 215 -18.69 -52.17 -9.43
N ASN E 216 -19.47 -53.10 -8.88
CA ASN E 216 -20.89 -52.84 -8.66
C ASN E 216 -21.29 -52.59 -7.20
N ASP E 217 -20.32 -52.14 -6.39
CA ASP E 217 -20.57 -51.84 -4.98
C ASP E 217 -20.95 -50.35 -4.78
N TYR E 218 -22.17 -50.00 -5.19
CA TYR E 218 -22.66 -48.63 -5.06
C TYR E 218 -23.37 -48.41 -3.72
N GLU E 219 -23.20 -47.24 -3.13
CA GLU E 219 -23.98 -46.82 -1.97
C GLU E 219 -24.81 -45.62 -2.41
N PHE E 220 -25.84 -45.27 -1.65
CA PHE E 220 -26.72 -44.16 -2.01
C PHE E 220 -26.09 -42.83 -1.63
N CYS E 221 -26.21 -41.85 -2.50
CA CYS E 221 -25.76 -40.52 -2.20
C CYS E 221 -26.92 -39.52 -2.10
N ALA E 222 -27.64 -39.29 -3.18
CA ALA E 222 -28.67 -38.28 -3.19
C ALA E 222 -29.76 -38.53 -4.24
N LYS E 223 -30.95 -38.02 -4.01
CA LYS E 223 -32.01 -38.10 -5.00
C LYS E 223 -32.78 -36.82 -5.01
N VAL E 224 -33.41 -36.53 -6.13
CA VAL E 224 -34.31 -35.40 -6.27
C VAL E 224 -35.57 -35.87 -6.97
N GLU E 225 -36.71 -35.77 -6.28
CA GLU E 225 -37.98 -36.23 -6.85
C GLU E 225 -38.71 -35.11 -7.60
N ASN E 226 -39.55 -35.51 -8.54
CA ASN E 226 -40.41 -34.59 -9.27
C ASN E 226 -39.60 -33.48 -9.92
N MET E 227 -38.53 -33.87 -10.59
CA MET E 227 -37.65 -32.91 -11.20
C MET E 227 -37.88 -32.84 -12.71
N ILE E 228 -37.91 -31.63 -13.25
CA ILE E 228 -38.08 -31.41 -14.68
C ILE E 228 -36.79 -30.84 -15.29
N ILE E 229 -36.36 -31.44 -16.40
CA ILE E 229 -35.15 -31.04 -17.11
C ILE E 229 -35.51 -31.01 -18.59
N PRO E 230 -34.65 -30.41 -19.44
CA PRO E 230 -35.02 -30.32 -20.87
C PRO E 230 -35.21 -31.67 -21.56
N ALA E 231 -36.04 -31.70 -22.60
CA ALA E 231 -36.43 -32.96 -23.24
C ALA E 231 -35.35 -33.45 -24.20
N GLN E 232 -34.52 -32.51 -24.66
CA GLN E 232 -33.31 -32.80 -25.40
C GLN E 232 -32.16 -32.06 -24.72
N GLY E 233 -30.95 -32.60 -24.81
CA GLY E 233 -29.80 -31.97 -24.20
C GLY E 233 -28.50 -32.72 -24.42
N HIS E 234 -27.41 -32.05 -24.08
CA HIS E 234 -26.07 -32.62 -24.19
C HIS E 234 -25.64 -33.23 -22.85
N PHE E 235 -25.02 -34.41 -22.91
CA PHE E 235 -24.38 -34.99 -21.73
C PHE E 235 -22.98 -34.41 -21.69
N GLY E 236 -22.53 -34.05 -20.49
CA GLY E 236 -21.25 -33.35 -20.36
C GLY E 236 -20.45 -33.64 -19.11
N ILE E 237 -19.16 -33.30 -19.17
CA ILE E 237 -18.24 -33.58 -18.08
C ILE E 237 -17.19 -32.47 -18.06
N SER E 238 -17.08 -31.73 -16.95
CA SER E 238 -16.09 -30.63 -16.85
C SER E 238 -15.31 -30.65 -15.53
N ALA E 239 -14.13 -30.03 -15.56
CA ALA E 239 -13.23 -30.00 -14.38
C ALA E 239 -12.39 -28.72 -14.32
N ALA E 240 -11.99 -28.32 -13.11
CA ALA E 240 -11.21 -27.10 -12.92
C ALA E 240 -10.28 -27.11 -11.70
N THR E 241 -9.22 -26.31 -11.78
CA THR E 241 -8.32 -26.10 -10.64
C THR E 241 -8.13 -24.60 -10.41
N GLY E 242 -7.82 -24.21 -9.17
CA GLY E 242 -7.56 -22.81 -8.87
C GLY E 242 -6.18 -22.58 -8.28
N GLY E 243 -6.14 -22.27 -6.99
CA GLY E 243 -4.87 -22.17 -6.26
C GLY E 243 -4.30 -23.53 -5.88
N LEU E 244 -5.18 -24.51 -5.66
CA LEU E 244 -4.77 -25.88 -5.44
C LEU E 244 -5.22 -26.70 -6.65
N ALA E 245 -4.65 -27.88 -6.85
CA ALA E 245 -4.91 -28.62 -8.09
C ALA E 245 -4.74 -30.12 -8.00
N ASP E 246 -5.77 -30.84 -8.41
CA ASP E 246 -5.71 -32.29 -8.58
C ASP E 246 -5.76 -32.67 -10.04
N ASP E 247 -5.37 -33.89 -10.37
CA ASP E 247 -5.65 -34.41 -11.70
C ASP E 247 -7.06 -34.94 -11.68
N HIS E 248 -7.88 -34.54 -12.65
CA HIS E 248 -9.25 -35.04 -12.73
C HIS E 248 -9.34 -35.88 -13.99
N ASP E 249 -9.49 -37.18 -13.82
CA ASP E 249 -9.46 -38.11 -14.95
C ASP E 249 -10.78 -38.83 -15.11
N VAL E 250 -11.33 -38.82 -16.32
CA VAL E 250 -12.47 -39.67 -16.60
C VAL E 250 -12.07 -40.91 -17.42
N LEU E 251 -12.30 -42.09 -16.82
CA LEU E 251 -11.96 -43.38 -17.41
C LEU E 251 -12.95 -43.73 -18.49
N SER E 252 -14.22 -43.52 -18.17
CA SER E 252 -15.30 -43.79 -19.10
C SER E 252 -16.62 -43.09 -18.74
N PHE E 253 -17.39 -42.82 -19.78
CA PHE E 253 -18.68 -42.24 -19.63
C PHE E 253 -19.63 -43.10 -20.47
N LEU E 254 -20.49 -43.87 -19.81
CA LEU E 254 -21.43 -44.74 -20.54
C LEU E 254 -22.88 -44.32 -20.36
N THR E 255 -23.56 -44.05 -21.47
CA THR E 255 -24.95 -43.62 -21.43
C THR E 255 -25.98 -44.72 -21.81
N PHE E 256 -27.08 -44.81 -21.06
CA PHE E 256 -28.14 -45.78 -21.32
C PHE E 256 -29.49 -45.07 -21.42
N GLN E 257 -30.30 -45.47 -22.39
CA GLN E 257 -31.71 -45.10 -22.36
C GLN E 257 -32.44 -46.10 -21.47
N LEU E 258 -33.31 -45.59 -20.60
CA LEU E 258 -34.14 -46.47 -19.79
C LEU E 258 -35.57 -46.52 -20.33
N THR E 259 -36.20 -47.68 -20.22
CA THR E 259 -37.61 -47.81 -20.56
C THR E 259 -38.37 -48.52 -19.45
N GLU E 260 -39.60 -48.06 -19.25
CA GLU E 260 -40.47 -48.54 -18.22
C GLU E 260 -40.85 -49.98 -18.48
N PRO E 261 -40.87 -50.78 -17.42
CA PRO E 261 -41.23 -52.20 -17.54
C PRO E 261 -42.54 -52.40 -18.30
N LEU F 32 -38.35 19.45 32.46
CA LEU F 32 -38.95 18.55 31.47
C LEU F 32 -39.89 19.29 30.51
N PRO F 33 -39.76 19.02 29.20
CA PRO F 33 -40.54 19.75 28.22
C PRO F 33 -41.95 19.22 28.16
N HIS F 34 -42.90 20.08 27.78
CA HIS F 34 -44.27 19.66 27.60
C HIS F 34 -44.48 18.79 26.35
N ARG F 35 -45.08 17.61 26.51
CA ARG F 35 -45.47 16.78 25.37
C ARG F 35 -46.89 17.09 24.92
N ARG F 36 -47.07 17.30 23.62
CA ARG F 36 -48.40 17.36 23.03
C ARG F 36 -48.57 16.22 22.02
N PHE F 37 -49.56 15.37 22.24
CA PHE F 37 -49.85 14.24 21.34
C PHE F 37 -50.33 14.65 19.95
N GLU F 38 -49.70 14.07 18.92
CA GLU F 38 -50.01 14.40 17.54
C GLU F 38 -50.61 13.19 16.81
N TYR F 39 -51.92 13.04 16.86
CA TYR F 39 -52.56 11.84 16.36
C TYR F 39 -52.44 11.62 14.86
N LYS F 40 -52.31 12.71 14.11
CA LYS F 40 -52.14 12.62 12.65
C LYS F 40 -50.78 12.06 12.25
N TYR F 41 -49.96 11.72 13.25
CA TYR F 41 -48.66 11.10 13.01
C TYR F 41 -48.52 9.85 13.85
N SER F 42 -49.64 9.24 14.19
CA SER F 42 -49.63 8.13 15.11
C SER F 42 -50.51 6.95 14.64
N PHE F 43 -50.27 5.77 15.19
CA PHE F 43 -51.17 4.67 15.03
C PHE F 43 -51.08 3.73 16.23
N LYS F 44 -52.21 3.11 16.59
CA LYS F 44 -52.23 2.10 17.61
C LYS F 44 -53.48 1.28 17.43
N GLY F 45 -53.56 0.16 18.16
CA GLY F 45 -54.80 -0.60 18.24
C GLY F 45 -55.75 -0.02 19.28
N PRO F 46 -56.87 -0.70 19.54
CA PRO F 46 -57.28 -2.04 19.09
C PRO F 46 -57.84 -2.17 17.66
N HIS F 47 -57.95 -1.05 16.97
CA HIS F 47 -58.47 -1.06 15.61
C HIS F 47 -57.52 -0.32 14.74
N LEU F 48 -56.37 -0.95 14.51
CA LEU F 48 -55.30 -0.32 13.76
C LEU F 48 -55.66 -0.22 12.28
N VAL F 49 -55.88 -1.37 11.66
CA VAL F 49 -56.18 -1.39 10.24
C VAL F 49 -57.65 -1.07 10.09
N GLN F 50 -57.99 -0.36 9.01
CA GLN F 50 -59.37 -0.06 8.68
C GLN F 50 -59.92 -1.15 7.75
N SER F 51 -61.24 -1.13 7.53
CA SER F 51 -61.92 -2.12 6.68
C SER F 51 -61.40 -2.14 5.24
N ASP F 52 -60.93 -1.00 4.74
CA ASP F 52 -60.24 -0.94 3.44
C ASP F 52 -58.78 -1.36 3.50
N GLY F 53 -58.35 -1.84 4.67
CA GLY F 53 -57.00 -2.36 4.87
C GLY F 53 -55.93 -1.30 5.00
N THR F 54 -56.35 -0.06 5.25
CA THR F 54 -55.41 1.04 5.40
C THR F 54 -55.27 1.52 6.84
N VAL F 55 -54.09 2.04 7.15
CA VAL F 55 -53.88 2.66 8.45
C VAL F 55 -54.03 4.16 8.27
N PRO F 56 -54.97 4.78 9.03
CA PRO F 56 -55.17 6.23 8.98
C PRO F 56 -53.86 7.05 9.13
N PHE F 57 -53.64 7.96 8.17
CA PHE F 57 -52.51 8.92 8.16
C PHE F 57 -51.17 8.31 7.77
N TRP F 58 -51.16 7.00 7.57
CA TRP F 58 -49.92 6.26 7.28
C TRP F 58 -50.02 5.50 5.93
N ALA F 59 -48.89 5.31 5.27
CA ALA F 59 -48.84 4.51 4.05
C ALA F 59 -48.02 3.22 4.27
N HIS F 60 -48.54 2.08 3.81
CA HIS F 60 -47.86 0.79 3.94
C HIS F 60 -47.36 0.22 2.60
N ALA F 61 -46.13 -0.28 2.57
CA ALA F 61 -45.49 -0.69 1.33
C ALA F 61 -44.80 -2.05 1.47
N GLY F 62 -44.49 -2.69 0.35
CA GLY F 62 -43.76 -3.94 0.36
C GLY F 62 -44.55 -5.05 1.05
N ASN F 63 -43.85 -5.78 1.92
CA ASN F 63 -44.42 -6.94 2.60
C ASN F 63 -45.05 -6.61 3.93
N ALA F 64 -45.12 -5.32 4.26
CA ALA F 64 -45.80 -4.90 5.49
C ALA F 64 -47.27 -5.31 5.50
N ILE F 65 -47.71 -5.91 6.60
CA ILE F 65 -49.11 -6.28 6.79
C ILE F 65 -49.73 -5.63 8.03
N PRO F 66 -50.71 -4.74 7.82
CA PRO F 66 -51.45 -4.22 8.97
C PRO F 66 -52.59 -5.16 9.42
N SER F 67 -52.67 -5.46 10.71
CA SER F 67 -53.89 -6.02 11.27
C SER F 67 -54.49 -5.03 12.28
N SER F 68 -55.29 -5.52 13.21
CA SER F 68 -55.97 -4.62 14.13
C SER F 68 -55.15 -4.34 15.40
N ASP F 69 -54.29 -5.23 15.80
CA ASP F 69 -53.50 -4.88 16.96
C ASP F 69 -52.08 -4.44 16.67
N GLN F 70 -51.64 -4.50 15.41
CA GLN F 70 -50.25 -4.26 15.06
C GLN F 70 -50.06 -4.25 13.54
N ILE F 71 -48.90 -3.76 13.11
CA ILE F 71 -48.45 -3.98 11.73
C ILE F 71 -47.30 -4.97 11.77
N ARG F 72 -47.45 -6.11 11.10
CA ARG F 72 -46.31 -7.00 10.88
C ARG F 72 -45.53 -6.45 9.68
N VAL F 73 -44.44 -5.73 9.97
CA VAL F 73 -43.75 -4.97 8.96
C VAL F 73 -42.93 -5.85 8.06
N ALA F 74 -42.28 -6.85 8.65
CA ALA F 74 -41.65 -7.94 7.88
C ALA F 74 -41.89 -9.25 8.60
N PRO F 75 -42.58 -10.19 7.93
CA PRO F 75 -42.82 -11.52 8.47
C PRO F 75 -41.55 -12.39 8.50
N SER F 76 -41.60 -13.50 9.23
CA SER F 76 -40.44 -14.39 9.35
C SER F 76 -40.21 -15.29 8.12
N LEU F 77 -40.18 -14.67 6.95
CA LEU F 77 -39.93 -15.37 5.71
C LEU F 77 -38.61 -14.88 5.14
N LYS F 78 -38.02 -15.65 4.23
CA LYS F 78 -36.76 -15.26 3.59
C LYS F 78 -36.97 -14.05 2.68
N SER F 79 -36.02 -13.12 2.69
CA SER F 79 -36.00 -11.92 1.84
C SER F 79 -37.29 -11.08 1.86
N GLN F 80 -37.60 -10.47 2.99
CA GLN F 80 -38.76 -9.60 3.07
C GLN F 80 -38.32 -8.14 3.24
N ARG F 81 -39.09 -7.22 2.66
CA ARG F 81 -38.95 -5.79 2.92
C ARG F 81 -40.32 -5.18 3.24
N GLY F 82 -40.32 -4.36 4.29
CA GLY F 82 -41.50 -3.73 4.80
C GLY F 82 -41.32 -2.26 5.12
N SER F 83 -42.39 -1.48 4.99
CA SER F 83 -42.30 -0.07 5.30
C SER F 83 -43.63 0.53 5.79
N VAL F 84 -43.52 1.46 6.74
CA VAL F 84 -44.65 2.31 7.09
C VAL F 84 -44.18 3.77 7.10
N TRP F 85 -44.92 4.66 6.45
CA TRP F 85 -44.56 6.07 6.49
C TRP F 85 -45.77 6.98 6.68
N THR F 86 -45.60 8.10 7.39
CA THR F 86 -46.67 9.05 7.52
C THR F 86 -47.00 9.63 6.13
N LYS F 87 -48.27 9.89 5.86
CA LYS F 87 -48.64 10.41 4.56
C LYS F 87 -48.11 11.82 4.34
N THR F 88 -48.21 12.65 5.38
CA THR F 88 -47.83 14.06 5.27
C THR F 88 -46.54 14.32 6.06
N LYS F 89 -45.89 15.46 5.79
CA LYS F 89 -44.70 15.86 6.54
C LYS F 89 -45.05 16.55 7.86
N ALA F 90 -44.10 16.57 8.79
CA ALA F 90 -44.29 17.24 10.05
C ALA F 90 -43.22 18.29 10.24
N ALA F 91 -43.62 19.46 10.72
CA ALA F 91 -42.67 20.52 11.03
C ALA F 91 -42.64 20.77 12.55
N PHE F 92 -41.92 19.91 13.26
CA PHE F 92 -41.76 20.03 14.70
C PHE F 92 -40.33 20.38 15.04
N GLU F 93 -40.09 21.55 15.63
CA GLU F 93 -38.74 21.90 16.05
C GLU F 93 -38.18 20.91 17.08
N ASN F 94 -39.07 20.40 17.94
CA ASN F 94 -38.75 19.35 18.90
C ASN F 94 -39.85 18.31 18.94
N TRP F 95 -39.47 17.04 19.03
CA TRP F 95 -40.47 15.98 19.05
C TRP F 95 -40.03 14.79 19.88
N GLU F 96 -41.00 13.97 20.26
CA GLU F 96 -40.69 12.70 20.88
C GLU F 96 -41.48 11.60 20.19
N VAL F 97 -40.82 10.48 19.94
CA VAL F 97 -41.47 9.35 19.31
C VAL F 97 -41.50 8.16 20.29
N GLU F 98 -42.67 7.57 20.49
CA GLU F 98 -42.77 6.39 21.33
C GLU F 98 -43.17 5.13 20.53
N VAL F 99 -42.24 4.20 20.34
CA VAL F 99 -42.53 3.04 19.50
C VAL F 99 -42.46 1.72 20.26
N THR F 100 -43.57 0.99 20.22
CA THR F 100 -43.69 -0.30 20.89
C THR F 100 -43.72 -1.45 19.86
N PHE F 101 -42.87 -2.44 20.09
CA PHE F 101 -42.63 -3.49 19.08
C PHE F 101 -42.17 -4.85 19.61
N ARG F 102 -42.19 -5.86 18.74
CA ARG F 102 -41.66 -7.20 19.06
C ARG F 102 -40.88 -7.76 17.89
N VAL F 103 -39.70 -8.28 18.17
CA VAL F 103 -38.93 -8.99 17.15
C VAL F 103 -38.84 -10.44 17.59
N THR F 104 -39.66 -11.30 16.98
CA THR F 104 -39.76 -12.67 17.42
C THR F 104 -39.16 -13.67 16.44
N GLY F 105 -38.30 -14.54 16.97
CA GLY F 105 -37.63 -15.55 16.18
C GLY F 105 -37.53 -16.85 16.95
N ARG F 106 -37.57 -17.95 16.22
CA ARG F 106 -37.52 -19.29 16.80
C ARG F 106 -36.15 -19.62 17.43
N GLY F 107 -35.10 -18.94 17.00
CA GLY F 107 -33.75 -19.20 17.46
C GLY F 107 -33.11 -18.06 18.24
N ARG F 108 -31.88 -18.27 18.69
CA ARG F 108 -31.13 -17.26 19.42
C ARG F 108 -30.35 -16.37 18.44
N ILE F 109 -30.64 -16.55 17.16
CA ILE F 109 -30.16 -15.65 16.13
C ILE F 109 -31.36 -15.30 15.27
N GLY F 110 -31.41 -14.05 14.83
CA GLY F 110 -32.50 -13.58 13.99
C GLY F 110 -32.02 -12.51 13.03
N ALA F 111 -32.79 -12.27 11.98
CA ALA F 111 -32.43 -11.27 10.99
C ALA F 111 -33.71 -10.63 10.41
N ASP F 112 -33.64 -9.39 9.93
CA ASP F 112 -32.43 -8.56 9.98
C ASP F 112 -32.54 -7.37 10.93
N GLY F 113 -33.76 -7.07 11.37
CA GLY F 113 -33.98 -6.02 12.33
C GLY F 113 -34.93 -4.97 11.79
N LEU F 114 -35.27 -3.97 12.60
CA LEU F 114 -36.13 -2.87 12.17
C LEU F 114 -35.47 -1.49 12.36
N ALA F 115 -35.93 -0.53 11.58
CA ALA F 115 -35.42 0.84 11.59
C ALA F 115 -36.52 1.85 11.89
N ILE F 116 -36.22 2.82 12.73
CA ILE F 116 -37.16 3.91 12.98
C ILE F 116 -36.62 5.17 12.34
N TRP F 117 -37.43 5.93 11.53
CA TRP F 117 -36.97 6.99 10.63
C TRP F 117 -37.57 8.36 10.88
N TYR F 118 -36.74 9.38 10.67
CA TYR F 118 -37.18 10.75 10.49
C TYR F 118 -36.37 11.34 9.36
N ALA F 119 -37.10 11.55 8.29
CA ALA F 119 -36.40 11.87 7.05
C ALA F 119 -37.20 12.79 6.11
N GLU F 120 -36.47 13.50 5.25
CA GLU F 120 -37.07 14.48 4.34
C GLU F 120 -38.15 13.92 3.44
N ASN F 121 -37.92 12.72 2.91
CA ASN F 121 -38.91 12.04 2.07
C ASN F 121 -39.21 10.61 2.54
N GLN F 122 -40.43 10.13 2.26
CA GLN F 122 -40.73 8.71 2.39
C GLN F 122 -39.67 7.87 1.69
N GLY F 123 -38.99 7.02 2.43
CA GLY F 123 -38.05 6.08 1.85
C GLY F 123 -38.66 4.71 1.78
N LEU F 124 -39.82 4.63 1.15
CA LEU F 124 -40.70 3.45 1.04
C LEU F 124 -40.13 2.07 0.77
N GLU F 125 -39.09 2.00 -0.06
CA GLU F 125 -38.38 0.75 -0.41
C GLU F 125 -36.87 0.91 -0.63
N GLY F 126 -36.10 -0.14 -0.30
CA GLY F 126 -34.65 -0.14 -0.44
C GLY F 126 -33.94 -1.20 0.39
N PRO F 127 -32.59 -1.18 0.45
CA PRO F 127 -31.76 -2.18 1.16
C PRO F 127 -31.31 -1.86 2.59
N VAL F 128 -31.79 -0.73 3.12
CA VAL F 128 -31.52 -0.38 4.52
C VAL F 128 -32.73 -0.74 5.36
N PHE F 129 -32.64 -1.89 6.02
CA PHE F 129 -33.76 -2.54 6.72
C PHE F 129 -35.10 -2.38 5.99
N GLY F 130 -35.06 -2.45 4.67
CA GLY F 130 -36.28 -2.42 3.90
C GLY F 130 -36.58 -1.08 3.29
N SER F 131 -35.73 -0.10 3.59
CA SER F 131 -35.95 1.25 3.10
C SER F 131 -34.78 1.76 2.25
N ALA F 132 -35.06 2.82 1.51
CA ALA F 132 -34.08 3.43 0.59
C ALA F 132 -32.82 3.96 1.28
N ASP F 133 -31.68 3.73 0.62
CA ASP F 133 -30.38 4.23 1.05
C ASP F 133 -30.26 5.69 0.68
N LEU F 134 -29.25 6.37 1.22
CA LEU F 134 -28.99 7.78 0.90
C LEU F 134 -30.15 8.70 1.31
N TRP F 135 -30.48 8.65 2.59
CA TRP F 135 -31.61 9.42 3.13
C TRP F 135 -31.19 10.76 3.71
N ASN F 136 -32.14 11.69 3.82
CA ASN F 136 -31.88 12.96 4.46
C ASN F 136 -32.59 13.06 5.80
N GLY F 137 -31.88 12.66 6.85
CA GLY F 137 -32.40 12.65 8.20
C GLY F 137 -31.60 11.70 9.08
N VAL F 138 -32.26 11.11 10.06
CA VAL F 138 -31.62 10.12 10.92
C VAL F 138 -32.43 8.81 10.97
N GLY F 139 -31.70 7.71 11.00
CA GLY F 139 -32.29 6.41 11.21
C GLY F 139 -31.77 5.78 12.48
N ILE F 140 -32.69 5.31 13.32
CA ILE F 140 -32.30 4.54 14.49
C ILE F 140 -32.54 3.06 14.18
N PHE F 141 -31.47 2.30 14.07
CA PHE F 141 -31.54 0.93 13.56
C PHE F 141 -31.36 -0.11 14.63
N PHE F 142 -32.39 -0.93 14.79
CA PHE F 142 -32.40 -2.05 15.71
C PHE F 142 -31.94 -3.31 14.94
N ASP F 143 -30.62 -3.49 14.86
CA ASP F 143 -29.95 -4.50 14.03
C ASP F 143 -29.76 -5.83 14.79
N SER F 144 -30.45 -6.87 14.33
CA SER F 144 -30.43 -8.19 14.99
C SER F 144 -29.26 -9.10 14.61
N PHE F 145 -28.83 -9.02 13.36
CA PHE F 145 -27.88 -9.98 12.82
C PHE F 145 -26.47 -9.42 12.66
N ASP F 146 -25.50 -10.16 13.21
CA ASP F 146 -24.10 -9.75 13.28
C ASP F 146 -23.35 -9.95 11.96
N ASN F 147 -23.49 -9.00 11.04
CA ASN F 147 -22.89 -9.12 9.71
C ASN F 147 -21.35 -9.03 9.71
N ASP F 148 -20.80 -8.21 10.60
CA ASP F 148 -19.36 -8.05 10.64
C ASP F 148 -18.71 -9.05 11.60
N GLY F 149 -19.52 -9.89 12.24
CA GLY F 149 -19.04 -10.99 13.03
C GLY F 149 -18.27 -10.60 14.29
N LYS F 150 -18.46 -9.37 14.71
CA LYS F 150 -17.72 -8.79 15.81
C LYS F 150 -18.42 -9.11 17.11
N LYS F 151 -19.37 -10.05 17.04
CA LYS F 151 -20.17 -10.50 18.18
C LYS F 151 -20.69 -9.36 19.05
N ASN F 152 -21.20 -8.34 18.37
CA ASN F 152 -21.74 -7.14 19.00
C ASN F 152 -23.19 -6.92 18.58
N ASN F 153 -23.97 -8.00 18.55
CA ASN F 153 -25.36 -7.93 18.15
C ASN F 153 -26.24 -8.76 19.07
N PRO F 154 -27.52 -8.41 19.19
CA PRO F 154 -28.23 -7.26 18.60
C PRO F 154 -27.82 -5.90 19.17
N ALA F 155 -27.87 -4.89 18.30
CA ALA F 155 -27.48 -3.54 18.65
C ALA F 155 -28.48 -2.46 18.18
N ILE F 156 -28.46 -1.32 18.86
CA ILE F 156 -29.23 -0.16 18.45
C ILE F 156 -28.26 0.93 18.03
N VAL F 157 -28.36 1.35 16.80
CA VAL F 157 -27.39 2.25 16.20
C VAL F 157 -28.06 3.54 15.76
N ILE F 158 -27.40 4.69 15.96
CA ILE F 158 -27.93 5.97 15.47
C ILE F 158 -27.11 6.50 14.32
N ILE F 159 -27.77 6.71 13.18
CA ILE F 159 -27.07 7.10 11.96
C ILE F 159 -27.69 8.29 11.24
N GLY F 160 -26.99 9.42 11.32
CA GLY F 160 -27.40 10.61 10.61
C GLY F 160 -26.94 10.54 9.17
N ASN F 161 -27.69 11.20 8.29
CA ASN F 161 -27.34 11.22 6.88
C ASN F 161 -27.90 12.47 6.19
N ASN F 162 -27.15 13.00 5.22
CA ASN F 162 -27.53 14.22 4.54
C ASN F 162 -27.80 14.01 3.05
N GLY F 163 -27.89 12.75 2.66
CA GLY F 163 -28.17 12.38 1.28
C GLY F 163 -26.95 11.82 0.57
N GLN F 164 -25.86 11.68 1.31
CA GLN F 164 -24.56 11.39 0.69
C GLN F 164 -23.94 10.04 1.10
N ILE F 165 -24.21 9.59 2.31
CA ILE F 165 -23.63 8.37 2.82
C ILE F 165 -24.37 7.14 2.25
N HIS F 166 -23.64 6.04 2.04
CA HIS F 166 -24.27 4.75 1.78
C HIS F 166 -24.19 3.92 3.07
N TYR F 167 -25.27 3.21 3.40
CA TYR F 167 -25.25 2.40 4.62
C TYR F 167 -24.49 1.11 4.36
N ASP F 168 -23.52 0.81 5.21
CA ASP F 168 -22.75 -0.42 5.10
C ASP F 168 -23.43 -1.58 5.83
N HIS F 169 -24.26 -2.32 5.09
CA HIS F 169 -25.00 -3.44 5.65
C HIS F 169 -24.10 -4.59 6.10
N GLN F 170 -23.00 -4.83 5.38
CA GLN F 170 -22.09 -5.93 5.70
C GLN F 170 -21.30 -5.65 6.97
N ASN F 171 -21.26 -4.39 7.36
CA ASN F 171 -20.57 -3.99 8.58
C ASN F 171 -21.47 -3.52 9.70
N ASP F 172 -22.77 -3.78 9.58
CA ASP F 172 -23.76 -3.26 10.51
C ASP F 172 -23.61 -1.76 10.63
N GLY F 173 -23.14 -1.14 9.54
CA GLY F 173 -22.80 0.27 9.54
C GLY F 173 -21.98 0.74 10.74
N ALA F 174 -21.11 -0.12 11.26
CA ALA F 174 -20.39 0.17 12.50
C ALA F 174 -19.46 1.38 12.38
N SER F 175 -19.14 1.76 11.14
CA SER F 175 -18.24 2.88 10.91
C SER F 175 -18.99 4.19 10.68
N GLN F 176 -20.31 4.11 10.50
CA GLN F 176 -21.11 5.30 10.23
C GLN F 176 -22.00 5.71 11.40
N ALA F 177 -21.95 4.94 12.48
CA ALA F 177 -22.70 5.25 13.69
C ALA F 177 -22.26 6.55 14.35
N LEU F 178 -23.21 7.34 14.81
CA LEU F 178 -22.88 8.52 15.58
C LEU F 178 -22.87 8.10 17.02
N ALA F 179 -23.58 7.00 17.29
CA ALA F 179 -23.64 6.40 18.62
C ALA F 179 -24.39 5.07 18.55
N SER F 180 -24.25 4.25 19.59
CA SER F 180 -25.05 3.03 19.71
C SER F 180 -24.95 2.30 21.05
N CYS F 181 -25.79 1.31 21.27
CA CYS F 181 -25.76 0.52 22.47
C CYS F 181 -26.02 -0.95 22.23
N GLN F 182 -25.62 -1.80 23.14
CA GLN F 182 -25.85 -3.21 23.00
C GLN F 182 -27.15 -3.51 23.68
N ARG F 183 -28.10 -4.05 22.95
CA ARG F 183 -29.37 -4.41 23.53
C ARG F 183 -29.85 -5.70 22.90
N ASP F 184 -30.54 -6.52 23.66
CA ASP F 184 -31.17 -7.69 23.09
C ASP F 184 -32.67 -7.48 23.10
N PHE F 185 -33.21 -7.07 21.95
CA PHE F 185 -34.63 -6.73 21.82
C PHE F 185 -35.46 -7.90 21.28
N ARG F 186 -34.79 -9.00 20.99
CA ARG F 186 -35.43 -10.20 20.44
C ARG F 186 -36.04 -11.08 21.52
N ASN F 187 -37.22 -11.62 21.24
CA ASN F 187 -37.85 -12.63 22.08
C ASN F 187 -37.95 -12.25 23.53
N LYS F 188 -38.58 -11.12 23.81
CA LYS F 188 -38.82 -10.68 25.19
C LYS F 188 -40.26 -10.99 25.59
N PRO F 189 -40.50 -11.21 26.89
CA PRO F 189 -41.83 -11.63 27.34
C PRO F 189 -42.87 -10.51 27.21
N TYR F 190 -42.38 -9.27 27.22
CA TYR F 190 -43.23 -8.09 27.06
C TYR F 190 -42.75 -7.23 25.86
N PRO F 191 -43.64 -6.38 25.31
CA PRO F 191 -43.22 -5.57 24.16
C PRO F 191 -42.08 -4.60 24.50
N VAL F 192 -41.11 -4.50 23.60
CA VAL F 192 -39.99 -3.57 23.73
C VAL F 192 -40.44 -2.17 23.30
N ARG F 193 -40.08 -1.16 24.10
CA ARG F 193 -40.44 0.22 23.78
C ARG F 193 -39.21 1.08 23.51
N ALA F 194 -39.25 1.85 22.43
CA ALA F 194 -38.19 2.81 22.15
C ALA F 194 -38.77 4.21 22.31
N LYS F 195 -38.16 5.00 23.17
CA LYS F 195 -38.53 6.40 23.29
C LYS F 195 -37.39 7.22 22.68
N ILE F 196 -37.67 7.87 21.56
CA ILE F 196 -36.67 8.60 20.79
C ILE F 196 -36.99 10.09 20.80
N THR F 197 -36.09 10.88 21.35
CA THR F 197 -36.39 12.28 21.59
C THR F 197 -35.43 13.20 20.84
N TYR F 198 -36.00 14.15 20.12
CA TYR F 198 -35.23 15.22 19.50
C TYR F 198 -35.63 16.53 20.20
N TYR F 199 -34.73 17.04 21.03
CA TYR F 199 -35.02 18.21 21.81
C TYR F 199 -33.77 19.05 21.99
N GLN F 200 -33.85 20.30 21.53
CA GLN F 200 -32.74 21.24 21.57
C GLN F 200 -31.47 20.66 20.92
N ASN F 201 -31.66 20.17 19.70
CA ASN F 201 -30.59 19.60 18.88
C ASN F 201 -29.91 18.36 19.47
N THR F 202 -30.50 17.77 20.49
CA THR F 202 -30.02 16.50 21.03
C THR F 202 -30.95 15.33 20.70
N LEU F 203 -30.39 14.27 20.11
CA LEU F 203 -31.17 13.08 19.83
C LEU F 203 -30.84 11.98 20.84
N THR F 204 -31.82 11.64 21.66
CA THR F 204 -31.68 10.63 22.72
C THR F 204 -32.52 9.39 22.42
N VAL F 205 -32.02 8.23 22.84
CA VAL F 205 -32.74 6.97 22.68
C VAL F 205 -32.86 6.22 24.03
N MET F 206 -34.06 6.13 24.58
CA MET F 206 -34.27 5.33 25.79
C MET F 206 -34.97 4.03 25.42
N ILE F 207 -34.64 2.94 26.11
CA ILE F 207 -35.22 1.64 25.80
C ILE F 207 -35.81 0.95 27.02
N ASN F 208 -37.05 0.49 26.89
CA ASN F 208 -37.66 -0.41 27.86
C ASN F 208 -37.49 -1.78 27.26
N ASN F 209 -36.69 -2.63 27.90
CA ASN F 209 -36.31 -3.91 27.26
C ASN F 209 -37.31 -5.07 27.40
N GLY F 210 -38.55 -4.76 27.76
CA GLY F 210 -39.58 -5.77 27.83
C GLY F 210 -39.35 -6.94 28.79
N PHE F 211 -38.57 -6.72 29.85
CA PHE F 211 -38.40 -7.72 30.91
C PHE F 211 -39.59 -7.73 31.84
N THR F 212 -40.25 -6.58 32.00
CA THR F 212 -41.33 -6.44 32.98
C THR F 212 -42.60 -5.88 32.33
N PRO F 213 -43.76 -6.06 32.99
CA PRO F 213 -45.01 -5.46 32.47
C PRO F 213 -45.13 -3.96 32.75
N ASP F 214 -44.16 -3.40 33.48
CA ASP F 214 -44.09 -1.96 33.71
C ASP F 214 -43.70 -1.22 32.42
N LYS F 215 -44.63 -0.44 31.89
CA LYS F 215 -44.44 0.22 30.59
C LYS F 215 -43.44 1.39 30.62
N ASN F 216 -43.18 1.97 31.80
CA ASN F 216 -42.32 3.14 31.88
C ASN F 216 -40.90 2.90 32.42
N ASP F 217 -40.44 1.66 32.35
CA ASP F 217 -39.12 1.28 32.83
C ASP F 217 -38.05 1.39 31.73
N TYR F 218 -37.69 2.61 31.37
CA TYR F 218 -36.72 2.85 30.30
C TYR F 218 -35.32 2.93 30.89
N GLU F 219 -34.32 2.41 30.17
CA GLU F 219 -32.92 2.62 30.50
C GLU F 219 -32.31 3.41 29.35
N PHE F 220 -31.15 4.02 29.58
CA PHE F 220 -30.48 4.82 28.54
C PHE F 220 -29.76 3.95 27.51
N CYS F 221 -29.83 4.34 26.25
CA CYS F 221 -29.12 3.66 25.20
C CYS F 221 -28.09 4.55 24.57
N ALA F 222 -28.53 5.61 23.91
CA ALA F 222 -27.60 6.47 23.17
C ALA F 222 -28.09 7.91 23.01
N LYS F 223 -27.14 8.83 22.89
CA LYS F 223 -27.47 10.22 22.61
C LYS F 223 -26.55 10.78 21.51
N VAL F 224 -27.04 11.79 20.79
CA VAL F 224 -26.21 12.54 19.86
C VAL F 224 -26.50 14.03 20.04
N GLU F 225 -25.47 14.76 20.46
CA GLU F 225 -25.60 16.20 20.71
C GLU F 225 -25.33 17.05 19.47
N ASN F 226 -25.92 18.24 19.46
CA ASN F 226 -25.68 19.23 18.40
C ASN F 226 -25.94 18.66 17.01
N MET F 227 -27.05 17.97 16.88
CA MET F 227 -27.39 17.29 15.64
C MET F 227 -28.41 18.09 14.84
N ILE F 228 -28.19 18.20 13.54
CA ILE F 228 -29.11 18.92 12.66
C ILE F 228 -29.79 17.96 11.70
N ILE F 229 -31.10 18.09 11.58
CA ILE F 229 -31.92 17.23 10.74
C ILE F 229 -32.89 18.15 10.00
N PRO F 230 -33.56 17.67 8.94
CA PRO F 230 -34.46 18.58 8.21
C PRO F 230 -35.61 19.17 9.05
N ALA F 231 -36.09 20.35 8.65
CA ALA F 231 -37.09 21.08 9.42
C ALA F 231 -38.49 20.54 9.21
N GLN F 232 -38.70 19.89 8.07
CA GLN F 232 -39.90 19.11 7.81
C GLN F 232 -39.45 17.71 7.40
N GLY F 233 -40.28 16.71 7.69
CA GLY F 233 -39.94 15.35 7.35
C GLY F 233 -41.02 14.33 7.69
N HIS F 234 -40.86 13.13 7.13
CA HIS F 234 -41.77 12.03 7.39
C HIS F 234 -41.24 11.16 8.53
N PHE F 235 -42.13 10.73 9.43
CA PHE F 235 -41.79 9.73 10.43
C PHE F 235 -42.00 8.37 9.78
N GLY F 236 -41.06 7.45 10.01
CA GLY F 236 -41.11 6.18 9.32
C GLY F 236 -40.66 4.98 10.14
N ILE F 237 -41.15 3.80 9.75
CA ILE F 237 -40.73 2.55 10.32
C ILE F 237 -40.52 1.52 9.21
N SER F 238 -39.38 0.84 9.16
CA SER F 238 -39.15 -0.23 8.17
C SER F 238 -38.51 -1.50 8.77
N ALA F 239 -38.64 -2.62 8.06
CA ALA F 239 -38.11 -3.91 8.51
C ALA F 239 -37.72 -4.82 7.33
N ALA F 240 -36.80 -5.75 7.58
CA ALA F 240 -36.33 -6.65 6.51
C ALA F 240 -35.76 -7.98 6.99
N THR F 241 -35.83 -8.99 6.14
CA THR F 241 -35.22 -10.28 6.43
C THR F 241 -34.35 -10.68 5.23
N GLY F 242 -33.35 -11.53 5.47
CA GLY F 242 -32.50 -12.04 4.39
C GLY F 242 -32.49 -13.55 4.35
N GLY F 243 -31.36 -14.15 4.74
CA GLY F 243 -31.26 -15.59 4.85
C GLY F 243 -31.91 -16.13 6.13
N LEU F 244 -31.85 -15.33 7.19
CA LEU F 244 -32.57 -15.65 8.42
C LEU F 244 -33.73 -14.66 8.56
N ALA F 245 -34.71 -14.98 9.40
CA ALA F 245 -35.92 -14.16 9.43
C ALA F 245 -36.69 -14.18 10.74
N ASP F 246 -36.95 -12.98 11.27
CA ASP F 246 -37.84 -12.83 12.41
C ASP F 246 -39.15 -12.16 11.97
N ASP F 247 -40.18 -12.25 12.81
CA ASP F 247 -41.34 -11.39 12.64
C ASP F 247 -41.01 -10.05 13.29
N HIS F 248 -41.18 -8.96 12.56
CA HIS F 248 -40.98 -7.64 13.13
C HIS F 248 -42.32 -6.94 13.23
N ASP F 249 -42.80 -6.74 14.45
CA ASP F 249 -44.15 -6.21 14.67
C ASP F 249 -44.14 -4.87 15.38
N VAL F 250 -44.84 -3.90 14.85
CA VAL F 250 -45.01 -2.63 15.54
C VAL F 250 -46.43 -2.53 16.12
N LEU F 251 -46.48 -2.49 17.46
CA LEU F 251 -47.74 -2.41 18.20
C LEU F 251 -48.36 -1.02 18.10
N SER F 252 -47.51 0.00 18.20
CA SER F 252 -47.94 1.38 18.13
C SER F 252 -46.78 2.34 17.91
N PHE F 253 -47.11 3.46 17.31
CA PHE F 253 -46.17 4.50 17.00
C PHE F 253 -46.88 5.79 17.42
N LEU F 254 -46.43 6.39 18.52
CA LEU F 254 -47.03 7.63 19.00
C LEU F 254 -46.07 8.82 18.91
N THR F 255 -46.50 9.86 18.21
CA THR F 255 -45.72 11.07 18.04
C THR F 255 -46.18 12.26 18.93
N PHE F 256 -45.21 12.98 19.49
CA PHE F 256 -45.48 14.16 20.33
C PHE F 256 -44.64 15.32 19.84
N GLN F 257 -45.25 16.49 19.78
CA GLN F 257 -44.47 17.71 19.66
C GLN F 257 -44.01 18.15 21.04
N LEU F 258 -42.76 18.55 21.17
CA LEU F 258 -42.27 19.03 22.43
C LEU F 258 -42.11 20.56 22.40
N THR F 259 -42.39 21.21 23.52
CA THR F 259 -42.14 22.64 23.63
C THR F 259 -41.36 22.96 24.91
N GLU F 260 -40.43 23.90 24.81
CA GLU F 260 -39.61 24.30 25.94
C GLU F 260 -40.25 25.46 26.70
N PRO F 261 -40.53 25.24 27.97
CA PRO F 261 -41.14 26.28 28.81
C PRO F 261 -40.10 27.08 29.59
C1 MAN G . -10.33 -0.79 9.76
C2 MAN G . -10.05 -2.02 8.89
C3 MAN G . -9.59 -3.29 9.63
C4 MAN G . -10.07 -3.37 11.07
C5 MAN G . -9.85 -2.05 11.78
C6 MAN G . -8.38 -1.65 11.82
O1 MAN G . -11.48 -0.11 9.25
O2 MAN G . -9.04 -1.76 7.90
O3 MAN G . -8.17 -3.36 9.57
O4 MAN G . -11.47 -3.63 11.07
O5 MAN G . -10.67 -1.09 11.12
O6 MAN G . -8.12 -1.17 13.13
H1 MAN G . -9.47 -0.12 9.74
H2 MAN G . -10.98 -2.26 8.35
H3 MAN G . -10.00 -4.15 9.09
H4 MAN G . -9.53 -4.16 11.60
H5 MAN G . -10.21 -2.15 12.80
H61 MAN G . -8.20 -0.86 11.09
H62 MAN G . -7.76 -2.52 11.60
HO1 MAN G . -12.28 -0.23 9.77
HO3 MAN G . -7.85 -3.98 8.90
HO4 MAN G . -11.92 -3.32 11.86
HO6 MAN G . -7.90 -1.87 13.76
C1 MAN G . -8.90 -0.47 7.31
C2 MAN G . -8.70 -0.55 5.81
C3 MAN G . -7.33 -1.17 5.41
C4 MAN G . -6.11 -0.81 6.29
C5 MAN G . -6.58 -0.65 7.74
C6 MAN G . -5.59 0.22 8.50
O2 MAN G . -8.77 0.77 5.31
O3 MAN G . -7.09 -0.70 4.10
O4 MAN G . -5.11 -1.83 6.19
O5 MAN G . -7.74 0.15 7.79
O6 MAN G . -5.45 1.48 7.83
H1 MAN G . -9.78 0.15 7.54
H2 MAN G . -9.49 -1.14 5.37
H3 MAN G . -7.44 -2.25 5.38
H4 MAN G . -5.69 0.13 5.94
H5 MAN G . -6.73 -1.62 8.22
H61 MAN G . -4.62 -0.27 8.54
H62 MAN G . -5.96 0.39 9.51
HO2 MAN G . -9.66 1.10 5.20
HO3 MAN G . -7.30 0.23 3.97
HO4 MAN G . -4.27 -1.59 6.60
HO6 MAN G . -4.59 1.60 7.38
C1 MAN H . 31.53 43.30 21.15
C2 MAN H . 30.39 42.32 20.81
C3 MAN H . 30.20 41.16 21.79
C4 MAN H . 30.66 41.46 23.22
C5 MAN H . 32.02 42.11 23.20
C6 MAN H . 33.08 41.22 22.58
O1 MAN H . 31.11 44.62 20.81
O2 MAN H . 30.58 41.70 19.52
O3 MAN H . 30.87 40.00 21.30
O4 MAN H . 29.74 42.38 23.80
O5 MAN H . 31.87 43.35 22.53
O6 MAN H . 34.23 41.30 23.41
H1 MAN H . 32.42 43.04 20.56
H2 MAN H . 29.47 42.88 20.77
H3 MAN H . 29.13 40.94 21.83
H4 MAN H . 30.69 40.54 23.81
H5 MAN H . 32.32 42.32 24.23
H61 MAN H . 33.31 41.58 21.57
H62 MAN H . 32.72 40.19 22.54
HO1 MAN H . 30.88 45.16 21.59
HO3 MAN H . 30.27 39.37 20.87
HO4 MAN H . 30.13 42.93 24.50
HO6 MAN H . 34.22 40.67 24.15
C1 MAN H . 31.20 42.41 18.45
C2 MAN H . 30.45 42.20 17.14
C3 MAN H . 30.55 40.77 16.60
C4 MAN H . 31.90 40.02 16.77
C5 MAN H . 32.53 40.49 18.09
C6 MAN H . 34.04 40.25 18.04
O2 MAN H . 31.03 43.10 16.20
O3 MAN H . 30.30 40.87 15.21
O4 MAN H . 31.70 38.62 16.76
O5 MAN H . 32.48 41.89 18.21
O6 MAN H . 34.59 40.94 16.92
H1 MAN H . 31.26 43.47 18.69
H2 MAN H . 29.41 42.46 17.28
H3 MAN H . 29.77 40.16 17.04
H4 MAN H . 32.57 40.30 15.95
H5 MAN H . 32.07 39.98 18.95
H61 MAN H . 34.24 39.18 17.96
H62 MAN H . 34.49 40.62 18.96
HO2 MAN H . 30.71 44.01 16.27
HO3 MAN H . 30.73 41.63 14.78
HO4 MAN H . 32.52 38.10 16.73
HO6 MAN H . 34.88 40.35 16.21
C1 MAN I . 6.00 -51.45 -22.36
C2 MAN I . 7.39 -51.65 -22.98
C3 MAN I . 8.39 -52.44 -22.11
C4 MAN I . 7.74 -53.43 -21.15
C5 MAN I . 6.59 -52.78 -20.42
C6 MAN I . 7.04 -51.58 -19.59
O1 MAN I . 5.03 -51.55 -23.41
O2 MAN I . 8.05 -50.40 -23.25
O3 MAN I . 9.23 -51.54 -21.40
O4 MAN I . 7.21 -54.52 -21.90
O5 MAN I . 5.63 -52.43 -21.41
O6 MAN I . 6.39 -51.67 -18.34
H1 MAN I . 5.94 -50.45 -21.91
H2 MAN I . 7.27 -52.18 -23.91
H3 MAN I . 9.02 -53.01 -22.79
H4 MAN I . 8.47 -53.80 -20.43
H5 MAN I . 6.14 -53.51 -19.75
H61 MAN I . 6.76 -50.65 -20.09
H62 MAN I . 8.12 -51.61 -19.46
HO1 MAN I . 4.53 -52.38 -23.39
HO3 MAN I . 10.11 -51.42 -21.79
HO4 MAN I . 6.47 -54.96 -21.48
HO6 MAN I . 6.85 -52.23 -17.69
C1 MAN I . 7.30 -49.26 -23.65
C2 MAN I . 7.97 -48.52 -24.81
C3 MAN I . 9.29 -47.85 -24.43
C4 MAN I . 9.38 -47.20 -23.02
C5 MAN I . 8.54 -48.02 -22.06
C6 MAN I . 8.13 -47.15 -20.86
O2 MAN I . 7.05 -47.53 -25.25
O3 MAN I . 9.49 -46.83 -25.40
O4 MAN I . 10.74 -47.13 -22.59
O5 MAN I . 7.27 -48.31 -22.63
O6 MAN I . 7.43 -45.99 -21.34
H1 MAN I . 6.29 -49.55 -23.93
H2 MAN I . 8.15 -49.23 -25.61
H3 MAN I . 10.10 -48.58 -24.52
H4 MAN I . 8.97 -46.18 -23.08
H5 MAN I . 9.05 -48.93 -21.74
H61 MAN I . 9.02 -46.85 -20.32
H62 MAN I . 7.47 -47.73 -20.21
HO2 MAN I . 6.36 -47.87 -25.83
HO3 MAN I . 8.68 -46.34 -25.61
HO4 MAN I . 10.86 -46.60 -21.79
HO6 MAN I . 7.93 -45.17 -21.25
C1 MAN J . 14.63 29.81 15.85
C2 MAN J . 14.26 31.17 16.45
C3 MAN J . 14.58 31.35 17.94
C4 MAN J . 15.75 30.50 18.44
C5 MAN J . 15.61 29.08 17.94
C6 MAN J . 14.34 28.41 18.44
O1 MAN J . 15.11 30.02 14.52
O2 MAN J . 12.85 31.45 16.35
O3 MAN J . 13.42 31.09 18.72
O4 MAN J . 16.95 31.02 17.90
O5 MAN J . 15.68 29.13 16.52
O6 MAN J . 14.69 27.10 18.85
H1 MAN J . 13.75 29.17 15.81
H2 MAN J . 14.79 31.95 15.90
H3 MAN J . 14.85 32.39 18.09
H4 MAN J . 15.79 30.51 19.52
H5 MAN J . 16.46 28.50 18.30
H61 MAN J . 13.60 28.37 17.63
H62 MAN J . 13.93 28.98 19.28
HO1 MAN J . 16.07 29.93 14.43
HO3 MAN J . 12.96 31.88 19.02
HO4 MAN J . 17.67 30.37 17.81
HO6 MAN J . 15.02 27.05 19.76
C1 MAN J . 12.10 30.98 15.21
C2 MAN J . 11.16 32.05 14.69
C3 MAN J . 10.01 32.39 15.65
C4 MAN J . 9.38 31.23 16.44
C5 MAN J . 10.47 30.22 16.76
C6 MAN J . 9.84 28.84 17.01
O2 MAN J . 10.63 31.56 13.46
O3 MAN J . 9.00 32.97 14.83
O4 MAN J . 8.77 31.71 17.63
O5 MAN J . 11.25 29.94 15.61
O6 MAN J . 9.06 28.46 15.87
H1 MAN J . 12.78 30.65 14.43
H2 MAN J . 11.74 32.96 14.48
H3 MAN J . 10.35 33.15 16.35
H4 MAN J . 8.62 30.76 15.82
H5 MAN J . 11.11 30.53 17.59
H61 MAN J . 9.20 28.90 17.88
H62 MAN J . 10.63 28.11 17.18
HO2 MAN J . 11.22 31.66 12.71
HO3 MAN J . 8.87 32.50 13.99
HO4 MAN J . 8.24 31.05 18.10
HO6 MAN J . 8.11 28.48 16.03
C1 MAN K . -6.42 -19.18 -2.88
C2 MAN K . -7.88 -18.85 -2.51
C3 MAN K . -8.29 -19.22 -1.07
C4 MAN K . -7.15 -19.23 -0.07
C5 MAN K . -5.96 -19.98 -0.64
C6 MAN K . -6.30 -21.43 -0.96
O1 MAN K . -5.92 -18.13 -3.71
O2 MAN K . -8.82 -19.52 -3.36
O3 MAN K . -8.96 -20.47 -1.08
O4 MAN K . -6.73 -17.90 0.17
O5 MAN K . -5.53 -19.25 -1.78
O6 MAN K . -5.21 -22.22 -0.49
H1 MAN K . -6.40 -20.12 -3.44
H2 MAN K . -8.02 -17.78 -2.64
H3 MAN K . -9.01 -18.47 -0.74
H4 MAN K . -7.47 -19.70 0.86
H5 MAN K . -5.16 -19.97 0.10
H61 MAN K . -6.41 -21.55 -2.04
H62 MAN K . -7.21 -21.72 -0.45
HO1 MAN K . -5.30 -17.54 -3.26
HO3 MAN K . -9.93 -20.40 -1.04
HO4 MAN K . -5.81 -17.81 0.44
HO6 MAN K . -5.28 -22.46 0.44
C1 MAN K . -8.52 -19.76 -4.73
C2 MAN K . -9.71 -19.45 -5.64
C3 MAN K . -10.91 -20.40 -5.45
C4 MAN K . -10.58 -21.89 -5.19
C5 MAN K . -9.28 -21.98 -4.39
C6 MAN K . -8.65 -23.35 -4.60
O2 MAN K . -9.24 -19.54 -6.97
O3 MAN K . -11.64 -20.31 -6.66
O4 MAN K . -11.66 -22.53 -4.50
O5 MAN K . -8.30 -21.13 -4.94
O6 MAN K . -8.42 -23.56 -5.99
H1 MAN K . -7.65 -19.18 -5.04
H2 MAN K . -10.04 -18.43 -5.44
H3 MAN K . -11.52 -20.04 -4.63
H4 MAN K . -10.43 -22.39 -6.16
H5 MAN K . -9.45 -21.76 -3.33
H61 MAN K . -9.31 -24.12 -4.21
H62 MAN K . -7.69 -23.39 -4.07
HO2 MAN K . -8.77 -18.76 -7.27
HO3 MAN K . -11.09 -20.30 -7.45
HO4 MAN K . -11.57 -23.49 -4.44
HO6 MAN K . -9.00 -24.22 -6.39
C1 MAN L . -26.55 -15.88 4.20
C2 MAN L . -25.52 -14.75 4.29
C3 MAN L . -24.44 -14.91 5.38
C4 MAN L . -24.14 -16.36 5.76
C5 MAN L . -25.43 -17.12 5.95
C6 MAN L . -26.28 -16.53 7.08
O1 MAN L . -26.84 -16.11 2.82
O2 MAN L . -26.12 -13.47 4.56
O3 MAN L . -24.82 -14.17 6.53
O4 MAN L . -23.44 -16.98 4.68
O5 MAN L . -26.10 -17.14 4.71
O6 MAN L . -26.76 -17.63 7.84
H1 MAN L . -27.46 -15.58 4.72
H2 MAN L . -25.00 -14.69 3.33
H3 MAN L . -23.51 -14.48 4.99
H4 MAN L . -23.54 -16.40 6.66
H5 MAN L . -25.18 -18.15 6.22
H61 MAN L . -27.11 -15.98 6.65
H62 MAN L . -25.67 -15.88 7.69
HO1 MAN L . -26.45 -16.92 2.47
HO3 MAN L . -24.36 -13.32 6.61
HO4 MAN L . -23.56 -17.94 4.63
HO6 MAN L . -26.14 -17.93 8.53
C1 MAN L . -27.41 -13.16 4.02
C2 MAN L . -27.46 -11.75 3.45
C3 MAN L . -27.33 -10.65 4.51
C4 MAN L . -28.03 -10.88 5.87
C5 MAN L . -27.97 -12.38 6.18
C6 MAN L . -29.09 -12.73 7.17
O2 MAN L . -28.71 -11.63 2.79
O3 MAN L . -27.91 -9.50 3.92
O4 MAN L . -27.40 -10.12 6.89
O5 MAN L . -28.35 -13.13 5.06
O6 MAN L . -30.34 -12.34 6.62
H1 MAN L . -27.69 -13.89 3.27
H2 MAN L . -26.66 -11.64 2.72
H3 MAN L . -26.28 -10.46 4.70
H4 MAN L . -29.07 -10.58 5.79
H5 MAN L . -27.00 -12.68 6.57
H61 MAN L . -28.92 -12.21 8.11
H62 MAN L . -29.09 -13.81 7.34
HO2 MAN L . -28.74 -12.02 1.90
HO3 MAN L . -28.72 -9.66 3.43
HO4 MAN L . -27.86 -10.12 7.73
HO6 MAN L . -30.75 -11.59 7.06
CA CA M . -0.55 -4.09 4.78
CA CA N . 1.16 -9.74 7.17
C1 GOL O . 31.00 12.98 -16.37
O1 GOL O . 30.60 13.38 -15.06
C2 GOL O . 32.00 11.83 -16.30
O2 GOL O . 31.29 10.64 -15.97
C3 GOL O . 32.64 11.64 -17.67
O3 GOL O . 33.36 12.81 -18.06
C1 GOL P . 19.00 -13.90 0.63
O1 GOL P . 18.34 -14.93 1.37
C2 GOL P . 18.31 -13.73 -0.72
O2 GOL P . 18.52 -14.90 -1.52
C3 GOL P . 16.81 -13.52 -0.51
O3 GOL P . 16.39 -12.33 -1.20
C1 GOL Q . 1.67 1.09 -15.85
O1 GOL Q . 3.01 1.48 -15.56
C2 GOL Q . 0.84 2.28 -16.33
O2 GOL Q . 1.68 3.44 -16.38
C3 GOL Q . 0.27 2.00 -17.71
O3 GOL Q . -1.07 1.51 -17.60
C1 GOL R . 16.84 18.80 -16.34
O1 GOL R . 17.32 19.79 -15.44
C2 GOL R . 15.33 18.88 -16.45
O2 GOL R . 14.75 17.71 -15.86
C3 GOL R . 14.94 18.95 -17.92
O3 GOL R . 13.59 18.50 -18.10
C1 GOL S . -8.42 12.19 0.48
O1 GOL S . -8.82 13.55 0.57
C2 GOL S . -8.83 11.59 -0.87
O2 GOL S . -8.34 12.38 -1.96
C3 GOL S . -10.33 11.37 -0.96
O3 GOL S . -10.77 10.31 -0.09
CA CA T . 31.86 33.51 15.13
CA CA U . 30.09 28.51 18.46
C1 GOL V . 39.01 49.90 1.19
O1 GOL V . 39.11 50.66 2.40
C2 GOL V . 39.99 50.35 0.11
O2 GOL V . 41.34 50.29 0.53
C3 GOL V . 39.86 49.54 -1.18
O3 GOL V . 41.14 49.17 -1.65
CA CA W . 15.42 -44.83 -21.35
CA CA X . 20.27 -48.17 -18.52
C1 GOL Y . 0.18 -36.39 -32.43
O1 GOL Y . 1.34 -36.13 -33.20
C2 GOL Y . 0.40 -37.64 -31.60
O2 GOL Y . 1.52 -37.44 -30.75
C3 GOL Y . 0.66 -38.82 -32.53
O3 GOL Y . 0.13 -40.03 -31.97
CA CA Z . 4.70 32.93 20.85
CA CA AA . 5.93 34.70 27.09
CA CA BA . -15.59 -25.79 -3.87
CA CA CA . -18.55 -26.61 2.06
CA CA DA . -27.04 -6.06 10.34
CA CA EA . -21.80 -6.31 14.51
#